data_1W7A
#
_entry.id   1W7A
#
_cell.length_a   90.636
_cell.length_b   93.040
_cell.length_c   262.592
_cell.angle_alpha   90.00
_cell.angle_beta   90.00
_cell.angle_gamma   90.00
#
_symmetry.space_group_name_H-M   'P 21 21 21'
#
loop_
_entity.id
_entity.type
_entity.pdbx_description
1 polymer 'DNA MISMATCH REPAIR PROTEIN MUTS'
2 polymer "5'-D(*AP*GP*CP*TP*GP*CP*CP*AP*GP*GP *CP*AP*CP*CP*AP*GP*TP*GP*TP*CP*AP*GP*CP*GP*TP*CP*CP*TP* AP*T)-3'"
3 polymer "5'-D(*AP*TP*AP*GP*GP*AP*CP*GP*CP*TP *GP*AP*CP*AP*CP*TP*GP*GP*TP*GP*CP*TP*TP*GP*GP*CP*AP*GP* CP*T)-3'"
4 non-polymer "ADENOSINE-5'-TRIPHOSPHATE"
5 non-polymer 'MAGNESIUM ION'
6 water water
#
loop_
_entity_poly.entity_id
_entity_poly.type
_entity_poly.pdbx_seq_one_letter_code
_entity_poly.pdbx_strand_id
1 'polypeptide(L)'
;MSAIENFDAHTPMMQQYLRLKAQHPEILLFYRMGDFYELFYDDAKRASQLLDISLTKRGASAGEPIPMAGIPYHAVENYL
AKLVNQGESVAICEQIGDPATSKGPVERKVVRIVTPGTISDEALLQERQDNLLAAIWQDSKGFGYATLDISSGRFRLSEP
ADRETMAAELQRTNPAELLYAEDFAEMSLIEGRRGLRRRPLWEFEIDTARQQLNLQFGTRDLVGFGVENAPRGLCAAGCL
LQYAKDTQRTTLPHIRSITMEREQDSIIMDAATRRNLEITQNLAGGAENTLASVLDCTVTPMGSRMLKRWLHMPVRDTRV
LLERQQTIGALQDFTAGLQPVLRQVGDLERILARLALRTARPRDLARMRHAFQQLPELRAQLETVDSAPVQALREKMGEF
AELRDLLERAIIDTPPVLVRDGGVIASGYNEELDEWRALADGATDYLERLEVRERERTGLDTLKVGFNAVHGYYIQISRG
QSHLAPINYMRRQTLKNAERYIIPELKEYEDKVLTSKGKALALEKQLYEELFDLLLPHLEALQQSASALAELDVLVNLAE
RAYTLNYTCPTFIDKPGIRITEGRHPVVEQVLNEPFIANPLNLSPQRRMLIITGPNMGGKSTYMRQTALIALMAYIGSYV
PAQKVEIGPIDRIFTRVGAADDLASGRSTFMVEMTETANILHNATEYSLVLMDEIGRGTSTYDGLSLAWACAENLANKIK
ALTLFATHYFELTQLPEKMEGVANVHLDALEHGDTIAFMHSVQDGAASKSYGLAVAALAGVPKEVIKRARQKLRELESIS
;
A,B
2 'polydeoxyribonucleotide'
;(DA)(DG)(DC)(DT)(DG)(DC)(DC)(DA)(DG)(DG)(DC)(DA)(DC)(DC)(DA)(DG)(DT)(DG)(DT)(DC)
(DA)(DG)(DC)(DG)(DT)(DC)(DC)(DT)(DA)(DT)
;
E
3 'polydeoxyribonucleotide'
;(DA)(DT)(DA)(DG)(DG)(DA)(DC)(DG)(DC)(DT)(DG)(DA)(DC)(DA)(DC)(DT)(DG)(DG)(DT)(DG)
(DC)(DT)(DT)(DG)(DG)(DC)(DA)(DG)(DC)(DT)
;
F
#
# COMPACT_ATOMS: atom_id res chain seq x y z
N SER A 2 25.65 13.44 29.17
CA SER A 2 26.36 12.90 27.98
C SER A 2 27.84 12.73 28.31
N ALA A 3 28.25 11.50 28.53
CA ALA A 3 29.65 11.21 28.73
C ALA A 3 30.45 11.75 27.54
N ILE A 4 31.63 12.27 27.83
CA ILE A 4 32.51 12.77 26.78
C ILE A 4 33.12 11.54 26.10
N GLU A 5 32.82 11.37 24.83
CA GLU A 5 33.22 10.15 24.12
C GLU A 5 34.36 10.35 23.14
N ASN A 6 35.49 10.77 23.69
CA ASN A 6 36.72 10.90 22.93
C ASN A 6 37.35 9.54 22.66
N PHE A 7 38.13 9.45 21.58
CA PHE A 7 38.78 8.22 21.15
C PHE A 7 39.27 7.34 22.30
N ASP A 8 40.13 7.91 23.14
CA ASP A 8 40.73 7.16 24.25
C ASP A 8 39.74 6.58 25.28
N ALA A 9 38.55 7.16 25.41
CA ALA A 9 37.55 6.70 26.38
C ALA A 9 36.73 5.50 25.84
N HIS A 10 36.97 5.13 24.59
CA HIS A 10 36.29 4.03 23.97
C HIS A 10 37.17 2.81 24.11
N THR A 11 36.54 1.64 24.07
CA THR A 11 37.24 0.38 24.08
C THR A 11 37.82 0.18 22.68
N PRO A 12 38.78 -0.71 22.53
CA PRO A 12 39.33 -1.00 21.20
C PRO A 12 38.24 -1.42 20.20
N MET A 13 37.21 -2.13 20.65
CA MET A 13 36.10 -2.52 19.77
C MET A 13 35.37 -1.29 19.18
N MET A 14 34.93 -0.38 20.04
CA MET A 14 34.18 0.79 19.58
C MET A 14 35.04 1.80 18.80
N GLN A 15 36.35 1.82 19.07
CA GLN A 15 37.27 2.70 18.31
C GLN A 15 37.29 2.24 16.87
N GLN A 16 37.36 0.93 16.69
CA GLN A 16 37.36 0.34 15.37
C GLN A 16 36.00 0.49 14.72
N TYR A 17 34.94 0.33 15.51
CA TYR A 17 33.58 0.43 15.01
C TYR A 17 33.21 1.86 14.63
N LEU A 18 33.45 2.80 15.53
CA LEU A 18 33.13 4.21 15.28
C LEU A 18 33.89 4.73 14.08
N ARG A 19 35.15 4.35 13.94
CA ARG A 19 35.93 4.72 12.77
C ARG A 19 35.29 4.18 11.48
N LEU A 20 34.81 2.94 11.49
CA LEU A 20 34.16 2.39 10.29
C LEU A 20 32.80 3.04 10.05
N LYS A 21 32.04 3.24 11.11
CA LYS A 21 30.74 3.89 11.02
C LYS A 21 30.89 5.31 10.48
N ALA A 22 32.01 5.95 10.81
CA ALA A 22 32.30 7.31 10.33
C ALA A 22 32.37 7.34 8.79
N GLN A 23 32.60 6.20 8.17
CA GLN A 23 32.61 6.12 6.71
C GLN A 23 31.23 5.91 6.13
N HIS A 24 30.24 5.60 6.95
CA HIS A 24 28.88 5.37 6.47
C HIS A 24 27.88 5.94 7.48
N PRO A 25 28.04 7.23 7.78
CA PRO A 25 27.29 7.88 8.85
C PRO A 25 25.79 7.83 8.68
N GLU A 26 25.31 7.82 7.43
CA GLU A 26 23.88 7.95 7.18
C GLU A 26 23.18 6.64 6.90
N ILE A 27 23.94 5.56 6.70
CA ILE A 27 23.32 4.26 6.42
C ILE A 27 23.63 3.20 7.50
N LEU A 28 22.75 2.22 7.60
CA LEU A 28 22.95 1.11 8.51
C LEU A 28 24.25 0.37 8.23
N LEU A 29 24.92 -0.05 9.30
CA LEU A 29 26.16 -0.79 9.19
C LEU A 29 25.97 -2.13 9.88
N PHE A 30 26.06 -3.22 9.10
CA PHE A 30 26.04 -4.59 9.66
C PHE A 30 27.47 -4.90 10.03
N TYR A 31 27.72 -5.06 11.33
CA TYR A 31 29.11 -5.20 11.81
C TYR A 31 29.39 -6.65 12.21
N ARG A 32 30.31 -7.30 11.51
CA ARG A 32 30.60 -8.72 11.76
C ARG A 32 31.28 -8.96 13.11
N MET A 33 30.63 -9.74 13.97
CA MET A 33 31.19 -10.07 15.28
C MET A 33 30.97 -11.55 15.46
N GLY A 34 31.91 -12.36 14.97
CA GLY A 34 31.78 -13.80 15.05
C GLY A 34 30.62 -14.26 14.20
N ASP A 35 29.75 -15.07 14.78
CA ASP A 35 28.59 -15.58 14.06
C ASP A 35 27.42 -14.59 13.85
N PHE A 36 27.57 -13.34 14.26
CA PHE A 36 26.48 -12.38 14.08
C PHE A 36 26.91 -11.12 13.34
N TYR A 37 25.95 -10.47 12.70
CA TYR A 37 26.16 -9.10 12.26
C TYR A 37 25.47 -8.32 13.33
N GLU A 38 26.19 -7.37 13.92
CA GLU A 38 25.65 -6.55 14.97
C GLU A 38 25.53 -5.09 14.55
N LEU A 39 24.56 -4.37 15.13
CA LEU A 39 24.42 -2.92 14.94
C LEU A 39 24.45 -2.24 16.31
N PHE A 40 24.84 -0.97 16.34
CA PHE A 40 24.94 -0.25 17.62
C PHE A 40 24.32 1.14 17.58
N TYR A 41 24.05 1.68 18.78
CA TYR A 41 23.48 3.02 18.92
C TYR A 41 22.21 3.13 18.09
N ASP A 42 22.04 4.25 17.39
CA ASP A 42 20.86 4.49 16.61
C ASP A 42 20.61 3.45 15.52
N ASP A 43 21.65 2.82 14.99
CA ASP A 43 21.49 1.78 13.98
C ASP A 43 20.73 0.59 14.59
N ALA A 44 21.04 0.29 15.85
CA ALA A 44 20.41 -0.80 16.55
C ALA A 44 18.94 -0.50 16.74
N LYS A 45 18.62 0.72 17.17
CA LYS A 45 17.23 1.09 17.38
C LYS A 45 16.45 1.05 16.08
N ARG A 46 17.04 1.59 15.03
CA ARG A 46 16.37 1.60 13.76
C ARG A 46 16.17 0.16 13.24
N ALA A 47 17.25 -0.61 13.25
CA ALA A 47 17.20 -2.00 12.82
C ALA A 47 16.17 -2.77 13.62
N SER A 48 16.16 -2.55 14.92
CA SER A 48 15.18 -3.21 15.78
C SER A 48 13.77 -3.01 15.24
N GLN A 49 13.53 -1.81 14.72
CA GLN A 49 12.24 -1.43 14.24
C GLN A 49 11.94 -1.96 12.86
N LEU A 50 12.90 -1.83 11.96
CA LEU A 50 12.74 -2.24 10.58
C LEU A 50 12.75 -3.75 10.38
N LEU A 51 13.49 -4.47 11.23
CA LEU A 51 13.63 -5.91 11.10
C LEU A 51 12.81 -6.68 12.15
N ASP A 52 12.25 -5.96 13.12
CA ASP A 52 11.49 -6.58 14.19
C ASP A 52 12.35 -7.57 14.92
N ILE A 53 13.46 -7.09 15.42
CA ILE A 53 14.34 -7.89 16.22
C ILE A 53 14.48 -7.15 17.53
N SER A 54 14.99 -7.86 18.53
CA SER A 54 15.06 -7.34 19.88
C SER A 54 16.19 -6.32 20.08
N LEU A 55 15.86 -5.23 20.74
CA LEU A 55 16.82 -4.20 21.08
C LEU A 55 17.35 -4.53 22.47
N THR A 56 18.65 -4.77 22.57
CA THR A 56 19.27 -5.09 23.83
C THR A 56 20.45 -4.15 24.02
N LYS A 57 21.40 -4.51 24.87
CA LYS A 57 22.53 -3.66 25.08
C LYS A 57 23.78 -4.42 25.38
N ARG A 58 24.90 -3.73 25.25
CA ARG A 58 26.20 -4.26 25.58
C ARG A 58 26.70 -3.42 26.72
N GLY A 59 27.11 -4.07 27.81
CA GLY A 59 27.61 -3.35 28.97
C GLY A 59 28.83 -2.51 28.64
N ALA A 60 29.16 -1.60 29.53
CA ALA A 60 30.34 -0.74 29.37
C ALA A 60 30.96 -0.49 30.74
N SER A 61 32.28 -0.62 30.82
CA SER A 61 33.01 -0.38 32.05
C SER A 61 32.94 1.10 32.41
N ALA A 62 33.21 1.94 31.41
CA ALA A 62 33.16 3.39 31.59
C ALA A 62 32.14 3.99 30.62
N GLY A 63 31.04 4.52 31.18
CA GLY A 63 30.03 5.20 30.41
C GLY A 63 28.67 4.52 30.40
N GLU A 64 27.84 4.97 29.48
CA GLU A 64 26.48 4.45 29.32
C GLU A 64 26.55 3.14 28.53
N PRO A 65 25.63 2.22 28.79
CA PRO A 65 25.57 0.97 28.03
C PRO A 65 25.30 1.25 26.55
N ILE A 66 25.79 0.38 25.68
CA ILE A 66 25.66 0.58 24.26
C ILE A 66 24.42 -0.12 23.68
N PRO A 67 23.49 0.63 23.11
CA PRO A 67 22.32 0.02 22.44
C PRO A 67 22.78 -0.95 21.36
N MET A 68 22.20 -2.14 21.33
CA MET A 68 22.67 -3.23 20.49
C MET A 68 21.54 -4.03 19.85
N ALA A 69 21.81 -4.58 18.65
CA ALA A 69 20.88 -5.44 17.94
C ALA A 69 21.69 -6.29 16.96
N GLY A 70 21.20 -7.46 16.58
CA GLY A 70 21.94 -8.25 15.62
C GLY A 70 21.26 -9.50 15.13
N ILE A 71 21.84 -10.10 14.07
CA ILE A 71 21.32 -11.31 13.46
C ILE A 71 22.44 -12.30 13.09
N PRO A 72 22.10 -13.59 13.06
CA PRO A 72 23.06 -14.63 12.68
C PRO A 72 23.52 -14.44 11.26
N TYR A 73 24.81 -14.57 11.01
CA TYR A 73 25.34 -14.30 9.69
C TYR A 73 24.66 -15.16 8.62
N HIS A 74 24.28 -16.37 8.97
CA HIS A 74 23.69 -17.25 7.97
C HIS A 74 22.25 -16.86 7.59
N ALA A 75 21.71 -15.82 8.22
CA ALA A 75 20.40 -15.39 7.89
C ALA A 75 20.38 -13.97 7.35
N VAL A 76 21.52 -13.46 6.88
CA VAL A 76 21.53 -12.06 6.40
C VAL A 76 20.62 -11.79 5.23
N GLU A 77 20.58 -12.71 4.28
CA GLU A 77 19.85 -12.45 3.06
C GLU A 77 18.38 -12.15 3.25
N ASN A 78 17.75 -12.75 4.25
CA ASN A 78 16.34 -12.45 4.53
C ASN A 78 16.19 -11.01 5.04
N TYR A 79 17.13 -10.57 5.87
CA TYR A 79 17.09 -9.23 6.46
C TYR A 79 17.48 -8.15 5.45
N LEU A 80 18.39 -8.47 4.54
CA LEU A 80 18.74 -7.55 3.48
C LEU A 80 17.53 -7.29 2.60
N ALA A 81 16.76 -8.35 2.32
CA ALA A 81 15.55 -8.22 1.50
C ALA A 81 14.60 -7.15 2.07
N LYS A 82 14.24 -7.30 3.35
CA LYS A 82 13.38 -6.35 4.04
C LYS A 82 13.93 -4.93 3.95
N LEU A 83 15.24 -4.79 4.16
CA LEU A 83 15.86 -3.47 4.09
C LEU A 83 15.81 -2.87 2.69
N VAL A 84 16.23 -3.63 1.69
CA VAL A 84 16.28 -3.09 0.35
C VAL A 84 14.89 -2.81 -0.20
N ASN A 85 13.89 -3.54 0.28
CA ASN A 85 12.52 -3.32 -0.16
C ASN A 85 11.89 -2.07 0.48
N GLN A 86 12.56 -1.51 1.48
CA GLN A 86 12.11 -0.28 2.09
C GLN A 86 12.99 0.88 1.62
N GLY A 87 13.96 0.60 0.76
CA GLY A 87 14.84 1.64 0.25
C GLY A 87 16.03 1.94 1.13
N GLU A 88 16.30 1.07 2.08
CA GLU A 88 17.43 1.28 3.00
C GLU A 88 18.70 0.72 2.39
N SER A 89 19.79 1.46 2.50
CA SER A 89 21.08 0.93 2.11
C SER A 89 21.65 0.26 3.34
N VAL A 90 22.62 -0.63 3.16
CA VAL A 90 23.29 -1.28 4.28
C VAL A 90 24.71 -1.62 3.92
N ALA A 91 25.66 -1.14 4.71
CA ALA A 91 27.06 -1.48 4.53
C ALA A 91 27.34 -2.81 5.24
N ILE A 92 28.07 -3.70 4.56
CA ILE A 92 28.39 -5.01 5.11
C ILE A 92 29.86 -5.05 5.44
N CYS A 93 30.16 -5.03 6.73
CA CYS A 93 31.52 -5.08 7.22
C CYS A 93 31.88 -6.51 7.60
N GLU A 94 33.03 -7.00 7.14
CA GLU A 94 33.46 -8.37 7.47
C GLU A 94 34.76 -8.39 8.24
N GLN A 95 35.04 -9.53 8.88
CA GLN A 95 36.28 -9.78 9.57
C GLN A 95 37.30 -10.21 8.53
N ILE A 96 38.43 -9.53 8.48
CA ILE A 96 39.46 -9.81 7.47
C ILE A 96 40.60 -10.61 8.06
N GLY A 97 41.05 -10.26 9.27
CA GLY A 97 42.14 -10.96 9.91
C GLY A 97 41.75 -12.27 10.60
N ASP A 98 42.74 -12.89 11.24
CA ASP A 98 42.59 -14.16 11.96
C ASP A 98 42.66 -13.87 13.46
N PRO A 99 41.55 -14.06 14.18
CA PRO A 99 41.52 -13.73 15.60
C PRO A 99 42.63 -14.40 16.38
N ALA A 100 42.97 -15.63 16.00
CA ALA A 100 44.03 -16.37 16.66
C ALA A 100 45.38 -15.65 16.64
N THR A 101 45.65 -14.85 15.61
CA THR A 101 46.94 -14.15 15.54
C THR A 101 46.80 -12.64 15.65
N SER A 102 45.67 -12.18 16.17
CA SER A 102 45.44 -10.76 16.31
C SER A 102 45.44 -10.37 17.78
N LYS A 103 46.25 -9.36 18.11
CA LYS A 103 46.35 -8.82 19.45
C LYS A 103 44.99 -8.34 19.94
N GLY A 104 44.58 -7.16 19.49
CA GLY A 104 43.29 -6.62 19.83
C GLY A 104 42.25 -7.08 18.83
N PRO A 105 41.29 -6.22 18.53
CA PRO A 105 40.26 -6.52 17.53
C PRO A 105 40.83 -6.91 16.18
N VAL A 106 40.23 -7.93 15.57
CA VAL A 106 40.63 -8.37 14.25
C VAL A 106 40.33 -7.28 13.21
N GLU A 107 41.12 -7.23 12.14
CA GLU A 107 40.90 -6.24 11.09
C GLU A 107 39.53 -6.44 10.48
N ARG A 108 38.82 -5.33 10.30
CA ARG A 108 37.51 -5.36 9.70
C ARG A 108 37.47 -4.39 8.53
N LYS A 109 36.64 -4.71 7.54
CA LYS A 109 36.47 -3.88 6.36
C LYS A 109 35.05 -3.99 5.82
N VAL A 110 34.58 -2.89 5.25
CA VAL A 110 33.32 -2.88 4.56
C VAL A 110 33.65 -3.38 3.16
N VAL A 111 33.11 -4.54 2.82
CA VAL A 111 33.38 -5.18 1.55
C VAL A 111 32.29 -4.94 0.54
N ARG A 112 31.14 -4.45 0.98
CA ARG A 112 30.05 -4.17 0.07
C ARG A 112 28.97 -3.30 0.71
N ILE A 113 28.29 -2.51 -0.11
CA ILE A 113 27.15 -1.73 0.36
C ILE A 113 25.99 -2.15 -0.49
N VAL A 114 24.97 -2.70 0.13
CA VAL A 114 23.76 -3.12 -0.55
C VAL A 114 22.84 -1.93 -0.64
N THR A 115 22.50 -1.52 -1.85
CA THR A 115 21.62 -0.39 -2.05
C THR A 115 20.54 -0.76 -3.08
N PRO A 116 19.42 -0.03 -3.09
CA PRO A 116 18.27 -0.38 -3.95
C PRO A 116 18.53 -0.48 -5.45
N GLY A 117 19.44 0.32 -5.98
CA GLY A 117 19.68 0.25 -7.42
C GLY A 117 20.96 -0.45 -7.79
N THR A 118 21.53 -1.16 -6.83
CA THR A 118 22.83 -1.79 -6.97
C THR A 118 22.78 -3.33 -6.70
N ILE A 119 21.62 -3.84 -6.36
CA ILE A 119 21.48 -5.25 -6.09
C ILE A 119 21.59 -6.10 -7.34
N SER A 120 22.17 -7.28 -7.16
CA SER A 120 22.37 -8.24 -8.22
C SER A 120 21.95 -9.64 -7.85
N ASP A 121 21.54 -9.86 -6.59
CA ASP A 121 21.19 -11.20 -6.13
C ASP A 121 19.77 -11.56 -6.54
N GLU A 122 19.60 -12.75 -7.10
CA GLU A 122 18.30 -13.22 -7.56
C GLU A 122 17.18 -13.02 -6.52
N ALA A 123 17.49 -13.22 -5.24
CA ALA A 123 16.49 -13.10 -4.19
C ALA A 123 15.98 -11.67 -3.94
N LEU A 124 16.74 -10.66 -4.36
CA LEU A 124 16.34 -9.28 -4.11
C LEU A 124 15.63 -8.58 -5.28
N LEU A 125 15.72 -9.14 -6.49
CA LEU A 125 15.17 -8.53 -7.70
C LEU A 125 13.84 -9.11 -8.13
N GLN A 126 13.21 -8.46 -9.08
CA GLN A 126 12.00 -8.95 -9.71
C GLN A 126 12.35 -9.44 -11.11
N GLU A 127 11.99 -10.68 -11.38
CA GLU A 127 12.32 -11.35 -12.65
C GLU A 127 12.05 -10.53 -13.91
N ARG A 128 10.83 -10.02 -14.02
CA ARG A 128 10.41 -9.31 -15.22
C ARG A 128 10.44 -7.80 -15.13
N GLN A 129 11.24 -7.24 -14.22
CA GLN A 129 11.37 -5.80 -14.14
C GLN A 129 12.82 -5.37 -14.02
N ASP A 130 13.18 -4.35 -14.78
CA ASP A 130 14.51 -3.82 -14.73
C ASP A 130 14.63 -3.09 -13.41
N ASN A 131 15.83 -3.14 -12.82
CA ASN A 131 16.14 -2.42 -11.62
C ASN A 131 17.35 -1.53 -11.92
N LEU A 132 17.10 -0.25 -12.10
CA LEU A 132 18.16 0.67 -12.57
C LEU A 132 18.69 1.62 -11.51
N LEU A 133 20.00 1.87 -11.60
CA LEU A 133 20.65 2.94 -10.87
C LEU A 133 20.76 4.11 -11.86
N ALA A 134 20.48 5.31 -11.40
CA ALA A 134 20.53 6.50 -12.22
C ALA A 134 21.15 7.61 -11.43
N ALA A 135 21.72 8.58 -12.15
CA ALA A 135 22.30 9.78 -11.58
C ALA A 135 21.84 10.97 -12.43
N ILE A 136 21.50 12.08 -11.79
CA ILE A 136 20.99 13.22 -12.52
C ILE A 136 21.65 14.52 -12.07
N TRP A 137 21.76 15.45 -13.00
CA TRP A 137 22.28 16.76 -12.67
C TRP A 137 21.87 17.82 -13.69
N GLN A 138 21.98 19.07 -13.33
CA GLN A 138 21.60 20.13 -14.25
C GLN A 138 22.47 21.32 -14.09
N ASP A 139 22.62 22.06 -15.18
CA ASP A 139 23.29 23.36 -15.16
C ASP A 139 22.27 24.38 -15.66
N SER A 140 22.71 25.43 -16.35
CA SER A 140 21.81 26.48 -16.79
C SER A 140 21.02 26.12 -18.04
N LYS A 141 21.62 25.32 -18.92
CA LYS A 141 21.00 24.98 -20.21
C LYS A 141 20.16 23.69 -20.18
N GLY A 142 20.51 22.74 -19.32
CA GLY A 142 19.73 21.51 -19.33
C GLY A 142 20.13 20.48 -18.32
N PHE A 143 19.83 19.23 -18.63
CA PHE A 143 20.08 18.16 -17.70
C PHE A 143 21.08 17.13 -18.23
N GLY A 144 21.81 16.52 -17.29
CA GLY A 144 22.66 15.38 -17.54
C GLY A 144 22.03 14.18 -16.82
N TYR A 145 21.97 13.04 -17.50
CA TYR A 145 21.33 11.89 -16.93
C TYR A 145 22.02 10.61 -17.35
N ALA A 146 22.11 9.65 -16.46
CA ALA A 146 22.76 8.40 -16.79
C ALA A 146 22.04 7.27 -16.10
N THR A 147 22.02 6.09 -16.73
CA THR A 147 21.45 4.92 -16.08
C THR A 147 22.37 3.75 -16.21
N LEU A 148 22.26 2.84 -15.27
CA LEU A 148 23.04 1.63 -15.29
C LEU A 148 22.20 0.49 -14.76
N ASP A 149 22.23 -0.62 -15.49
CA ASP A 149 21.66 -1.85 -15.05
C ASP A 149 22.84 -2.68 -14.57
N ILE A 150 23.03 -2.74 -13.25
CA ILE A 150 24.19 -3.45 -12.64
C ILE A 150 24.17 -4.94 -12.93
N SER A 151 22.99 -5.48 -13.24
CA SER A 151 22.86 -6.89 -13.58
C SER A 151 22.99 -7.16 -15.06
N SER A 152 23.45 -6.20 -15.84
CA SER A 152 23.62 -6.46 -17.28
C SER A 152 24.79 -5.71 -17.89
N GLY A 153 25.27 -4.67 -17.22
CA GLY A 153 26.37 -3.89 -17.75
C GLY A 153 25.89 -2.75 -18.61
N ARG A 154 24.61 -2.76 -18.97
CA ARG A 154 24.04 -1.74 -19.82
C ARG A 154 24.09 -0.36 -19.19
N PHE A 155 24.93 0.49 -19.77
CA PHE A 155 25.26 1.83 -19.27
C PHE A 155 24.83 2.87 -20.31
N ARG A 156 23.93 3.78 -19.94
CA ARG A 156 23.42 4.78 -20.88
C ARG A 156 23.48 6.21 -20.32
N LEU A 157 23.74 7.17 -21.22
CA LEU A 157 23.81 8.59 -20.87
C LEU A 157 22.97 9.42 -21.84
N SER A 158 22.39 10.52 -21.37
CA SER A 158 21.61 11.39 -22.23
C SER A 158 21.61 12.77 -21.68
N GLU A 159 21.04 13.70 -22.42
CA GLU A 159 21.04 15.10 -22.03
C GLU A 159 19.71 15.73 -22.34
N PRO A 160 18.69 15.39 -21.57
CA PRO A 160 17.35 15.95 -21.79
C PRO A 160 17.45 17.45 -21.84
N ALA A 161 16.88 18.02 -22.90
CA ALA A 161 16.94 19.46 -23.19
C ALA A 161 16.19 20.38 -22.23
N ASP A 162 15.05 19.91 -21.71
CA ASP A 162 14.22 20.71 -20.83
C ASP A 162 13.52 19.84 -19.80
N ARG A 163 12.73 20.50 -18.97
CA ARG A 163 12.04 19.89 -17.87
C ARG A 163 11.09 18.75 -18.28
N GLU A 164 10.22 18.94 -19.27
CA GLU A 164 9.29 17.84 -19.65
C GLU A 164 10.05 16.66 -20.17
N THR A 165 11.08 16.89 -20.96
CA THR A 165 11.88 15.79 -21.46
C THR A 165 12.48 15.04 -20.30
N MET A 166 13.08 15.77 -19.37
CA MET A 166 13.68 15.17 -18.17
C MET A 166 12.65 14.39 -17.38
N ALA A 167 11.45 14.94 -17.23
CA ALA A 167 10.42 14.27 -16.48
C ALA A 167 9.98 13.01 -17.22
N ALA A 168 9.94 13.09 -18.55
CA ALA A 168 9.53 11.95 -19.35
C ALA A 168 10.57 10.84 -19.21
N GLU A 169 11.83 11.22 -19.16
CA GLU A 169 12.91 10.25 -19.03
C GLU A 169 12.92 9.54 -17.68
N LEU A 170 12.66 10.28 -16.60
CA LEU A 170 12.57 9.69 -15.28
C LEU A 170 11.47 8.66 -15.29
N GLN A 171 10.35 9.01 -15.90
CA GLN A 171 9.21 8.10 -16.00
C GLN A 171 9.50 6.89 -16.86
N ARG A 172 10.16 7.10 -17.98
CA ARG A 172 10.54 5.97 -18.84
C ARG A 172 11.53 4.99 -18.17
N THR A 173 12.54 5.52 -17.51
CA THR A 173 13.58 4.69 -16.90
C THR A 173 13.23 4.22 -15.51
N ASN A 174 12.37 4.96 -14.82
CA ASN A 174 11.90 4.57 -13.49
C ASN A 174 13.00 4.01 -12.56
N PRO A 175 14.06 4.76 -12.33
CA PRO A 175 15.18 4.27 -11.51
C PRO A 175 14.78 3.86 -10.10
N ALA A 176 15.43 2.83 -9.56
CA ALA A 176 15.17 2.41 -8.19
C ALA A 176 16.05 3.18 -7.22
N GLU A 177 17.06 3.87 -7.74
CA GLU A 177 17.90 4.66 -6.91
C GLU A 177 18.38 5.81 -7.77
N LEU A 178 18.25 7.03 -7.28
CA LEU A 178 18.58 8.20 -8.06
C LEU A 178 19.59 9.07 -7.33
N LEU A 179 20.78 9.18 -7.89
CA LEU A 179 21.79 10.00 -7.30
C LEU A 179 21.61 11.42 -7.87
N TYR A 180 21.58 12.45 -7.03
CA TYR A 180 21.47 13.83 -7.55
C TYR A 180 22.42 14.84 -6.90
N ALA A 181 22.93 15.75 -7.70
CA ALA A 181 23.82 16.80 -7.25
C ALA A 181 23.16 17.74 -6.25
N GLU A 182 23.89 18.09 -5.21
CA GLU A 182 23.39 18.94 -4.14
C GLU A 182 22.84 20.31 -4.61
N ASP A 183 23.27 20.79 -5.78
CA ASP A 183 22.77 22.07 -6.30
C ASP A 183 21.63 21.93 -7.31
N PHE A 184 20.99 20.76 -7.37
CA PHE A 184 19.85 20.58 -8.29
C PHE A 184 18.77 21.65 -8.01
N ALA A 185 18.34 22.37 -9.03
CA ALA A 185 17.37 23.43 -8.85
C ALA A 185 15.90 22.96 -8.95
N GLU A 186 15.61 22.05 -9.87
CA GLU A 186 14.25 21.61 -10.15
C GLU A 186 13.86 20.38 -9.33
N MET A 187 13.79 20.54 -8.00
CA MET A 187 13.52 19.43 -7.11
C MET A 187 12.14 18.83 -7.34
N SER A 188 11.24 19.58 -7.96
CA SER A 188 9.90 19.07 -8.25
C SER A 188 9.98 17.83 -9.12
N LEU A 189 11.02 17.75 -9.97
CA LEU A 189 11.23 16.56 -10.80
C LEU A 189 11.53 15.32 -10.01
N ILE A 190 12.22 15.46 -8.88
CA ILE A 190 12.70 14.28 -8.14
C ILE A 190 12.20 14.11 -6.72
N GLU A 191 11.56 15.15 -6.16
CA GLU A 191 11.13 15.15 -4.75
C GLU A 191 10.43 13.88 -4.28
N GLY A 192 9.51 13.35 -5.06
CA GLY A 192 8.74 12.18 -4.63
C GLY A 192 9.34 10.79 -4.86
N ARG A 193 10.41 10.69 -5.65
CA ARG A 193 10.96 9.40 -6.00
C ARG A 193 11.58 8.60 -4.84
N ARG A 194 11.61 7.29 -5.04
CA ARG A 194 12.19 6.35 -4.11
C ARG A 194 13.70 6.38 -4.28
N GLY A 195 14.42 5.93 -3.26
CA GLY A 195 15.86 5.79 -3.31
C GLY A 195 16.61 7.04 -3.75
N LEU A 196 16.17 8.19 -3.26
CA LEU A 196 16.78 9.45 -3.61
C LEU A 196 18.06 9.58 -2.81
N ARG A 197 19.17 9.97 -3.45
CA ARG A 197 20.46 10.06 -2.77
C ARG A 197 21.18 11.34 -3.08
N ARG A 198 21.14 12.30 -2.17
CA ARG A 198 21.81 13.58 -2.35
C ARG A 198 23.33 13.37 -2.35
N ARG A 199 24.02 13.95 -3.32
CA ARG A 199 25.45 13.74 -3.47
C ARG A 199 26.20 15.07 -3.57
N PRO A 200 27.45 15.08 -3.12
CA PRO A 200 28.30 16.27 -3.18
C PRO A 200 28.59 16.68 -4.62
N LEU A 201 28.73 17.99 -4.85
CA LEU A 201 28.99 18.52 -6.17
C LEU A 201 30.24 17.93 -6.89
N TRP A 202 31.32 17.73 -6.15
CA TRP A 202 32.57 17.25 -6.71
C TRP A 202 32.49 15.89 -7.43
N GLU A 203 31.52 15.06 -7.05
CA GLU A 203 31.34 13.78 -7.70
C GLU A 203 30.84 13.92 -9.15
N PHE A 204 30.54 15.16 -9.56
CA PHE A 204 30.04 15.43 -10.89
C PHE A 204 31.05 16.23 -11.71
N GLU A 205 32.29 16.31 -11.23
CA GLU A 205 33.35 17.01 -11.95
C GLU A 205 33.70 16.32 -13.28
N ILE A 206 33.69 17.07 -14.38
CA ILE A 206 33.94 16.50 -15.72
C ILE A 206 35.28 15.77 -15.89
N ASP A 207 36.37 16.33 -15.37
CA ASP A 207 37.71 15.75 -15.58
C ASP A 207 37.80 14.37 -14.96
N THR A 208 37.32 14.26 -13.75
CA THR A 208 37.30 13.01 -13.03
C THR A 208 36.38 11.98 -13.70
N ALA A 209 35.22 12.41 -14.15
CA ALA A 209 34.35 11.51 -14.91
C ALA A 209 35.11 10.91 -16.09
N ARG A 210 35.69 11.76 -16.94
CA ARG A 210 36.44 11.26 -18.11
C ARG A 210 37.52 10.29 -17.69
N GLN A 211 38.30 10.67 -16.69
CA GLN A 211 39.41 9.83 -16.23
C GLN A 211 38.91 8.47 -15.71
N GLN A 212 37.90 8.48 -14.86
CA GLN A 212 37.34 7.23 -14.36
C GLN A 212 36.67 6.38 -15.47
N LEU A 213 35.92 7.00 -16.37
CA LEU A 213 35.25 6.22 -17.42
C LEU A 213 36.28 5.54 -18.35
N ASN A 214 37.31 6.31 -18.74
CA ASN A 214 38.38 5.78 -19.57
C ASN A 214 39.14 4.64 -18.92
N LEU A 215 39.34 4.72 -17.62
CA LEU A 215 39.97 3.66 -16.85
C LEU A 215 39.08 2.42 -16.82
N GLN A 216 37.80 2.61 -16.57
CA GLN A 216 36.88 1.50 -16.53
C GLN A 216 36.74 0.81 -17.89
N PHE A 217 36.84 1.56 -18.99
CA PHE A 217 36.65 0.97 -20.32
C PHE A 217 37.95 0.58 -21.01
N GLY A 218 39.09 0.96 -20.43
CA GLY A 218 40.38 0.62 -20.98
C GLY A 218 40.75 1.39 -22.23
N THR A 219 40.30 2.64 -22.33
CA THR A 219 40.56 3.47 -23.49
C THR A 219 41.27 4.73 -23.06
N ARG A 220 41.78 5.48 -24.04
CA ARG A 220 42.43 6.77 -23.75
C ARG A 220 41.43 7.93 -23.87
N ASP A 221 40.38 7.75 -24.67
CA ASP A 221 39.32 8.75 -24.83
C ASP A 221 38.02 8.03 -25.08
N LEU A 222 36.92 8.77 -25.08
CA LEU A 222 35.60 8.17 -25.22
C LEU A 222 35.01 8.37 -26.61
N VAL A 223 35.87 8.71 -27.57
CA VAL A 223 35.46 8.99 -28.93
C VAL A 223 34.74 7.79 -29.52
N GLY A 224 35.29 6.60 -29.27
CA GLY A 224 34.73 5.39 -29.83
C GLY A 224 33.35 5.04 -29.35
N PHE A 225 32.96 5.52 -28.16
CA PHE A 225 31.65 5.22 -27.59
C PHE A 225 30.59 6.24 -27.98
N GLY A 226 31.00 7.32 -28.68
CA GLY A 226 30.08 8.33 -29.14
C GLY A 226 29.65 9.29 -28.07
N VAL A 227 30.43 9.42 -27.01
CA VAL A 227 30.09 10.32 -25.91
C VAL A 227 31.19 11.32 -25.54
N GLU A 228 32.27 11.39 -26.32
CA GLU A 228 33.35 12.35 -26.05
C GLU A 228 32.76 13.74 -26.03
N ASN A 229 31.67 13.87 -26.81
CA ASN A 229 30.91 15.10 -27.07
C ASN A 229 29.92 15.59 -26.04
N ALA A 230 29.63 14.76 -25.05
CA ALA A 230 28.52 15.02 -24.17
C ALA A 230 28.94 15.14 -22.73
N PRO A 231 29.68 16.21 -22.40
CA PRO A 231 30.18 16.40 -21.03
C PRO A 231 29.08 16.53 -19.96
N ARG A 232 27.90 16.99 -20.33
CA ARG A 232 26.84 17.11 -19.34
C ARG A 232 26.36 15.75 -18.90
N GLY A 233 26.25 14.82 -19.83
CA GLY A 233 25.89 13.47 -19.48
C GLY A 233 27.04 12.75 -18.80
N LEU A 234 28.26 13.02 -19.25
CA LEU A 234 29.45 12.41 -18.66
C LEU A 234 29.57 12.69 -17.18
N CYS A 235 29.21 13.90 -16.77
CA CYS A 235 29.25 14.26 -15.36
C CYS A 235 28.35 13.31 -14.53
N ALA A 236 27.16 13.02 -15.04
CA ALA A 236 26.24 12.11 -14.38
C ALA A 236 26.78 10.67 -14.38
N ALA A 237 27.29 10.21 -15.50
CA ALA A 237 27.87 8.86 -15.57
C ALA A 237 29.11 8.73 -14.65
N GLY A 238 29.90 9.79 -14.58
CA GLY A 238 31.01 9.87 -13.67
C GLY A 238 30.54 9.66 -12.24
N CYS A 239 29.50 10.37 -11.84
CA CYS A 239 28.96 10.20 -10.47
C CYS A 239 28.49 8.77 -10.29
N LEU A 240 27.78 8.26 -11.29
CA LEU A 240 27.21 6.93 -11.24
C LEU A 240 28.25 5.81 -11.08
N LEU A 241 29.25 5.83 -11.95
CA LEU A 241 30.32 4.84 -11.90
C LEU A 241 31.03 4.81 -10.57
N GLN A 242 31.27 5.98 -10.01
CA GLN A 242 31.94 6.05 -8.70
C GLN A 242 31.05 5.39 -7.64
N TYR A 243 29.77 5.66 -7.68
CA TYR A 243 28.84 5.05 -6.75
C TYR A 243 28.85 3.54 -6.90
N ALA A 244 28.80 3.05 -8.14
CA ALA A 244 28.76 1.62 -8.41
C ALA A 244 30.00 0.92 -7.89
N LYS A 245 31.15 1.52 -8.10
CA LYS A 245 32.40 0.94 -7.64
C LYS A 245 32.47 0.97 -6.11
N ASP A 246 31.93 2.03 -5.53
CA ASP A 246 31.89 2.16 -4.10
C ASP A 246 30.99 1.14 -3.47
N THR A 247 29.90 0.73 -4.15
CA THR A 247 29.00 -0.23 -3.52
C THR A 247 29.43 -1.69 -3.67
N GLN A 248 30.12 -2.02 -4.78
CA GLN A 248 30.57 -3.38 -5.05
C GLN A 248 31.98 -3.66 -4.55
N ARG A 249 32.85 -2.66 -4.62
CA ARG A 249 34.24 -2.79 -4.19
C ARG A 249 34.96 -4.02 -4.76
N THR A 250 34.72 -4.29 -6.05
CA THR A 250 35.46 -5.31 -6.81
C THR A 250 35.49 -4.76 -8.22
N THR A 251 36.14 -5.45 -9.15
CA THR A 251 36.14 -4.97 -10.52
C THR A 251 34.75 -5.23 -11.11
N LEU A 252 34.42 -4.51 -12.16
CA LEU A 252 33.10 -4.64 -12.78
C LEU A 252 33.30 -4.87 -14.28
N PRO A 253 33.86 -6.03 -14.64
CA PRO A 253 34.30 -6.28 -16.03
C PRO A 253 33.17 -6.34 -17.02
N HIS A 254 31.92 -6.43 -16.56
CA HIS A 254 30.76 -6.45 -17.43
C HIS A 254 30.28 -5.03 -17.82
N ILE A 255 30.89 -4.01 -17.22
CA ILE A 255 30.59 -2.66 -17.60
C ILE A 255 31.73 -2.26 -18.50
N ARG A 256 31.58 -2.57 -19.79
CA ARG A 256 32.66 -2.34 -20.76
C ARG A 256 32.33 -1.27 -21.77
N SER A 257 31.16 -0.65 -21.65
CA SER A 257 30.71 0.27 -22.66
C SER A 257 29.66 1.23 -22.12
N ILE A 258 29.47 2.33 -22.84
CA ILE A 258 28.39 3.28 -22.54
C ILE A 258 27.87 3.83 -23.87
N THR A 259 26.59 4.03 -23.98
CA THR A 259 26.01 4.57 -25.21
C THR A 259 25.16 5.77 -24.93
N MET A 260 25.25 6.76 -25.82
CA MET A 260 24.45 7.96 -25.73
C MET A 260 23.11 7.81 -26.43
N GLU A 261 22.06 8.25 -25.76
CA GLU A 261 20.73 8.25 -26.31
C GLU A 261 20.41 9.65 -26.76
N ARG A 262 20.34 9.86 -28.07
CA ARG A 262 20.07 11.16 -28.67
C ARG A 262 18.59 11.33 -28.97
N GLU A 263 18.11 12.58 -28.89
CA GLU A 263 16.69 12.91 -29.12
C GLU A 263 16.19 12.32 -30.42
N GLN A 264 16.95 12.63 -31.47
CA GLN A 264 16.64 12.28 -32.83
C GLN A 264 16.49 10.78 -33.07
N ASP A 265 17.10 9.96 -32.23
CA ASP A 265 17.10 8.51 -32.44
C ASP A 265 15.86 7.75 -31.99
N SER A 266 14.98 8.40 -31.21
CA SER A 266 13.77 7.73 -30.76
C SER A 266 12.58 8.66 -30.73
N ILE A 267 11.39 8.12 -30.88
CA ILE A 267 10.19 8.95 -30.73
C ILE A 267 10.13 9.41 -29.27
N ILE A 268 10.16 10.70 -29.05
CA ILE A 268 10.10 11.21 -27.69
C ILE A 268 8.65 11.34 -27.20
N MET A 269 8.29 10.52 -26.21
CA MET A 269 6.96 10.58 -25.64
C MET A 269 6.97 11.31 -24.31
N ASP A 270 6.13 12.35 -24.20
CA ASP A 270 5.99 13.13 -22.94
C ASP A 270 5.33 12.28 -21.90
N ALA A 271 5.33 12.72 -20.65
CA ALA A 271 4.81 11.92 -19.55
C ALA A 271 3.32 11.59 -19.68
N ALA A 272 2.50 12.55 -20.08
CA ALA A 272 1.08 12.28 -20.15
C ALA A 272 0.80 11.22 -21.22
N THR A 273 1.54 11.27 -22.33
CA THR A 273 1.40 10.29 -23.38
C THR A 273 1.67 8.89 -22.87
N ARG A 274 2.77 8.74 -22.14
CA ARG A 274 3.18 7.45 -21.63
C ARG A 274 2.15 6.93 -20.63
N ARG A 275 1.70 7.79 -19.72
CA ARG A 275 0.72 7.33 -18.76
C ARG A 275 -0.68 7.18 -19.35
N ASN A 276 -0.97 7.84 -20.47
CA ASN A 276 -2.31 7.76 -21.06
C ASN A 276 -2.47 6.59 -22.03
N LEU A 277 -1.35 6.05 -22.49
CA LEU A 277 -1.39 4.90 -23.38
C LEU A 277 -1.25 3.60 -22.62
N GLU A 278 -1.04 3.71 -21.30
CA GLU A 278 -0.92 2.56 -20.44
C GLU A 278 -0.02 1.48 -21.06
N ILE A 279 1.23 1.87 -21.30
CA ILE A 279 2.24 1.01 -21.92
C ILE A 279 2.60 -0.19 -21.06
N THR A 280 3.06 0.03 -19.83
CA THR A 280 3.32 -1.06 -18.88
C THR A 280 2.63 -0.86 -17.52
N GLN A 281 1.96 0.26 -17.33
CA GLN A 281 1.29 0.56 -16.08
C GLN A 281 -0.05 1.17 -16.41
N ASN A 282 -1.14 0.64 -15.86
CA ASN A 282 -2.44 1.23 -16.14
C ASN A 282 -2.62 2.52 -15.31
N LEU A 283 -3.65 3.30 -15.62
CA LEU A 283 -3.86 4.56 -14.92
C LEU A 283 -4.10 4.39 -13.41
N ALA A 284 -4.51 3.18 -12.99
CA ALA A 284 -4.71 2.89 -11.56
C ALA A 284 -3.46 2.29 -10.90
N GLY A 285 -2.32 2.34 -11.60
CA GLY A 285 -1.05 1.86 -11.06
C GLY A 285 -0.78 0.38 -11.22
N GLY A 286 -1.75 -0.37 -11.74
CA GLY A 286 -1.58 -1.81 -11.87
C GLY A 286 -0.99 -2.26 -13.19
N ALA A 287 -0.77 -3.56 -13.28
CA ALA A 287 -0.18 -4.15 -14.46
C ALA A 287 -1.23 -4.74 -15.39
N GLU A 288 -2.46 -4.82 -14.92
CA GLU A 288 -3.54 -5.39 -15.72
C GLU A 288 -3.94 -4.49 -16.89
N ASN A 289 -4.23 -5.12 -18.03
CA ASN A 289 -4.77 -4.44 -19.19
C ASN A 289 -3.90 -3.28 -19.72
N THR A 290 -2.65 -3.60 -19.99
CA THR A 290 -1.70 -2.66 -20.55
C THR A 290 -1.31 -3.14 -21.93
N LEU A 291 -0.46 -2.41 -22.62
CA LEU A 291 0.01 -2.84 -23.93
C LEU A 291 0.84 -4.10 -23.74
N ALA A 292 1.68 -4.06 -22.71
CA ALA A 292 2.55 -5.16 -22.36
C ALA A 292 1.77 -6.38 -21.92
N SER A 293 0.70 -6.20 -21.15
CA SER A 293 -0.09 -7.36 -20.72
C SER A 293 -0.58 -8.12 -21.96
N VAL A 294 -0.86 -7.40 -23.04
CA VAL A 294 -1.30 -8.04 -24.26
C VAL A 294 -0.15 -8.55 -25.14
N LEU A 295 0.91 -7.74 -25.31
CA LEU A 295 2.01 -8.11 -26.21
C LEU A 295 3.11 -8.97 -25.57
N ASP A 296 3.23 -8.98 -24.25
CA ASP A 296 4.32 -9.70 -23.63
C ASP A 296 4.01 -11.16 -23.32
N CYS A 297 4.33 -12.04 -24.25
CA CYS A 297 4.24 -13.49 -24.03
C CYS A 297 5.61 -14.10 -24.28
N THR A 298 6.64 -13.34 -23.93
CA THR A 298 8.01 -13.83 -23.98
C THR A 298 8.15 -14.99 -23.01
N VAL A 299 9.12 -15.85 -23.24
CA VAL A 299 9.29 -17.03 -22.41
C VAL A 299 10.51 -16.95 -21.52
N THR A 300 11.26 -15.88 -21.62
CA THR A 300 12.49 -15.70 -20.86
C THR A 300 12.36 -14.39 -20.07
N PRO A 301 12.88 -14.30 -18.84
CA PRO A 301 12.82 -13.04 -18.10
C PRO A 301 13.60 -11.85 -18.76
N MET A 302 14.78 -12.11 -19.31
CA MET A 302 15.55 -11.06 -19.98
C MET A 302 14.81 -10.56 -21.24
N GLY A 303 14.05 -11.44 -21.86
CA GLY A 303 13.25 -11.11 -23.02
C GLY A 303 12.09 -10.22 -22.66
N SER A 304 11.44 -10.50 -21.54
CA SER A 304 10.32 -9.69 -21.09
C SER A 304 10.82 -8.26 -20.81
N ARG A 305 11.94 -8.16 -20.13
CA ARG A 305 12.56 -6.89 -19.87
C ARG A 305 12.87 -6.11 -21.15
N MET A 306 13.46 -6.78 -22.13
CA MET A 306 13.83 -6.13 -23.37
C MET A 306 12.61 -5.60 -24.12
N LEU A 307 11.54 -6.39 -24.13
CA LEU A 307 10.35 -5.99 -24.84
C LEU A 307 9.76 -4.73 -24.23
N LYS A 308 9.75 -4.65 -22.91
CA LYS A 308 9.24 -3.47 -22.25
C LYS A 308 10.13 -2.26 -22.54
N ARG A 309 11.44 -2.46 -22.66
CA ARG A 309 12.33 -1.38 -23.07
C ARG A 309 12.02 -0.89 -24.49
N TRP A 310 11.73 -1.82 -25.41
CA TRP A 310 11.40 -1.43 -26.81
C TRP A 310 10.09 -0.65 -26.85
N LEU A 311 9.13 -1.07 -26.04
CA LEU A 311 7.83 -0.43 -26.01
C LEU A 311 7.93 1.01 -25.57
N HIS A 312 8.81 1.27 -24.61
CA HIS A 312 8.97 2.62 -24.11
C HIS A 312 9.90 3.44 -24.99
N MET A 313 10.72 2.79 -25.81
CA MET A 313 11.65 3.56 -26.63
C MET A 313 11.62 3.21 -28.11
N PRO A 314 10.62 3.68 -28.83
CA PRO A 314 10.49 3.40 -30.27
C PRO A 314 11.66 3.99 -31.07
N VAL A 315 12.18 3.26 -32.04
CA VAL A 315 13.37 3.68 -32.80
C VAL A 315 13.00 4.39 -34.09
N ARG A 316 13.81 5.36 -34.50
CA ARG A 316 13.62 6.09 -35.74
C ARG A 316 14.59 5.69 -36.88
N ASP A 317 15.26 4.56 -36.76
CA ASP A 317 16.22 4.06 -37.75
C ASP A 317 15.49 3.12 -38.68
N THR A 318 15.22 3.59 -39.89
CA THR A 318 14.45 2.79 -40.85
C THR A 318 15.04 1.40 -41.02
N ARG A 319 16.35 1.32 -41.08
CA ARG A 319 17.01 0.05 -41.30
C ARG A 319 16.70 -0.96 -40.22
N VAL A 320 16.88 -0.56 -38.96
CA VAL A 320 16.56 -1.39 -37.81
C VAL A 320 15.11 -1.88 -37.88
N LEU A 321 14.22 -0.99 -38.29
CA LEU A 321 12.81 -1.30 -38.36
C LEU A 321 12.48 -2.38 -39.42
N LEU A 322 13.07 -2.25 -40.60
CA LEU A 322 12.84 -3.22 -41.65
C LEU A 322 13.37 -4.58 -41.24
N GLU A 323 14.55 -4.61 -40.62
CA GLU A 323 15.12 -5.89 -40.16
C GLU A 323 14.25 -6.59 -39.13
N ARG A 324 13.69 -5.83 -38.20
CA ARG A 324 12.84 -6.42 -37.17
C ARG A 324 11.58 -7.00 -37.78
N GLN A 325 10.98 -6.24 -38.68
CA GLN A 325 9.78 -6.70 -39.39
C GLN A 325 10.06 -7.98 -40.13
N GLN A 326 11.16 -7.98 -40.90
CA GLN A 326 11.57 -9.12 -41.69
C GLN A 326 11.65 -10.36 -40.80
N THR A 327 12.35 -10.22 -39.69
CA THR A 327 12.47 -11.30 -38.73
C THR A 327 11.10 -11.76 -38.30
N ILE A 328 10.26 -10.82 -37.90
CA ILE A 328 8.93 -11.18 -37.44
C ILE A 328 8.13 -11.96 -38.47
N GLY A 329 8.29 -11.62 -39.74
CA GLY A 329 7.60 -12.31 -40.82
C GLY A 329 8.18 -13.68 -41.12
N ALA A 330 9.51 -13.76 -41.07
CA ALA A 330 10.21 -15.00 -41.38
C ALA A 330 9.99 -16.09 -40.35
N LEU A 331 10.10 -15.73 -39.08
CA LEU A 331 9.99 -16.69 -37.99
C LEU A 331 8.57 -17.06 -37.63
N GLN A 332 7.60 -16.39 -38.22
CA GLN A 332 6.20 -16.59 -37.84
C GLN A 332 5.80 -18.07 -37.81
N ASP A 333 6.38 -18.89 -38.70
CA ASP A 333 6.08 -20.31 -38.76
C ASP A 333 6.89 -21.18 -37.79
N PHE A 334 7.97 -20.64 -37.21
CA PHE A 334 8.83 -21.44 -36.31
C PHE A 334 8.57 -21.19 -34.81
N THR A 335 7.56 -20.38 -34.52
CA THR A 335 7.18 -20.01 -33.16
C THR A 335 7.10 -21.18 -32.20
N ALA A 336 6.18 -22.09 -32.50
CA ALA A 336 5.88 -23.22 -31.64
C ALA A 336 7.08 -24.11 -31.34
N GLY A 337 8.02 -24.16 -32.27
CA GLY A 337 9.19 -25.00 -32.10
C GLY A 337 10.29 -24.30 -31.37
N LEU A 338 10.34 -22.98 -31.46
CA LEU A 338 11.41 -22.21 -30.86
C LEU A 338 11.16 -21.85 -29.41
N GLN A 339 9.93 -21.46 -29.08
CA GLN A 339 9.61 -20.98 -27.72
C GLN A 339 9.93 -21.96 -26.57
N PRO A 340 9.55 -23.24 -26.69
CA PRO A 340 9.85 -24.22 -25.63
C PRO A 340 11.34 -24.37 -25.36
N VAL A 341 12.17 -24.20 -26.38
CA VAL A 341 13.61 -24.30 -26.23
C VAL A 341 14.19 -23.01 -25.69
N LEU A 342 13.66 -21.87 -26.14
CA LEU A 342 14.13 -20.58 -25.64
C LEU A 342 13.86 -20.50 -24.15
N ARG A 343 12.69 -20.97 -23.73
CA ARG A 343 12.30 -20.95 -22.33
C ARG A 343 13.36 -21.56 -21.42
N GLN A 344 14.10 -22.54 -21.93
CA GLN A 344 15.08 -23.24 -21.12
C GLN A 344 16.40 -22.50 -20.95
N VAL A 345 16.59 -21.39 -21.64
CA VAL A 345 17.83 -20.64 -21.51
C VAL A 345 17.74 -19.80 -20.27
N GLY A 346 16.50 -19.45 -19.90
CA GLY A 346 16.24 -18.65 -18.72
C GLY A 346 16.85 -17.26 -18.73
N ASP A 347 17.29 -16.83 -17.56
CA ASP A 347 17.80 -15.50 -17.38
C ASP A 347 19.30 -15.53 -17.35
N LEU A 348 19.87 -15.85 -18.49
CA LEU A 348 21.31 -15.91 -18.63
C LEU A 348 21.97 -14.54 -18.40
N GLU A 349 21.23 -13.47 -18.68
CA GLU A 349 21.74 -12.11 -18.51
C GLU A 349 22.14 -11.85 -17.05
N ARG A 350 21.20 -12.06 -16.12
CA ARG A 350 21.48 -11.79 -14.71
C ARG A 350 22.48 -12.79 -14.10
N ILE A 351 22.46 -14.04 -14.56
CA ILE A 351 23.46 -14.99 -14.10
C ILE A 351 24.85 -14.51 -14.49
N LEU A 352 25.00 -13.99 -15.71
CA LEU A 352 26.29 -13.53 -16.16
C LEU A 352 26.81 -12.37 -15.34
N ALA A 353 25.91 -11.56 -14.83
CA ALA A 353 26.28 -10.46 -13.96
C ALA A 353 26.91 -10.99 -12.68
N ARG A 354 26.26 -11.98 -12.07
CA ARG A 354 26.79 -12.63 -10.86
C ARG A 354 28.14 -13.30 -11.14
N LEU A 355 28.29 -13.88 -12.32
CA LEU A 355 29.59 -14.42 -12.72
C LEU A 355 30.63 -13.31 -12.70
N ALA A 356 30.28 -12.21 -13.37
CA ALA A 356 31.16 -11.03 -13.46
C ALA A 356 31.51 -10.47 -12.10
N LEU A 357 30.52 -10.46 -11.21
CA LEU A 357 30.74 -9.97 -9.86
C LEU A 357 31.44 -11.01 -8.98
N ARG A 358 31.52 -12.27 -9.44
CA ARG A 358 32.13 -13.38 -8.67
C ARG A 358 31.27 -13.70 -7.45
N THR A 359 29.97 -13.67 -7.65
CA THR A 359 29.01 -13.98 -6.62
C THR A 359 28.07 -15.10 -7.12
N ALA A 360 28.29 -15.57 -8.34
CA ALA A 360 27.45 -16.61 -8.90
C ALA A 360 27.45 -17.85 -8.02
N ARG A 361 26.27 -18.32 -7.68
CA ARG A 361 26.09 -19.49 -6.84
C ARG A 361 26.04 -20.78 -7.68
N PRO A 362 26.07 -21.94 -7.04
CA PRO A 362 26.09 -23.22 -7.76
C PRO A 362 24.95 -23.41 -8.75
N ARG A 363 23.73 -23.04 -8.38
CA ARG A 363 22.61 -23.20 -9.30
C ARG A 363 22.62 -22.19 -10.46
N ASP A 364 23.47 -21.15 -10.36
CA ASP A 364 23.63 -20.22 -11.45
C ASP A 364 24.49 -20.86 -12.53
N LEU A 365 25.53 -21.56 -12.10
CA LEU A 365 26.39 -22.25 -13.05
C LEU A 365 25.65 -23.42 -13.65
N ALA A 366 24.79 -24.06 -12.86
CA ALA A 366 23.98 -25.13 -13.36
C ALA A 366 23.07 -24.64 -14.45
N ARG A 367 22.35 -23.55 -14.20
CA ARG A 367 21.46 -22.96 -15.21
C ARG A 367 22.23 -22.45 -16.42
N MET A 368 23.42 -21.92 -16.18
CA MET A 368 24.26 -21.46 -17.29
C MET A 368 24.53 -22.67 -18.18
N ARG A 369 24.97 -23.75 -17.54
CA ARG A 369 25.22 -24.99 -18.21
C ARG A 369 23.99 -25.45 -18.96
N HIS A 370 22.83 -25.40 -18.31
CA HIS A 370 21.58 -25.82 -18.96
C HIS A 370 21.30 -24.99 -20.22
N ALA A 371 21.67 -23.70 -20.19
CA ALA A 371 21.48 -22.82 -21.33
C ALA A 371 22.42 -23.20 -22.48
N PHE A 372 23.67 -23.50 -22.16
CA PHE A 372 24.61 -23.94 -23.19
C PHE A 372 24.11 -25.18 -23.93
N GLN A 373 23.36 -26.02 -23.22
CA GLN A 373 22.85 -27.28 -23.78
C GLN A 373 21.64 -27.06 -24.71
N GLN A 374 21.19 -25.82 -24.88
CA GLN A 374 20.06 -25.56 -25.76
C GLN A 374 20.52 -24.95 -27.09
N LEU A 375 21.74 -24.43 -27.12
CA LEU A 375 22.27 -23.76 -28.29
C LEU A 375 22.27 -24.62 -29.56
N PRO A 376 22.72 -25.87 -29.48
CA PRO A 376 22.72 -26.74 -30.66
C PRO A 376 21.35 -26.89 -31.30
N GLU A 377 20.31 -27.00 -30.49
CA GLU A 377 18.95 -27.12 -31.00
C GLU A 377 18.46 -25.81 -31.63
N LEU A 378 18.84 -24.68 -31.04
CA LEU A 378 18.46 -23.37 -31.55
C LEU A 378 19.21 -23.09 -32.83
N ARG A 379 20.49 -23.43 -32.83
CA ARG A 379 21.28 -23.29 -34.04
C ARG A 379 20.63 -24.10 -35.16
N ALA A 380 20.19 -25.31 -34.85
CA ALA A 380 19.59 -26.18 -35.85
C ALA A 380 18.29 -25.61 -36.35
N GLN A 381 17.40 -25.28 -35.42
CA GLN A 381 16.11 -24.74 -35.79
C GLN A 381 16.20 -23.48 -36.64
N LEU A 382 17.20 -22.64 -36.39
CA LEU A 382 17.30 -21.35 -37.11
C LEU A 382 18.00 -21.37 -38.47
N GLU A 383 18.83 -22.37 -38.75
CA GLU A 383 19.59 -22.41 -40.01
C GLU A 383 18.67 -22.34 -41.23
N THR A 384 17.55 -23.05 -41.14
CA THR A 384 16.59 -23.11 -42.22
C THR A 384 15.96 -21.76 -42.51
N VAL A 385 15.45 -21.12 -41.46
CA VAL A 385 14.82 -19.81 -41.58
C VAL A 385 15.66 -18.91 -42.47
N ASP A 386 15.13 -18.58 -43.64
CA ASP A 386 15.84 -17.69 -44.54
C ASP A 386 15.59 -16.25 -44.15
N SER A 387 16.63 -15.59 -43.66
CA SER A 387 16.54 -14.21 -43.18
C SER A 387 17.92 -13.83 -42.67
N ALA A 388 18.52 -12.81 -43.26
CA ALA A 388 19.85 -12.36 -42.87
C ALA A 388 19.91 -11.96 -41.39
N PRO A 389 18.98 -11.11 -40.93
CA PRO A 389 18.94 -10.73 -39.51
C PRO A 389 18.83 -11.94 -38.57
N VAL A 390 18.06 -12.97 -38.95
CA VAL A 390 17.97 -14.18 -38.14
C VAL A 390 19.31 -14.90 -38.04
N GLN A 391 20.02 -15.02 -39.17
CA GLN A 391 21.33 -15.71 -39.17
C GLN A 391 22.37 -14.88 -38.42
N ALA A 392 22.22 -13.56 -38.43
CA ALA A 392 23.10 -12.68 -37.67
C ALA A 392 22.90 -12.93 -36.18
N LEU A 393 21.66 -13.20 -35.79
CA LEU A 393 21.34 -13.48 -34.39
C LEU A 393 21.77 -14.89 -34.00
N ARG A 394 21.66 -15.82 -34.95
CA ARG A 394 22.05 -17.21 -34.73
C ARG A 394 23.54 -17.31 -34.45
N GLU A 395 24.33 -16.46 -35.11
CA GLU A 395 25.77 -16.44 -34.92
C GLU A 395 26.12 -15.81 -33.57
N LYS A 396 25.56 -14.63 -33.32
CA LYS A 396 25.81 -13.87 -32.10
C LYS A 396 25.56 -14.73 -30.86
N MET A 397 24.57 -15.61 -30.97
CA MET A 397 24.17 -16.53 -29.94
C MET A 397 25.29 -17.50 -29.54
N GLY A 398 26.15 -17.85 -30.48
CA GLY A 398 27.30 -18.71 -30.22
C GLY A 398 26.95 -20.14 -29.82
N GLU A 399 27.91 -20.82 -29.19
CA GLU A 399 27.70 -22.21 -28.76
C GLU A 399 28.44 -22.59 -27.46
N PHE A 400 29.70 -22.18 -27.33
CA PHE A 400 30.49 -22.41 -26.14
C PHE A 400 30.57 -23.89 -25.74
N ALA A 401 30.90 -24.74 -26.70
CA ALA A 401 30.98 -26.18 -26.42
C ALA A 401 31.94 -26.47 -25.27
N GLU A 402 33.12 -25.88 -25.31
CA GLU A 402 34.11 -26.11 -24.27
C GLU A 402 33.54 -25.77 -22.91
N LEU A 403 32.98 -24.58 -22.76
CA LEU A 403 32.42 -24.15 -21.48
C LEU A 403 31.31 -25.07 -21.02
N ARG A 404 30.51 -25.55 -21.96
CA ARG A 404 29.44 -26.49 -21.61
C ARG A 404 30.02 -27.75 -20.99
N ASP A 405 31.05 -28.29 -21.63
CA ASP A 405 31.66 -29.52 -21.19
C ASP A 405 32.31 -29.35 -19.83
N LEU A 406 32.94 -28.19 -19.62
CA LEU A 406 33.57 -27.89 -18.36
C LEU A 406 32.57 -27.97 -17.22
N LEU A 407 31.47 -27.23 -17.34
CA LEU A 407 30.46 -27.23 -16.28
C LEU A 407 29.85 -28.59 -16.09
N GLU A 408 29.81 -29.39 -17.16
CA GLU A 408 29.30 -30.74 -17.09
C GLU A 408 30.28 -31.61 -16.31
N ARG A 409 31.56 -31.37 -16.50
CA ARG A 409 32.60 -32.13 -15.80
C ARG A 409 32.84 -31.66 -14.36
N ALA A 410 32.62 -30.38 -14.07
CA ALA A 410 32.98 -29.83 -12.77
C ALA A 410 31.87 -29.73 -11.72
N ILE A 411 30.61 -29.75 -12.12
CA ILE A 411 29.52 -29.58 -11.16
C ILE A 411 28.51 -30.71 -11.25
N ILE A 412 27.93 -31.05 -10.12
CA ILE A 412 26.97 -32.15 -10.02
C ILE A 412 25.66 -31.80 -10.73
N ASP A 413 24.88 -32.82 -11.09
CA ASP A 413 23.59 -32.62 -11.76
C ASP A 413 22.73 -31.53 -11.12
N THR A 414 22.47 -31.65 -9.83
CA THR A 414 21.63 -30.72 -9.11
C THR A 414 22.32 -30.28 -7.82
N PRO A 415 23.18 -29.26 -7.94
CA PRO A 415 23.96 -28.79 -6.80
C PRO A 415 23.09 -28.07 -5.77
N PRO A 416 23.60 -27.89 -4.57
CA PRO A 416 22.86 -27.17 -3.54
C PRO A 416 22.92 -25.66 -3.73
N VAL A 417 22.10 -24.95 -2.96
CA VAL A 417 21.96 -23.49 -3.06
C VAL A 417 23.29 -22.74 -2.86
N LEU A 418 24.12 -23.22 -1.94
CA LEU A 418 25.36 -22.54 -1.60
C LEU A 418 26.58 -23.41 -1.78
N VAL A 419 27.76 -22.79 -1.84
CA VAL A 419 29.01 -23.52 -1.90
C VAL A 419 29.52 -23.81 -0.50
N ARG A 420 29.17 -22.92 0.43
CA ARG A 420 29.61 -22.98 1.83
C ARG A 420 29.80 -24.37 2.45
N ASP A 421 28.87 -25.29 2.22
CA ASP A 421 28.95 -26.62 2.83
C ASP A 421 29.31 -27.71 1.83
N GLY A 422 30.11 -27.36 0.83
CA GLY A 422 30.55 -28.33 -0.17
C GLY A 422 29.43 -29.05 -0.86
N GLY A 423 29.77 -30.18 -1.50
CA GLY A 423 28.80 -30.99 -2.22
C GLY A 423 28.40 -30.37 -3.54
N VAL A 424 29.30 -29.60 -4.13
CA VAL A 424 29.01 -28.89 -5.37
C VAL A 424 29.84 -29.46 -6.52
N ILE A 425 31.15 -29.49 -6.34
CA ILE A 425 32.04 -30.04 -7.34
C ILE A 425 31.89 -31.56 -7.38
N ALA A 426 31.68 -32.10 -8.58
CA ALA A 426 31.43 -33.52 -8.76
C ALA A 426 32.72 -34.35 -8.74
N SER A 427 32.56 -35.65 -8.55
CA SER A 427 33.69 -36.56 -8.53
C SER A 427 34.23 -36.78 -9.94
N GLY A 428 35.53 -37.01 -10.02
CA GLY A 428 36.19 -37.22 -11.28
C GLY A 428 36.76 -35.94 -11.84
N TYR A 429 36.37 -34.81 -11.26
CA TYR A 429 36.85 -33.53 -11.73
C TYR A 429 38.24 -33.22 -11.21
N ASN A 430 38.55 -33.67 -10.00
CA ASN A 430 39.86 -33.43 -9.39
C ASN A 430 40.25 -34.56 -8.44
N GLU A 431 41.37 -35.19 -8.72
CA GLU A 431 41.82 -36.34 -7.95
C GLU A 431 42.09 -36.07 -6.47
N GLU A 432 42.73 -34.95 -6.14
CA GLU A 432 42.99 -34.63 -4.74
C GLU A 432 41.67 -34.53 -3.96
N LEU A 433 40.69 -33.85 -4.53
CA LEU A 433 39.40 -33.70 -3.86
C LEU A 433 38.78 -35.06 -3.60
N ASP A 434 38.74 -35.90 -4.63
CA ASP A 434 38.16 -37.23 -4.50
C ASP A 434 38.82 -38.00 -3.35
N GLU A 435 40.13 -37.81 -3.19
CA GLU A 435 40.90 -38.49 -2.16
C GLU A 435 40.48 -38.06 -0.77
N TRP A 436 40.42 -36.75 -0.55
CA TRP A 436 40.03 -36.24 0.75
C TRP A 436 38.61 -36.66 1.10
N ARG A 437 37.76 -36.82 0.09
CA ARG A 437 36.37 -37.21 0.31
C ARG A 437 36.24 -38.69 0.70
N ALA A 438 37.19 -39.50 0.26
CA ALA A 438 37.18 -40.94 0.56
C ALA A 438 37.20 -41.17 2.06
N LEU A 439 38.03 -40.39 2.74
CA LEU A 439 38.14 -40.45 4.20
C LEU A 439 36.84 -40.04 4.85
N ALA A 440 36.31 -38.90 4.42
CA ALA A 440 35.06 -38.40 4.98
C ALA A 440 33.89 -39.35 4.67
N ASP A 441 34.07 -40.26 3.71
CA ASP A 441 33.02 -41.20 3.34
C ASP A 441 33.28 -42.63 3.80
N GLY A 442 34.39 -42.84 4.50
CA GLY A 442 34.65 -44.15 5.09
C GLY A 442 33.66 -44.28 6.23
N ALA A 443 33.10 -43.13 6.64
CA ALA A 443 32.14 -43.01 7.73
C ALA A 443 31.32 -44.25 8.00
N THR A 444 30.32 -44.56 7.18
CA THR A 444 29.54 -45.76 7.49
C THR A 444 29.76 -47.05 6.70
N ASP A 445 30.80 -47.67 7.17
CA ASP A 445 31.07 -49.07 7.12
C ASP A 445 31.82 -49.10 8.45
N TYR A 446 32.77 -48.17 8.64
CA TYR A 446 33.54 -48.09 9.86
C TYR A 446 32.69 -47.91 11.10
N LEU A 447 31.94 -46.81 11.15
CA LEU A 447 31.15 -46.50 12.32
C LEU A 447 30.20 -47.62 12.69
N GLU A 448 29.56 -48.22 11.69
CA GLU A 448 28.66 -49.31 11.97
C GLU A 448 29.46 -50.54 12.42
N ARG A 449 30.64 -50.72 11.86
CA ARG A 449 31.47 -51.87 12.19
C ARG A 449 31.94 -51.81 13.64
N LEU A 450 32.32 -50.62 14.07
CA LEU A 450 32.76 -50.41 15.44
C LEU A 450 31.60 -50.69 16.40
N GLU A 451 30.41 -50.25 16.01
CA GLU A 451 29.24 -50.41 16.85
C GLU A 451 28.95 -51.87 17.09
N VAL A 452 28.92 -52.65 16.02
CA VAL A 452 28.62 -54.08 16.12
C VAL A 452 29.70 -54.76 16.96
N ARG A 453 30.93 -54.63 16.50
CA ARG A 453 32.08 -55.17 17.17
C ARG A 453 32.06 -54.90 18.68
N GLU A 454 31.93 -53.63 19.07
CA GLU A 454 31.92 -53.27 20.47
C GLU A 454 30.66 -53.75 21.16
N ARG A 455 29.56 -53.85 20.43
CA ARG A 455 28.31 -54.33 21.02
C ARG A 455 28.41 -55.83 21.33
N GLU A 456 29.07 -56.59 20.45
CA GLU A 456 29.23 -58.03 20.66
C GLU A 456 30.26 -58.31 21.77
N ARG A 457 31.40 -57.65 21.69
CA ARG A 457 32.48 -57.84 22.65
C ARG A 457 32.03 -57.59 24.10
N THR A 458 31.29 -56.51 24.32
CA THR A 458 30.85 -56.13 25.67
C THR A 458 29.57 -56.81 26.10
N GLY A 459 28.71 -57.20 25.17
CA GLY A 459 27.47 -57.84 25.53
C GLY A 459 26.41 -56.88 26.05
N LEU A 460 26.61 -55.58 25.82
CA LEU A 460 25.70 -54.54 26.24
C LEU A 460 24.89 -54.13 25.01
N ASP A 461 23.66 -54.62 24.92
CA ASP A 461 22.85 -54.45 23.72
C ASP A 461 22.39 -53.02 23.41
N THR A 462 22.36 -52.13 24.40
CA THR A 462 22.00 -50.73 24.10
C THR A 462 23.15 -49.96 23.47
N LEU A 463 24.33 -50.56 23.40
CA LEU A 463 25.49 -49.84 22.88
C LEU A 463 25.23 -49.31 21.48
N LYS A 464 25.62 -48.06 21.23
CA LYS A 464 25.46 -47.43 19.92
C LYS A 464 26.59 -46.45 19.65
N VAL A 465 26.94 -46.25 18.39
CA VAL A 465 27.98 -45.27 18.04
C VAL A 465 27.30 -44.10 17.37
N GLY A 466 27.68 -42.89 17.77
CA GLY A 466 27.07 -41.71 17.21
C GLY A 466 28.03 -40.53 17.19
N PHE A 467 27.56 -39.41 16.64
CA PHE A 467 28.32 -38.16 16.56
C PHE A 467 27.50 -37.00 17.08
N ASN A 468 28.19 -36.04 17.67
CA ASN A 468 27.57 -34.85 18.20
C ASN A 468 28.53 -33.72 17.93
N ALA A 469 28.03 -32.62 17.39
CA ALA A 469 28.87 -31.49 16.99
C ALA A 469 29.57 -30.83 18.18
N VAL A 470 28.90 -30.80 19.31
CA VAL A 470 29.47 -30.19 20.51
C VAL A 470 30.53 -31.09 21.15
N HIS A 471 30.24 -32.37 21.28
CA HIS A 471 31.16 -33.27 21.98
C HIS A 471 31.96 -34.23 21.11
N GLY A 472 31.57 -34.41 19.85
CA GLY A 472 32.32 -35.28 18.94
C GLY A 472 31.74 -36.68 18.84
N TYR A 473 32.51 -37.61 18.29
CA TYR A 473 32.08 -39.00 18.21
C TYR A 473 32.03 -39.65 19.59
N TYR A 474 31.21 -40.69 19.73
CA TYR A 474 31.05 -41.35 20.99
C TYR A 474 30.47 -42.75 20.89
N ILE A 475 30.59 -43.48 22.00
CA ILE A 475 29.96 -44.78 22.16
C ILE A 475 28.94 -44.56 23.25
N GLN A 476 27.68 -44.94 22.99
CA GLN A 476 26.63 -44.68 23.96
C GLN A 476 26.13 -45.96 24.57
N ILE A 477 25.94 -45.94 25.88
CA ILE A 477 25.39 -47.06 26.61
C ILE A 477 24.34 -46.49 27.55
N SER A 478 23.22 -47.18 27.71
CA SER A 478 22.11 -46.69 28.54
C SER A 478 22.54 -46.55 29.97
N ARG A 479 21.88 -45.66 30.71
CA ARG A 479 22.20 -45.45 32.12
C ARG A 479 22.13 -46.77 32.87
N GLY A 480 21.14 -47.59 32.53
CA GLY A 480 20.94 -48.88 33.14
C GLY A 480 22.17 -49.77 33.12
N GLN A 481 22.71 -50.03 31.93
CA GLN A 481 23.89 -50.90 31.85
C GLN A 481 25.21 -50.15 31.75
N SER A 482 25.21 -48.85 32.03
CA SER A 482 26.43 -48.04 31.94
C SER A 482 27.50 -48.48 32.92
N HIS A 483 27.09 -48.90 34.10
CA HIS A 483 28.04 -49.37 35.11
C HIS A 483 28.79 -50.67 34.72
N LEU A 484 28.49 -51.23 33.55
CA LEU A 484 29.13 -52.44 33.05
C LEU A 484 30.14 -52.18 31.92
N ALA A 485 30.32 -50.92 31.53
CA ALA A 485 31.24 -50.58 30.46
C ALA A 485 32.67 -50.90 30.83
N PRO A 486 33.52 -51.18 29.85
CA PRO A 486 34.95 -51.36 30.14
C PRO A 486 35.53 -50.14 30.89
N ILE A 487 36.56 -50.35 31.70
CA ILE A 487 37.13 -49.27 32.47
C ILE A 487 38.08 -48.46 31.59
N ASN A 488 38.30 -49.02 30.41
CA ASN A 488 39.05 -48.46 29.29
C ASN A 488 38.28 -47.30 28.62
N TYR A 489 36.96 -47.30 28.78
CA TYR A 489 36.09 -46.32 28.16
C TYR A 489 36.19 -44.99 28.87
N MET A 490 36.53 -43.93 28.13
CA MET A 490 36.64 -42.57 28.69
C MET A 490 35.31 -41.86 28.63
N ARG A 491 34.86 -41.35 29.76
CA ARG A 491 33.58 -40.66 29.83
C ARG A 491 33.68 -39.32 29.14
N ARG A 492 32.77 -39.07 28.19
CA ARG A 492 32.81 -37.87 27.37
C ARG A 492 31.60 -36.97 27.61
N GLN A 493 30.40 -37.55 27.60
CA GLN A 493 29.16 -36.78 27.79
C GLN A 493 28.08 -37.58 28.54
N THR A 494 27.50 -36.96 29.56
CA THR A 494 26.46 -37.57 30.34
C THR A 494 25.10 -37.01 29.96
N LEU A 495 24.11 -37.89 29.89
CA LEU A 495 22.73 -37.51 29.60
C LEU A 495 21.85 -38.05 30.70
N LYS A 496 20.57 -37.68 30.70
CA LYS A 496 19.64 -38.12 31.76
C LYS A 496 19.55 -39.65 31.93
N ASN A 497 19.41 -40.37 30.82
CA ASN A 497 19.25 -41.82 30.82
C ASN A 497 20.30 -42.56 29.99
N ALA A 498 21.47 -41.96 29.79
CA ALA A 498 22.50 -42.55 28.95
C ALA A 498 23.88 -41.99 29.27
N GLU A 499 24.91 -42.70 28.87
CA GLU A 499 26.27 -42.27 29.13
C GLU A 499 27.07 -42.45 27.85
N ARG A 500 27.87 -41.44 27.50
CA ARG A 500 28.66 -41.46 26.26
C ARG A 500 30.14 -41.51 26.56
N TYR A 501 30.87 -42.32 25.79
CA TYR A 501 32.28 -42.51 26.05
C TYR A 501 33.08 -42.40 24.78
N ILE A 502 34.40 -42.28 24.95
CA ILE A 502 35.34 -42.24 23.83
C ILE A 502 36.47 -43.24 24.11
N ILE A 503 37.05 -43.81 23.05
CA ILE A 503 38.22 -44.67 23.16
C ILE A 503 39.21 -44.18 22.11
N PRO A 504 40.50 -44.47 22.30
CA PRO A 504 41.55 -43.98 21.39
C PRO A 504 41.27 -44.22 19.91
N GLU A 505 40.71 -45.38 19.58
CA GLU A 505 40.39 -45.74 18.21
C GLU A 505 39.41 -44.74 17.60
N LEU A 506 38.32 -44.49 18.32
CA LEU A 506 37.28 -43.61 17.86
C LEU A 506 37.79 -42.17 17.80
N LYS A 507 38.52 -41.76 18.82
CA LYS A 507 39.08 -40.43 18.86
C LYS A 507 39.97 -40.22 17.66
N GLU A 508 40.77 -41.22 17.36
CA GLU A 508 41.68 -41.18 16.23
C GLU A 508 40.91 -41.08 14.92
N TYR A 509 39.82 -41.83 14.81
CA TYR A 509 39.00 -41.76 13.61
C TYR A 509 38.38 -40.37 13.46
N GLU A 510 37.94 -39.82 14.59
CA GLU A 510 37.35 -38.49 14.61
C GLU A 510 38.35 -37.42 14.21
N ASP A 511 39.59 -37.53 14.70
CA ASP A 511 40.63 -36.53 14.43
C ASP A 511 41.03 -36.47 12.96
N LYS A 512 40.63 -37.46 12.16
CA LYS A 512 40.98 -37.48 10.75
C LYS A 512 39.78 -37.29 9.84
N VAL A 513 38.59 -37.45 10.40
CA VAL A 513 37.36 -37.30 9.66
C VAL A 513 37.00 -35.83 9.58
N LEU A 514 37.53 -35.05 10.51
CA LEU A 514 37.25 -33.65 10.57
C LEU A 514 38.34 -32.85 9.87
N THR A 515 39.60 -33.27 10.04
CA THR A 515 40.69 -32.57 9.35
C THR A 515 40.58 -32.76 7.83
N SER A 516 40.20 -33.96 7.41
CA SER A 516 40.06 -34.23 5.99
C SER A 516 38.81 -33.52 5.46
N LYS A 517 37.76 -33.49 6.26
CA LYS A 517 36.53 -32.78 5.89
C LYS A 517 36.84 -31.34 5.62
N GLY A 518 37.66 -30.73 6.47
CA GLY A 518 38.10 -29.35 6.31
C GLY A 518 38.93 -29.22 5.06
N LYS A 519 39.79 -30.20 4.83
CA LYS A 519 40.64 -30.20 3.65
C LYS A 519 39.78 -30.24 2.39
N ALA A 520 38.78 -31.11 2.40
CA ALA A 520 37.93 -31.29 1.24
C ALA A 520 37.16 -30.01 0.92
N LEU A 521 36.63 -29.40 1.95
CA LEU A 521 35.81 -28.22 1.81
C LEU A 521 36.59 -27.03 1.25
N ALA A 522 37.83 -26.86 1.72
CA ALA A 522 38.67 -25.77 1.28
C ALA A 522 39.05 -25.95 -0.18
N LEU A 523 39.37 -27.17 -0.58
CA LEU A 523 39.72 -27.44 -1.95
C LEU A 523 38.52 -27.19 -2.84
N GLU A 524 37.35 -27.67 -2.40
CA GLU A 524 36.13 -27.46 -3.16
C GLU A 524 35.95 -25.97 -3.46
N LYS A 525 36.12 -25.12 -2.44
CA LYS A 525 35.95 -23.68 -2.61
C LYS A 525 37.03 -23.06 -3.49
N GLN A 526 38.23 -23.64 -3.44
CA GLN A 526 39.32 -23.17 -4.28
C GLN A 526 39.04 -23.53 -5.76
N LEU A 527 38.50 -24.72 -5.99
CA LEU A 527 38.17 -25.15 -7.36
C LEU A 527 36.92 -24.43 -7.88
N TYR A 528 36.05 -23.99 -6.98
CA TYR A 528 34.83 -23.31 -7.40
C TYR A 528 35.23 -21.92 -7.89
N GLU A 529 36.08 -21.27 -7.11
CA GLU A 529 36.63 -19.99 -7.52
C GLU A 529 37.32 -20.15 -8.87
N GLU A 530 38.04 -21.25 -9.03
CA GLU A 530 38.80 -21.47 -10.25
C GLU A 530 37.90 -21.49 -11.48
N LEU A 531 36.67 -21.96 -11.33
CA LEU A 531 35.71 -21.96 -12.42
C LEU A 531 35.48 -20.56 -12.95
N PHE A 532 35.49 -19.57 -12.06
CA PHE A 532 35.28 -18.17 -12.45
C PHE A 532 36.40 -17.74 -13.36
N ASP A 533 37.64 -18.06 -12.97
CA ASP A 533 38.81 -17.71 -13.76
C ASP A 533 38.75 -18.32 -15.16
N LEU A 534 38.11 -19.47 -15.28
CA LEU A 534 38.02 -20.14 -16.56
C LEU A 534 36.88 -19.63 -17.39
N LEU A 535 35.84 -19.10 -16.76
CA LEU A 535 34.68 -18.59 -17.46
C LEU A 535 34.82 -17.12 -17.89
N LEU A 536 35.40 -16.32 -17.00
CA LEU A 536 35.52 -14.87 -17.19
C LEU A 536 36.16 -14.38 -18.49
N PRO A 537 37.22 -15.03 -18.96
CA PRO A 537 37.83 -14.63 -20.22
C PRO A 537 36.83 -14.60 -21.39
N HIS A 538 35.74 -15.32 -21.31
CA HIS A 538 34.75 -15.32 -22.36
C HIS A 538 33.54 -14.46 -22.03
N LEU A 539 33.63 -13.68 -20.97
CA LEU A 539 32.51 -12.85 -20.53
C LEU A 539 31.90 -12.02 -21.65
N GLU A 540 32.74 -11.38 -22.45
CA GLU A 540 32.27 -10.53 -23.55
C GLU A 540 31.42 -11.27 -24.60
N ALA A 541 31.87 -12.43 -25.02
CA ALA A 541 31.12 -13.22 -25.98
C ALA A 541 29.86 -13.80 -25.32
N LEU A 542 29.94 -14.10 -24.02
CA LEU A 542 28.76 -14.59 -23.32
C LEU A 542 27.66 -13.52 -23.19
N GLN A 543 28.04 -12.26 -23.01
CA GLN A 543 27.05 -11.18 -22.92
C GLN A 543 26.36 -10.96 -24.28
N GLN A 544 27.15 -11.01 -25.36
CA GLN A 544 26.59 -10.90 -26.68
C GLN A 544 25.59 -12.00 -26.90
N SER A 545 25.89 -13.18 -26.38
CA SER A 545 25.01 -14.31 -26.54
C SER A 545 23.68 -14.10 -25.84
N ALA A 546 23.71 -13.70 -24.58
CA ALA A 546 22.49 -13.47 -23.83
C ALA A 546 21.66 -12.35 -24.47
N SER A 547 22.34 -11.35 -25.01
CA SER A 547 21.67 -10.24 -25.63
C SER A 547 20.92 -10.71 -26.90
N ALA A 548 21.53 -11.63 -27.63
CA ALA A 548 20.89 -12.17 -28.84
C ALA A 548 19.76 -13.14 -28.45
N LEU A 549 19.96 -13.87 -27.37
CA LEU A 549 18.93 -14.77 -26.90
C LEU A 549 17.71 -13.99 -26.47
N ALA A 550 17.92 -12.84 -25.83
CA ALA A 550 16.81 -12.00 -25.40
C ALA A 550 16.08 -11.34 -26.60
N GLU A 551 16.84 -10.86 -27.58
CA GLU A 551 16.24 -10.28 -28.78
C GLU A 551 15.46 -11.34 -29.59
N LEU A 552 15.99 -12.54 -29.67
CA LEU A 552 15.29 -13.63 -30.31
C LEU A 552 13.95 -13.91 -29.63
N ASP A 553 13.96 -13.87 -28.30
CA ASP A 553 12.76 -14.13 -27.53
C ASP A 553 11.73 -13.02 -27.83
N VAL A 554 12.19 -11.79 -27.94
CA VAL A 554 11.29 -10.66 -28.22
C VAL A 554 10.65 -10.85 -29.60
N LEU A 555 11.48 -11.04 -30.60
CA LEU A 555 11.03 -11.12 -31.98
C LEU A 555 10.17 -12.37 -32.23
N VAL A 556 10.57 -13.51 -31.68
CA VAL A 556 9.76 -14.72 -31.81
C VAL A 556 8.37 -14.47 -31.22
N ASN A 557 8.34 -13.87 -30.04
CA ASN A 557 7.08 -13.50 -29.38
C ASN A 557 6.25 -12.53 -30.21
N LEU A 558 6.91 -11.52 -30.77
CA LEU A 558 6.19 -10.53 -31.58
C LEU A 558 5.63 -11.17 -32.84
N ALA A 559 6.32 -12.18 -33.36
CA ALA A 559 5.83 -12.91 -34.50
C ALA A 559 4.58 -13.73 -34.16
N GLU A 560 4.55 -14.33 -32.97
CA GLU A 560 3.41 -15.11 -32.57
C GLU A 560 2.20 -14.21 -32.30
N ARG A 561 2.44 -13.03 -31.71
CA ARG A 561 1.34 -12.09 -31.43
C ARG A 561 0.74 -11.61 -32.73
N ALA A 562 1.58 -11.25 -33.68
CA ALA A 562 1.14 -10.76 -34.98
C ALA A 562 0.21 -11.76 -35.69
N TYR A 563 0.55 -13.04 -35.60
CA TYR A 563 -0.24 -14.10 -36.20
C TYR A 563 -1.52 -14.30 -35.41
N THR A 564 -1.36 -14.53 -34.11
CA THR A 564 -2.48 -14.84 -33.24
C THR A 564 -3.49 -13.70 -33.15
N LEU A 565 -3.00 -12.48 -32.98
CA LEU A 565 -3.88 -11.33 -32.79
C LEU A 565 -4.30 -10.67 -34.11
N ASN A 566 -3.90 -11.27 -35.23
CA ASN A 566 -4.23 -10.76 -36.56
C ASN A 566 -3.70 -9.34 -36.83
N TYR A 567 -2.38 -9.21 -36.88
CA TYR A 567 -1.78 -7.92 -37.13
C TYR A 567 -1.17 -7.93 -38.52
N THR A 568 -0.87 -6.74 -39.03
CA THR A 568 -0.27 -6.60 -40.36
C THR A 568 1.00 -5.78 -40.30
N CYS A 569 1.84 -5.92 -41.31
CA CYS A 569 3.11 -5.22 -41.38
C CYS A 569 2.90 -3.80 -41.97
N PRO A 570 3.26 -2.76 -41.22
CA PRO A 570 3.12 -1.39 -41.70
C PRO A 570 4.27 -1.01 -42.62
N THR A 571 4.03 -0.08 -43.53
CA THR A 571 5.09 0.42 -44.41
C THR A 571 5.29 1.88 -44.07
N PHE A 572 6.47 2.39 -44.40
CA PHE A 572 6.82 3.78 -44.08
C PHE A 572 6.90 4.67 -45.31
N ILE A 573 6.42 5.90 -45.16
CA ILE A 573 6.45 6.87 -46.23
C ILE A 573 7.36 8.05 -45.87
N ASP A 574 7.84 8.75 -46.88
CA ASP A 574 8.82 9.82 -46.71
C ASP A 574 8.34 11.05 -45.95
N LYS A 575 7.08 11.42 -46.15
CA LYS A 575 6.56 12.62 -45.50
C LYS A 575 5.67 12.25 -44.35
N PRO A 576 5.51 13.16 -43.38
CA PRO A 576 4.67 12.87 -42.24
C PRO A 576 3.27 12.60 -42.68
N GLY A 577 2.68 11.54 -42.15
CA GLY A 577 1.32 11.19 -42.44
C GLY A 577 0.99 9.86 -41.81
N ILE A 578 -0.29 9.56 -41.66
CA ILE A 578 -0.72 8.30 -41.10
C ILE A 578 -1.95 7.81 -41.86
N ARG A 579 -1.86 6.64 -42.47
CA ARG A 579 -3.00 6.07 -43.21
C ARG A 579 -3.32 4.70 -42.68
N ILE A 580 -4.45 4.59 -41.98
CA ILE A 580 -4.87 3.35 -41.37
C ILE A 580 -6.14 2.82 -42.02
N THR A 581 -6.13 1.54 -42.34
CA THR A 581 -7.31 0.85 -42.84
C THR A 581 -7.71 -0.17 -41.78
N GLU A 582 -8.94 -0.04 -41.28
CA GLU A 582 -9.48 -0.94 -40.26
C GLU A 582 -8.53 -1.09 -39.08
N GLY A 583 -8.37 -0.01 -38.33
CA GLY A 583 -7.53 0.00 -37.16
C GLY A 583 -8.31 -0.29 -35.90
N ARG A 584 -7.65 -0.98 -34.98
CA ARG A 584 -8.22 -1.35 -33.71
C ARG A 584 -7.29 -0.94 -32.57
N HIS A 585 -7.88 -0.81 -31.37
CA HIS A 585 -7.12 -0.51 -30.18
C HIS A 585 -6.63 -1.88 -29.67
N PRO A 586 -5.33 -2.10 -29.66
CA PRO A 586 -4.75 -3.40 -29.33
C PRO A 586 -5.11 -3.93 -27.95
N VAL A 587 -5.34 -3.05 -27.00
CA VAL A 587 -5.70 -3.50 -25.66
C VAL A 587 -7.22 -3.66 -25.55
N VAL A 588 -7.92 -2.56 -25.77
CA VAL A 588 -9.37 -2.55 -25.68
C VAL A 588 -10.03 -3.72 -26.42
N GLU A 589 -9.49 -4.13 -27.57
CA GLU A 589 -10.12 -5.20 -28.34
C GLU A 589 -9.93 -6.58 -27.72
N GLN A 590 -9.10 -6.69 -26.69
CA GLN A 590 -8.87 -7.96 -26.03
C GLN A 590 -9.70 -8.06 -24.77
N VAL A 591 -9.83 -6.96 -24.06
CA VAL A 591 -10.59 -6.94 -22.83
C VAL A 591 -12.08 -6.94 -23.13
N LEU A 592 -12.50 -6.02 -23.98
CA LEU A 592 -13.90 -5.86 -24.32
C LEU A 592 -14.59 -7.17 -24.75
N ASN A 593 -15.67 -7.54 -24.07
CA ASN A 593 -16.42 -8.76 -24.40
C ASN A 593 -17.53 -8.49 -25.41
N GLU A 594 -17.09 -8.17 -26.64
CA GLU A 594 -17.96 -7.88 -27.78
C GLU A 594 -17.06 -7.33 -28.89
N PRO A 595 -17.44 -7.52 -30.15
CA PRO A 595 -16.61 -7.07 -31.29
C PRO A 595 -16.16 -5.61 -31.20
N PHE A 596 -14.92 -5.37 -31.60
CA PHE A 596 -14.40 -4.03 -31.63
C PHE A 596 -14.63 -3.48 -33.02
N ILE A 597 -15.20 -2.28 -33.10
CA ILE A 597 -15.45 -1.66 -34.38
C ILE A 597 -14.16 -1.01 -34.93
N ALA A 598 -13.60 -1.62 -35.98
CA ALA A 598 -12.38 -1.07 -36.61
C ALA A 598 -12.66 0.26 -37.33
N ASN A 599 -11.70 1.17 -37.30
CA ASN A 599 -11.88 2.48 -37.92
C ASN A 599 -10.68 2.90 -38.78
N PRO A 600 -10.91 3.75 -39.78
CA PRO A 600 -9.81 4.28 -40.59
C PRO A 600 -9.30 5.61 -40.08
N LEU A 601 -8.18 6.03 -40.64
CA LEU A 601 -7.60 7.31 -40.33
C LEU A 601 -6.81 7.76 -41.55
N ASN A 602 -6.88 9.06 -41.85
CA ASN A 602 -6.16 9.64 -42.98
C ASN A 602 -5.64 10.98 -42.53
N LEU A 603 -4.35 11.02 -42.20
CA LEU A 603 -3.70 12.24 -41.86
C LEU A 603 -2.62 12.46 -42.88
N SER A 604 -2.41 13.72 -43.28
CA SER A 604 -1.36 14.07 -44.25
C SER A 604 -1.02 15.53 -44.06
N PRO A 605 -0.04 16.04 -44.80
CA PRO A 605 0.30 17.48 -44.70
C PRO A 605 -0.83 18.37 -45.21
N GLN A 606 -1.71 17.83 -46.03
CA GLN A 606 -2.89 18.59 -46.46
C GLN A 606 -4.03 18.40 -45.47
N ARG A 607 -4.08 17.24 -44.84
CA ARG A 607 -5.16 16.89 -43.91
C ARG A 607 -4.48 16.57 -42.60
N ARG A 608 -4.01 17.62 -41.95
CA ARG A 608 -3.13 17.49 -40.81
C ARG A 608 -3.76 17.64 -39.42
N MET A 609 -4.98 18.17 -39.36
CA MET A 609 -5.67 18.31 -38.08
C MET A 609 -7.10 17.87 -38.22
N LEU A 610 -7.50 16.92 -37.38
CA LEU A 610 -8.86 16.44 -37.35
C LEU A 610 -9.56 16.88 -36.08
N ILE A 611 -10.69 17.57 -36.26
CA ILE A 611 -11.53 17.93 -35.12
C ILE A 611 -12.50 16.82 -34.97
N ILE A 612 -12.51 16.22 -33.79
CA ILE A 612 -13.31 15.04 -33.53
C ILE A 612 -14.42 15.37 -32.57
N THR A 613 -15.65 15.12 -33.01
CA THR A 613 -16.85 15.30 -32.19
C THR A 613 -17.57 13.97 -32.10
N GLY A 614 -18.57 13.92 -31.25
CA GLY A 614 -19.32 12.71 -31.03
C GLY A 614 -19.72 12.77 -29.59
N PRO A 615 -20.69 11.98 -29.18
CA PRO A 615 -21.18 12.05 -27.81
C PRO A 615 -20.24 11.42 -26.81
N ASN A 616 -20.44 11.79 -25.57
CA ASN A 616 -19.76 11.18 -24.45
C ASN A 616 -19.92 9.69 -24.52
N MET A 617 -18.83 8.96 -24.34
CA MET A 617 -18.83 7.50 -24.43
C MET A 617 -18.96 7.01 -25.87
N GLY A 618 -18.87 7.93 -26.83
CA GLY A 618 -18.98 7.60 -28.23
C GLY A 618 -17.71 7.03 -28.87
N GLY A 619 -16.58 7.05 -28.14
CA GLY A 619 -15.35 6.47 -28.65
C GLY A 619 -14.24 7.43 -29.05
N LYS A 620 -14.37 8.68 -28.68
CA LYS A 620 -13.39 9.68 -29.04
C LYS A 620 -11.96 9.39 -28.52
N SER A 621 -11.80 9.31 -27.21
CA SER A 621 -10.47 9.06 -26.61
C SER A 621 -9.85 7.75 -27.10
N THR A 622 -10.65 6.74 -27.31
CA THR A 622 -10.14 5.46 -27.77
C THR A 622 -9.56 5.58 -29.16
N TYR A 623 -10.22 6.36 -30.02
CA TYR A 623 -9.80 6.50 -31.41
C TYR A 623 -8.44 7.16 -31.46
N MET A 624 -8.25 8.15 -30.60
CA MET A 624 -7.00 8.89 -30.51
C MET A 624 -5.93 8.01 -29.96
N ARG A 625 -6.24 7.31 -28.88
CA ARG A 625 -5.26 6.45 -28.28
C ARG A 625 -4.73 5.31 -29.19
N GLN A 626 -5.62 4.73 -30.00
CA GLN A 626 -5.20 3.63 -30.86
C GLN A 626 -4.29 4.14 -31.99
N THR A 627 -4.45 5.40 -32.36
CA THR A 627 -3.58 6.02 -33.35
C THR A 627 -2.16 6.05 -32.83
N ALA A 628 -2.03 6.51 -31.58
CA ALA A 628 -0.74 6.60 -30.93
C ALA A 628 -0.08 5.22 -30.74
N LEU A 629 -0.88 4.24 -30.31
CA LEU A 629 -0.37 2.88 -30.08
C LEU A 629 0.08 2.23 -31.41
N ILE A 630 -0.67 2.46 -32.47
CA ILE A 630 -0.31 1.93 -33.77
C ILE A 630 1.00 2.51 -34.24
N ALA A 631 1.15 3.82 -34.07
CA ALA A 631 2.41 4.48 -34.37
C ALA A 631 3.53 3.92 -33.52
N LEU A 632 3.26 3.76 -32.24
CA LEU A 632 4.25 3.27 -31.32
C LEU A 632 4.71 1.88 -31.75
N MET A 633 3.74 1.04 -32.08
CA MET A 633 4.04 -0.33 -32.45
C MET A 633 4.78 -0.43 -33.77
N ALA A 634 4.52 0.47 -34.70
CA ALA A 634 5.24 0.45 -35.97
C ALA A 634 6.69 0.81 -35.77
N TYR A 635 6.94 1.68 -34.81
CA TYR A 635 8.29 2.15 -34.59
C TYR A 635 9.12 1.36 -33.58
N ILE A 636 8.67 0.14 -33.25
CA ILE A 636 9.50 -0.84 -32.55
C ILE A 636 9.80 -2.02 -33.49
N GLY A 637 9.28 -1.94 -34.70
CA GLY A 637 9.47 -2.96 -35.71
C GLY A 637 8.42 -4.04 -35.65
N SER A 638 7.32 -3.80 -34.95
CA SER A 638 6.30 -4.82 -34.76
C SER A 638 5.17 -4.68 -35.76
N TYR A 639 4.44 -5.77 -36.00
CA TYR A 639 3.25 -5.73 -36.82
C TYR A 639 2.15 -5.01 -36.01
N VAL A 640 1.10 -4.57 -36.70
CA VAL A 640 0.12 -3.66 -36.13
C VAL A 640 -1.34 -4.11 -36.27
N PRO A 641 -2.17 -3.78 -35.30
CA PRO A 641 -3.59 -4.09 -35.36
C PRO A 641 -4.38 -3.34 -36.43
N ALA A 642 -4.24 -3.74 -37.67
CA ALA A 642 -5.00 -3.11 -38.73
C ALA A 642 -5.00 -3.94 -39.98
N GLN A 643 -5.79 -3.54 -40.96
CA GLN A 643 -5.78 -4.22 -42.23
C GLN A 643 -4.57 -3.72 -43.00
N LYS A 644 -4.28 -2.42 -42.87
CA LYS A 644 -3.15 -1.80 -43.55
C LYS A 644 -2.77 -0.49 -42.86
N VAL A 645 -1.49 -0.17 -42.91
CA VAL A 645 -0.97 1.05 -42.31
C VAL A 645 0.24 1.53 -43.07
N GLU A 646 0.18 2.79 -43.50
CA GLU A 646 1.29 3.52 -44.10
C GLU A 646 1.53 4.64 -43.14
N ILE A 647 2.77 4.78 -42.68
CA ILE A 647 3.10 5.80 -41.68
C ILE A 647 4.39 6.52 -42.00
N GLY A 648 4.39 7.83 -41.83
CA GLY A 648 5.55 8.64 -42.04
C GLY A 648 6.33 8.87 -40.77
N PRO A 649 7.42 9.61 -40.87
CA PRO A 649 8.27 9.88 -39.71
C PRO A 649 7.58 10.70 -38.61
N ILE A 650 7.82 10.30 -37.37
CA ILE A 650 7.33 11.01 -36.20
C ILE A 650 8.50 11.28 -35.25
N ASP A 651 8.69 12.52 -34.84
CA ASP A 651 9.73 12.86 -33.89
C ASP A 651 9.25 12.79 -32.45
N ARG A 652 7.99 13.15 -32.20
CA ARG A 652 7.48 13.22 -30.84
C ARG A 652 5.99 12.99 -30.77
N ILE A 653 5.53 12.49 -29.64
CA ILE A 653 4.12 12.33 -29.40
C ILE A 653 3.78 13.13 -28.15
N PHE A 654 2.79 14.02 -28.27
CA PHE A 654 2.33 14.84 -27.16
C PHE A 654 0.86 14.50 -26.84
N THR A 655 0.52 14.62 -25.57
CA THR A 655 -0.83 14.36 -25.14
C THR A 655 -1.23 15.37 -24.06
N ARG A 656 -2.49 15.80 -24.13
CA ARG A 656 -3.05 16.72 -23.17
C ARG A 656 -4.46 16.21 -22.94
N VAL A 657 -4.75 15.76 -21.74
CA VAL A 657 -6.08 15.23 -21.43
C VAL A 657 -6.76 16.19 -20.46
N GLY A 658 -7.71 16.96 -21.01
CA GLY A 658 -8.45 18.01 -20.31
C GLY A 658 -9.15 17.59 -19.03
N ALA A 659 -8.50 17.93 -17.90
CA ALA A 659 -8.95 17.64 -16.52
C ALA A 659 -8.00 16.62 -15.88
N SER A 668 -3.38 25.22 -8.63
CA SER A 668 -4.39 24.36 -9.25
C SER A 668 -4.33 24.02 -10.71
N THR A 669 -5.44 23.41 -11.13
CA THR A 669 -5.65 23.04 -12.49
C THR A 669 -5.84 24.33 -13.28
N PHE A 670 -6.08 24.18 -14.56
CA PHE A 670 -5.95 25.27 -15.51
C PHE A 670 -4.56 25.90 -15.53
N MET A 671 -3.89 26.01 -14.38
CA MET A 671 -2.50 26.43 -14.39
C MET A 671 -1.64 25.32 -15.02
N VAL A 672 -1.97 24.07 -14.68
CA VAL A 672 -1.24 22.93 -15.22
C VAL A 672 -1.67 22.65 -16.65
N GLU A 673 -2.97 22.69 -16.91
CA GLU A 673 -3.46 22.48 -18.26
C GLU A 673 -2.79 23.47 -19.22
N MET A 674 -2.69 24.74 -18.81
CA MET A 674 -2.10 25.76 -19.66
C MET A 674 -0.61 25.62 -19.79
N THR A 675 0.06 25.25 -18.72
CA THR A 675 1.49 25.05 -18.78
C THR A 675 1.80 23.96 -19.79
N GLU A 676 1.08 22.86 -19.70
CA GLU A 676 1.32 21.71 -20.57
C GLU A 676 1.03 22.03 -22.03
N THR A 677 -0.07 22.72 -22.32
CA THR A 677 -0.36 23.09 -23.70
C THR A 677 0.73 24.04 -24.23
N ALA A 678 1.24 24.91 -23.36
CA ALA A 678 2.32 25.80 -23.74
C ALA A 678 3.58 25.01 -24.13
N ASN A 679 3.83 23.90 -23.43
CA ASN A 679 4.97 23.06 -23.74
C ASN A 679 4.82 22.45 -25.10
N ILE A 680 3.61 21.99 -25.38
CA ILE A 680 3.30 21.46 -26.70
C ILE A 680 3.51 22.51 -27.80
N LEU A 681 2.98 23.71 -27.63
CA LEU A 681 3.10 24.72 -28.67
C LEU A 681 4.55 25.18 -28.87
N HIS A 682 5.36 25.10 -27.81
CA HIS A 682 6.74 25.52 -27.92
C HIS A 682 7.64 24.46 -28.52
N ASN A 683 7.28 23.19 -28.41
CA ASN A 683 8.20 22.11 -28.86
C ASN A 683 7.75 21.17 -29.99
N ALA A 684 6.48 21.19 -30.35
CA ALA A 684 5.99 20.35 -31.45
C ALA A 684 6.54 20.83 -32.79
N THR A 685 6.69 19.92 -33.76
CA THR A 685 7.11 20.28 -35.12
C THR A 685 6.16 19.63 -36.15
N GLU A 686 6.47 19.82 -37.44
CA GLU A 686 5.69 19.20 -38.54
C GLU A 686 5.74 17.70 -38.45
N TYR A 687 6.70 17.16 -37.71
CA TYR A 687 6.83 15.71 -37.57
C TYR A 687 6.23 15.19 -36.27
N SER A 688 5.60 16.06 -35.48
CA SER A 688 5.00 15.63 -34.24
C SER A 688 3.56 15.15 -34.36
N LEU A 689 3.22 14.17 -33.54
CA LEU A 689 1.86 13.73 -33.42
C LEU A 689 1.33 14.32 -32.12
N VAL A 690 0.30 15.17 -32.21
CA VAL A 690 -0.30 15.85 -31.05
C VAL A 690 -1.71 15.34 -30.80
N LEU A 691 -1.97 14.92 -29.56
CA LEU A 691 -3.30 14.44 -29.17
C LEU A 691 -3.91 15.35 -28.07
N MET A 692 -4.87 16.19 -28.47
CA MET A 692 -5.56 17.11 -27.55
C MET A 692 -6.92 16.54 -27.23
N ASP A 693 -7.13 16.17 -25.96
CA ASP A 693 -8.41 15.57 -25.54
C ASP A 693 -9.25 16.50 -24.63
N GLU A 694 -10.20 17.21 -25.23
CA GLU A 694 -11.15 18.09 -24.52
C GLU A 694 -10.47 19.20 -23.70
N ILE A 695 -9.58 19.92 -24.35
CA ILE A 695 -8.84 20.99 -23.69
C ILE A 695 -9.62 22.29 -23.74
N GLY A 696 -9.06 23.30 -23.09
CA GLY A 696 -9.63 24.63 -23.14
C GLY A 696 -10.71 24.78 -22.11
N ARG A 697 -10.31 25.25 -20.93
CA ARG A 697 -11.21 25.32 -19.83
C ARG A 697 -10.87 26.55 -19.01
N GLY A 698 -11.75 27.56 -19.08
CA GLY A 698 -11.54 28.82 -18.39
C GLY A 698 -12.55 29.04 -17.28
N THR A 699 -12.67 30.29 -16.85
CA THR A 699 -13.55 30.63 -15.75
C THR A 699 -14.91 31.16 -16.16
N SER A 700 -15.12 31.32 -17.46
CA SER A 700 -16.37 31.89 -17.96
C SER A 700 -16.92 31.02 -19.09
N THR A 701 -17.96 31.47 -19.77
CA THR A 701 -18.55 30.69 -20.86
C THR A 701 -17.59 30.39 -21.99
N TYR A 702 -16.88 31.42 -22.44
CA TYR A 702 -16.08 31.34 -23.67
C TYR A 702 -14.56 31.50 -23.59
N ASP A 703 -14.00 31.92 -22.45
CA ASP A 703 -12.52 32.04 -22.41
C ASP A 703 -11.80 30.74 -22.70
N GLY A 704 -12.26 29.65 -22.14
CA GLY A 704 -11.64 28.37 -22.40
C GLY A 704 -11.71 27.97 -23.88
N LEU A 705 -12.90 28.03 -24.48
CA LEU A 705 -13.09 27.72 -25.90
C LEU A 705 -12.22 28.63 -26.77
N SER A 706 -12.18 29.91 -26.43
CA SER A 706 -11.38 30.87 -27.13
C SER A 706 -9.92 30.46 -27.17
N LEU A 707 -9.41 29.95 -26.06
CA LEU A 707 -8.02 29.50 -26.00
C LEU A 707 -7.81 28.22 -26.79
N ALA A 708 -8.77 27.29 -26.72
CA ALA A 708 -8.63 26.05 -27.49
C ALA A 708 -8.63 26.37 -28.98
N TRP A 709 -9.47 27.31 -29.37
CA TRP A 709 -9.52 27.81 -30.75
C TRP A 709 -8.18 28.40 -31.15
N ALA A 710 -7.65 29.29 -30.31
CA ALA A 710 -6.39 29.93 -30.65
C ALA A 710 -5.31 28.88 -30.71
N CYS A 711 -5.36 27.94 -29.77
CA CYS A 711 -4.38 26.88 -29.74
C CYS A 711 -4.46 26.02 -31.00
N ALA A 712 -5.68 25.66 -31.41
CA ALA A 712 -5.85 24.80 -32.60
C ALA A 712 -5.31 25.47 -33.87
N GLU A 713 -5.62 26.75 -34.00
CA GLU A 713 -5.14 27.56 -35.12
C GLU A 713 -3.61 27.58 -35.18
N ASN A 714 -2.96 27.79 -34.05
CA ASN A 714 -1.51 27.76 -34.01
C ASN A 714 -0.97 26.39 -34.46
N LEU A 715 -1.53 25.32 -33.93
CA LEU A 715 -1.11 23.98 -34.33
C LEU A 715 -1.33 23.74 -35.83
N ALA A 716 -2.42 24.25 -36.39
CA ALA A 716 -2.68 24.02 -37.82
C ALA A 716 -1.88 24.93 -38.75
N ASN A 717 -1.81 26.21 -38.42
CA ASN A 717 -1.20 27.19 -39.30
C ASN A 717 0.30 27.48 -39.13
N LYS A 718 0.83 27.40 -37.90
CA LYS A 718 2.27 27.69 -37.68
C LYS A 718 3.13 26.44 -37.48
N ILE A 719 2.77 25.62 -36.52
CA ILE A 719 3.48 24.38 -36.28
C ILE A 719 3.29 23.36 -37.40
N LYS A 720 2.05 23.17 -37.83
CA LYS A 720 1.70 22.18 -38.86
C LYS A 720 1.88 20.70 -38.45
N ALA A 721 1.84 20.41 -37.17
CA ALA A 721 1.96 19.04 -36.69
C ALA A 721 0.74 18.21 -37.07
N LEU A 722 0.84 16.89 -36.96
CA LEU A 722 -0.32 16.02 -37.14
C LEU A 722 -1.09 16.05 -35.81
N THR A 723 -2.36 16.44 -35.87
CA THR A 723 -3.11 16.67 -34.65
C THR A 723 -4.46 16.00 -34.64
N LEU A 724 -4.79 15.38 -33.52
CA LEU A 724 -6.12 14.87 -33.31
C LEU A 724 -6.67 15.68 -32.11
N PHE A 725 -7.80 16.34 -32.33
CA PHE A 725 -8.35 17.32 -31.38
C PHE A 725 -9.78 16.95 -31.04
N ALA A 726 -9.96 16.11 -30.03
CA ALA A 726 -11.29 15.75 -29.58
C ALA A 726 -11.88 16.89 -28.76
N THR A 727 -13.13 17.24 -28.99
CA THR A 727 -13.70 18.34 -28.24
C THR A 727 -15.20 18.22 -28.15
N HIS A 728 -15.78 18.86 -27.15
CA HIS A 728 -17.22 18.91 -27.06
C HIS A 728 -17.69 20.29 -27.44
N TYR A 729 -16.75 21.15 -27.81
CA TYR A 729 -17.10 22.51 -28.22
C TYR A 729 -17.50 22.51 -29.67
N PHE A 730 -18.79 22.65 -29.93
CA PHE A 730 -19.28 22.61 -31.30
C PHE A 730 -18.81 23.77 -32.12
N GLU A 731 -18.53 24.88 -31.46
CA GLU A 731 -17.99 26.05 -32.13
C GLU A 731 -16.76 25.68 -32.98
N LEU A 732 -15.96 24.72 -32.52
CA LEU A 732 -14.72 24.34 -33.22
C LEU A 732 -14.96 23.59 -34.54
N THR A 733 -16.20 23.10 -34.77
CA THR A 733 -16.50 22.40 -36.02
C THR A 733 -16.53 23.39 -37.21
N GLN A 734 -16.39 24.67 -36.90
CA GLN A 734 -16.31 25.75 -37.88
C GLN A 734 -14.88 25.96 -38.40
N LEU A 735 -13.89 25.38 -37.71
CA LEU A 735 -12.49 25.58 -38.08
C LEU A 735 -12.12 25.20 -39.52
N PRO A 736 -12.50 24.02 -39.97
CA PRO A 736 -12.22 23.62 -41.35
C PRO A 736 -12.59 24.67 -42.40
N GLU A 737 -13.68 25.41 -42.20
CA GLU A 737 -14.05 26.45 -43.15
C GLU A 737 -12.99 27.51 -43.22
N LYS A 738 -12.50 27.86 -42.04
CA LYS A 738 -11.54 28.95 -41.90
C LYS A 738 -10.08 28.62 -42.17
N MET A 739 -9.61 27.44 -41.78
CA MET A 739 -8.16 27.15 -41.84
C MET A 739 -7.84 26.01 -42.76
N GLU A 740 -6.80 26.21 -43.58
CA GLU A 740 -6.29 25.13 -44.43
C GLU A 740 -5.75 24.04 -43.52
N GLY A 741 -5.88 22.79 -43.95
CA GLY A 741 -5.34 21.66 -43.22
C GLY A 741 -6.20 21.06 -42.12
N VAL A 742 -7.31 21.70 -41.77
CA VAL A 742 -8.19 21.21 -40.70
C VAL A 742 -9.45 20.60 -41.27
N ALA A 743 -9.90 19.49 -40.68
CA ALA A 743 -11.10 18.82 -41.13
C ALA A 743 -11.90 18.24 -39.96
N ASN A 744 -13.18 17.97 -40.20
CA ASN A 744 -14.07 17.40 -39.18
C ASN A 744 -14.28 15.91 -39.37
N VAL A 745 -14.30 15.18 -38.27
CA VAL A 745 -14.74 13.79 -38.24
C VAL A 745 -15.55 13.64 -36.94
N HIS A 746 -16.31 12.57 -36.82
CA HIS A 746 -17.11 12.34 -35.61
C HIS A 746 -17.44 10.87 -35.37
N LEU A 747 -17.76 10.55 -34.13
CA LEU A 747 -18.17 9.19 -33.81
C LEU A 747 -19.67 9.17 -33.89
N ASP A 748 -20.19 8.21 -34.66
CA ASP A 748 -21.62 8.13 -34.95
C ASP A 748 -22.44 7.66 -33.74
N ALA A 749 -23.60 8.27 -33.54
CA ALA A 749 -24.52 7.84 -32.50
C ALA A 749 -25.92 7.80 -33.10
N LEU A 750 -26.79 6.97 -32.54
CA LEU A 750 -28.17 6.89 -33.01
C LEU A 750 -29.20 7.11 -31.90
N GLU A 751 -30.08 8.09 -32.10
CA GLU A 751 -31.14 8.42 -31.17
C GLU A 751 -32.49 7.84 -31.63
N HIS A 752 -32.94 6.78 -30.96
CA HIS A 752 -34.24 6.20 -31.27
C HIS A 752 -35.12 6.32 -30.05
N GLY A 753 -36.14 7.18 -30.12
CA GLY A 753 -37.00 7.43 -28.97
C GLY A 753 -36.17 7.84 -27.76
N ASP A 754 -36.45 7.22 -26.62
CA ASP A 754 -35.73 7.52 -25.39
C ASP A 754 -34.57 6.57 -25.16
N THR A 755 -33.62 6.56 -26.10
CA THR A 755 -32.41 5.76 -25.95
C THR A 755 -31.36 6.24 -26.95
N ILE A 756 -30.11 5.97 -26.63
CA ILE A 756 -28.99 6.36 -27.47
C ILE A 756 -28.04 5.18 -27.64
N ALA A 757 -27.74 4.84 -28.90
CA ALA A 757 -26.83 3.74 -29.21
C ALA A 757 -25.52 4.32 -29.75
N PHE A 758 -24.40 3.81 -29.24
CA PHE A 758 -23.09 4.28 -29.66
C PHE A 758 -22.51 3.35 -30.70
N MET A 759 -22.39 3.85 -31.93
CA MET A 759 -21.94 3.05 -33.06
C MET A 759 -20.43 2.80 -33.05
N HIS A 760 -19.68 3.69 -32.40
CA HIS A 760 -18.22 3.57 -32.29
C HIS A 760 -17.46 3.66 -33.61
N SER A 761 -18.07 4.20 -34.66
CA SER A 761 -17.37 4.28 -35.94
C SER A 761 -17.19 5.71 -36.40
N VAL A 762 -15.99 6.01 -36.86
CA VAL A 762 -15.65 7.34 -37.31
C VAL A 762 -16.21 7.62 -38.71
N GLN A 763 -16.79 8.80 -38.88
CA GLN A 763 -17.34 9.25 -40.15
C GLN A 763 -16.81 10.62 -40.42
N ASP A 764 -16.75 10.99 -41.68
CA ASP A 764 -16.31 12.34 -42.06
C ASP A 764 -17.41 13.35 -41.78
N GLY A 765 -17.00 14.60 -41.61
CA GLY A 765 -17.92 15.69 -41.32
C GLY A 765 -18.13 15.86 -39.83
N ALA A 766 -18.83 16.92 -39.45
CA ALA A 766 -19.15 17.16 -38.06
C ALA A 766 -20.39 16.35 -37.70
N ALA A 767 -20.52 16.02 -36.43
CA ALA A 767 -21.69 15.32 -35.94
C ALA A 767 -22.92 16.16 -36.23
N SER A 768 -24.09 15.53 -36.30
CA SER A 768 -25.32 16.24 -36.61
C SER A 768 -25.73 17.12 -35.46
N LYS A 769 -25.49 16.64 -34.25
CA LYS A 769 -25.86 17.37 -33.06
C LYS A 769 -25.01 16.92 -31.87
N SER A 770 -25.02 17.71 -30.80
CA SER A 770 -24.38 17.33 -29.56
C SER A 770 -25.49 16.64 -28.78
N TYR A 771 -25.16 15.56 -28.08
CA TYR A 771 -26.15 14.74 -27.39
C TYR A 771 -26.16 14.96 -25.88
N GLY A 772 -25.68 16.11 -25.44
CA GLY A 772 -25.67 16.44 -24.02
C GLY A 772 -26.99 16.15 -23.31
N LEU A 773 -28.07 16.69 -23.82
CA LEU A 773 -29.37 16.49 -23.20
C LEU A 773 -29.80 15.02 -23.18
N ALA A 774 -29.52 14.28 -24.24
CA ALA A 774 -29.86 12.85 -24.29
C ALA A 774 -29.04 12.08 -23.26
N VAL A 775 -27.77 12.42 -23.16
CA VAL A 775 -26.89 11.76 -22.20
C VAL A 775 -27.35 12.11 -20.80
N ALA A 776 -27.79 13.34 -20.59
CA ALA A 776 -28.29 13.74 -19.28
C ALA A 776 -29.59 13.01 -18.95
N ALA A 777 -30.44 12.79 -19.94
CA ALA A 777 -31.67 12.05 -19.73
C ALA A 777 -31.35 10.59 -19.40
N LEU A 778 -30.29 10.09 -20.02
CA LEU A 778 -29.81 8.75 -19.77
C LEU A 778 -29.26 8.63 -18.33
N ALA A 779 -28.75 9.74 -17.80
CA ALA A 779 -28.22 9.74 -16.45
C ALA A 779 -29.32 9.81 -15.38
N GLY A 780 -30.58 9.95 -15.80
CA GLY A 780 -31.71 9.96 -14.87
C GLY A 780 -32.35 11.31 -14.55
N VAL A 781 -31.92 12.38 -15.24
CA VAL A 781 -32.41 13.72 -14.97
C VAL A 781 -33.86 13.78 -15.36
N PRO A 782 -34.72 14.25 -14.44
CA PRO A 782 -36.17 14.29 -14.65
C PRO A 782 -36.59 14.83 -16.00
N LYS A 783 -37.60 14.20 -16.60
CA LYS A 783 -38.08 14.56 -17.95
C LYS A 783 -38.60 16.01 -18.07
N GLU A 784 -39.12 16.52 -16.97
CA GLU A 784 -39.60 17.88 -16.88
C GLU A 784 -38.41 18.86 -17.09
N VAL A 785 -37.27 18.52 -16.53
CA VAL A 785 -36.08 19.36 -16.65
C VAL A 785 -35.55 19.28 -18.06
N ILE A 786 -35.42 18.07 -18.57
CA ILE A 786 -34.93 17.87 -19.92
C ILE A 786 -35.83 18.62 -20.90
N LYS A 787 -37.14 18.62 -20.63
CA LYS A 787 -38.10 19.32 -21.47
C LYS A 787 -37.85 20.81 -21.42
N ARG A 788 -37.58 21.35 -20.25
CA ARG A 788 -37.22 22.77 -20.16
C ARG A 788 -35.90 23.09 -20.84
N ALA A 789 -34.95 22.16 -20.74
CA ALA A 789 -33.65 22.35 -21.35
C ALA A 789 -33.73 22.37 -22.88
N ARG A 790 -34.54 21.49 -23.45
CA ARG A 790 -34.77 21.45 -24.90
C ARG A 790 -35.44 22.72 -25.39
N GLN A 791 -36.32 23.28 -24.59
CA GLN A 791 -36.93 24.55 -24.92
C GLN A 791 -35.82 25.64 -24.92
N LYS A 792 -35.03 25.70 -23.86
CA LYS A 792 -33.96 26.67 -23.78
C LYS A 792 -33.02 26.52 -24.96
N LEU A 793 -32.68 25.28 -25.28
CA LEU A 793 -31.80 25.00 -26.39
C LEU A 793 -32.32 25.60 -27.72
N ARG A 794 -33.63 25.54 -27.96
CA ARG A 794 -34.18 26.06 -29.22
C ARG A 794 -34.20 27.57 -29.24
N GLU A 795 -34.09 28.21 -28.08
CA GLU A 795 -33.92 29.66 -28.05
C GLU A 795 -32.51 29.93 -28.55
N LEU A 796 -31.53 29.27 -27.92
CA LEU A 796 -30.12 29.45 -28.26
C LEU A 796 -29.83 29.17 -29.73
N GLU A 797 -30.37 28.08 -30.24
CA GLU A 797 -30.13 27.68 -31.61
C GLU A 797 -30.73 28.63 -32.68
N SER A 798 -31.58 29.55 -32.25
CA SER A 798 -32.20 30.46 -33.19
C SER A 798 -31.44 31.78 -33.30
N ILE A 799 -30.39 31.94 -32.50
CA ILE A 799 -29.57 33.16 -32.55
C ILE A 799 -28.94 33.29 -33.93
N SER A 800 -28.53 32.15 -34.49
CA SER A 800 -27.97 32.11 -35.84
C SER A 800 -28.77 31.18 -36.74
N MET B 14 -1.86 -36.25 3.81
CA MET B 14 -2.50 -35.22 4.68
C MET B 14 -3.96 -34.96 4.32
N GLN B 15 -4.73 -36.03 4.11
CA GLN B 15 -6.16 -35.91 3.86
C GLN B 15 -6.94 -35.43 5.12
N GLN B 16 -6.25 -35.28 6.24
CA GLN B 16 -6.85 -34.78 7.46
C GLN B 16 -7.24 -33.33 7.27
N TYR B 17 -6.29 -32.52 6.78
CA TYR B 17 -6.55 -31.10 6.52
C TYR B 17 -7.75 -30.94 5.60
N LEU B 18 -7.75 -31.68 4.51
CA LEU B 18 -8.80 -31.57 3.49
C LEU B 18 -10.17 -31.84 4.04
N ARG B 19 -10.30 -33.00 4.69
CA ARG B 19 -11.57 -33.43 5.25
C ARG B 19 -12.04 -32.47 6.35
N LEU B 20 -11.10 -31.82 7.02
CA LEU B 20 -11.38 -30.87 8.08
C LEU B 20 -11.76 -29.50 7.49
N LYS B 21 -11.19 -29.18 6.34
CA LYS B 21 -11.53 -27.95 5.63
C LYS B 21 -12.98 -28.00 5.18
N ALA B 22 -13.43 -29.17 4.75
CA ALA B 22 -14.80 -29.35 4.29
C ALA B 22 -15.85 -28.85 5.32
N GLN B 23 -15.46 -28.76 6.59
CA GLN B 23 -16.35 -28.27 7.64
C GLN B 23 -16.73 -26.81 7.43
N HIS B 24 -15.71 -25.96 7.26
CA HIS B 24 -15.92 -24.54 6.98
C HIS B 24 -15.26 -24.23 5.62
N PRO B 25 -15.92 -24.58 4.53
CA PRO B 25 -15.35 -24.44 3.19
C PRO B 25 -15.29 -23.00 2.69
N GLU B 26 -16.24 -22.17 3.13
CA GLU B 26 -16.32 -20.77 2.71
C GLU B 26 -15.53 -19.83 3.62
N ILE B 27 -14.64 -20.38 4.44
CA ILE B 27 -13.87 -19.59 5.39
C ILE B 27 -12.40 -20.04 5.36
N LEU B 28 -11.48 -19.07 5.32
CA LEU B 28 -10.05 -19.37 5.33
C LEU B 28 -9.73 -20.27 6.51
N LEU B 29 -8.90 -21.27 6.27
CA LEU B 29 -8.52 -22.21 7.32
C LEU B 29 -7.03 -22.19 7.62
N PHE B 30 -6.67 -21.67 8.79
CA PHE B 30 -5.30 -21.69 9.28
C PHE B 30 -5.01 -23.05 9.92
N TYR B 31 -3.90 -23.68 9.52
CA TYR B 31 -3.55 -25.03 9.95
C TYR B 31 -2.20 -25.05 10.65
N ARG B 32 -2.21 -25.34 11.95
CA ARG B 32 -0.98 -25.35 12.74
C ARG B 32 0.01 -26.40 12.29
N MET B 33 1.19 -25.95 11.89
CA MET B 33 2.29 -26.84 11.47
C MET B 33 3.60 -26.35 12.08
N GLY B 34 3.87 -26.78 13.30
CA GLY B 34 5.07 -26.38 14.02
C GLY B 34 4.85 -25.04 14.71
N ASP B 35 5.69 -24.06 14.37
CA ASP B 35 5.54 -22.72 14.92
C ASP B 35 4.94 -21.79 13.90
N PHE B 36 4.09 -22.35 13.03
CA PHE B 36 3.47 -21.60 11.96
C PHE B 36 2.05 -22.12 11.67
N TYR B 37 1.22 -21.27 11.12
CA TYR B 37 -0.09 -21.68 10.61
C TYR B 37 0.07 -21.63 9.12
N GLU B 38 -0.43 -22.65 8.43
CA GLU B 38 -0.26 -22.74 7.00
C GLU B 38 -1.60 -22.91 6.28
N LEU B 39 -1.75 -22.24 5.14
CA LEU B 39 -2.95 -22.36 4.33
C LEU B 39 -2.56 -23.06 3.05
N PHE B 40 -3.49 -23.82 2.49
CA PHE B 40 -3.20 -24.59 1.26
C PHE B 40 -4.22 -24.29 0.16
N TYR B 41 -3.77 -24.44 -1.09
CA TYR B 41 -4.63 -24.27 -2.28
C TYR B 41 -5.18 -22.85 -2.36
N ASP B 42 -6.42 -22.70 -2.86
CA ASP B 42 -7.04 -21.38 -2.95
C ASP B 42 -6.74 -20.53 -1.73
N ASP B 43 -6.83 -21.13 -0.55
CA ASP B 43 -6.56 -20.41 0.70
C ASP B 43 -5.18 -19.79 0.69
N ALA B 44 -4.20 -20.49 0.14
CA ALA B 44 -2.85 -19.97 0.04
C ALA B 44 -2.85 -18.79 -0.93
N LYS B 45 -3.62 -18.91 -2.00
CA LYS B 45 -3.73 -17.85 -3.02
C LYS B 45 -4.22 -16.58 -2.39
N ARG B 46 -5.52 -16.53 -2.12
CA ARG B 46 -6.16 -15.36 -1.54
C ARG B 46 -5.35 -14.78 -0.40
N ALA B 47 -4.74 -15.64 0.40
CA ALA B 47 -3.98 -15.17 1.55
C ALA B 47 -2.74 -14.39 1.13
N SER B 48 -2.04 -14.88 0.10
CA SER B 48 -0.80 -14.26 -0.34
C SER B 48 -1.03 -12.87 -0.92
N GLN B 49 -2.04 -12.74 -1.76
CA GLN B 49 -2.35 -11.45 -2.37
C GLN B 49 -3.09 -10.49 -1.41
N LEU B 50 -3.40 -10.96 -0.20
CA LEU B 50 -4.09 -10.14 0.80
C LEU B 50 -3.15 -9.69 1.91
N LEU B 51 -2.15 -10.51 2.21
CA LEU B 51 -1.22 -10.24 3.29
C LEU B 51 0.20 -9.98 2.82
N ASP B 52 0.43 -10.20 1.52
CA ASP B 52 1.77 -10.08 0.94
C ASP B 52 2.77 -11.01 1.63
N ILE B 53 2.72 -12.28 1.24
CA ILE B 53 3.62 -13.31 1.72
C ILE B 53 3.80 -14.27 0.58
N SER B 54 4.84 -15.09 0.65
CA SER B 54 5.18 -16.00 -0.42
C SER B 54 4.09 -17.02 -0.66
N LEU B 55 3.68 -17.16 -1.92
CA LEU B 55 2.74 -18.20 -2.33
C LEU B 55 3.55 -19.45 -2.72
N THR B 56 4.54 -19.78 -1.89
CA THR B 56 5.36 -20.95 -2.11
C THR B 56 4.51 -22.20 -2.22
N PRO B 67 0.19 -25.62 -3.51
CA PRO B 67 0.11 -24.23 -3.04
C PRO B 67 0.07 -24.17 -1.52
N MET B 68 0.98 -23.39 -0.94
CA MET B 68 1.10 -23.28 0.50
C MET B 68 1.62 -21.90 0.90
N ALA B 69 1.11 -21.39 2.02
CA ALA B 69 1.56 -20.11 2.55
C ALA B 69 1.48 -20.20 4.06
N GLY B 70 2.20 -19.33 4.76
CA GLY B 70 2.18 -19.38 6.22
C GLY B 70 2.63 -18.14 6.97
N ILE B 71 2.34 -18.13 8.27
CA ILE B 71 2.68 -17.01 9.14
C ILE B 71 3.18 -17.52 10.50
N PRO B 72 4.19 -16.84 11.05
CA PRO B 72 4.77 -17.22 12.35
C PRO B 72 3.79 -17.12 13.52
N TYR B 73 3.73 -18.20 14.31
CA TYR B 73 2.81 -18.33 15.45
C TYR B 73 2.72 -17.10 16.33
N HIS B 74 3.85 -16.43 16.52
CA HIS B 74 3.95 -15.27 17.40
C HIS B 74 3.39 -13.96 16.82
N ALA B 75 2.90 -14.00 15.59
CA ALA B 75 2.35 -12.81 14.93
C ALA B 75 0.97 -13.08 14.33
N VAL B 76 0.36 -14.20 14.71
CA VAL B 76 -0.91 -14.58 14.13
C VAL B 76 -2.02 -13.58 14.43
N GLU B 77 -2.00 -12.95 15.61
CA GLU B 77 -3.03 -11.97 15.91
C GLU B 77 -2.89 -10.79 14.98
N ASN B 78 -1.66 -10.49 14.59
CA ASN B 78 -1.42 -9.39 13.67
C ASN B 78 -2.07 -9.67 12.33
N TYR B 79 -1.81 -10.84 11.79
CA TYR B 79 -2.35 -11.22 10.51
C TYR B 79 -3.86 -11.45 10.58
N LEU B 80 -4.37 -11.86 11.74
CA LEU B 80 -5.81 -12.02 11.91
C LEU B 80 -6.50 -10.66 11.81
N ALA B 81 -5.90 -9.65 12.43
CA ALA B 81 -6.42 -8.28 12.38
C ALA B 81 -6.51 -7.79 10.96
N LYS B 82 -5.49 -8.12 10.16
CA LYS B 82 -5.44 -7.72 8.77
C LYS B 82 -6.53 -8.43 7.97
N LEU B 83 -6.63 -9.73 8.11
CA LEU B 83 -7.65 -10.49 7.40
C LEU B 83 -9.04 -10.01 7.77
N VAL B 84 -9.27 -9.89 9.07
CA VAL B 84 -10.53 -9.42 9.58
C VAL B 84 -10.83 -8.01 9.05
N ASN B 85 -9.82 -7.15 9.00
CA ASN B 85 -10.00 -5.79 8.47
C ASN B 85 -10.44 -5.80 7.00
N GLN B 86 -10.08 -6.85 6.28
CA GLN B 86 -10.44 -7.01 4.88
C GLN B 86 -11.68 -7.89 4.67
N GLY B 87 -12.45 -8.08 5.74
CA GLY B 87 -13.71 -8.80 5.66
C GLY B 87 -13.63 -10.32 5.65
N GLU B 88 -12.46 -10.89 5.89
CA GLU B 88 -12.32 -12.34 5.85
C GLU B 88 -12.52 -12.97 7.22
N SER B 89 -13.36 -13.99 7.28
CA SER B 89 -13.49 -14.79 8.47
C SER B 89 -12.28 -15.73 8.48
N VAL B 90 -11.88 -16.21 9.65
CA VAL B 90 -10.71 -17.11 9.73
C VAL B 90 -10.93 -18.19 10.76
N ALA B 91 -10.79 -19.44 10.34
CA ALA B 91 -10.89 -20.58 11.22
C ALA B 91 -9.47 -21.09 11.50
N ILE B 92 -9.15 -21.25 12.78
CA ILE B 92 -7.83 -21.74 13.21
C ILE B 92 -7.97 -23.23 13.47
N CYS B 93 -6.86 -23.95 13.39
CA CYS B 93 -6.88 -25.39 13.67
C CYS B 93 -5.61 -25.82 14.35
N GLU B 94 -5.73 -26.60 15.42
CA GLU B 94 -4.56 -27.08 16.14
C GLU B 94 -4.71 -28.50 16.64
N ARG B 108 -5.82 -32.42 15.97
CA ARG B 108 -6.17 -31.42 14.93
C ARG B 108 -7.69 -31.17 14.84
N LYS B 109 -8.10 -29.94 15.13
CA LYS B 109 -9.52 -29.57 15.10
C LYS B 109 -9.71 -28.07 15.13
N VAL B 110 -10.78 -27.62 14.47
CA VAL B 110 -11.16 -26.20 14.46
C VAL B 110 -11.53 -25.78 15.86
N VAL B 111 -10.59 -25.14 16.54
CA VAL B 111 -10.78 -24.74 17.93
C VAL B 111 -11.14 -23.27 18.11
N ARG B 112 -11.03 -22.47 17.05
CA ARG B 112 -11.31 -21.03 17.15
C ARG B 112 -11.63 -20.41 15.80
N ILE B 113 -12.61 -19.51 15.81
CA ILE B 113 -12.98 -18.76 14.61
C ILE B 113 -13.14 -17.29 14.93
N VAL B 114 -12.75 -16.45 13.98
CA VAL B 114 -12.93 -15.02 14.10
C VAL B 114 -13.66 -14.52 12.88
N THR B 115 -14.71 -13.73 13.09
CA THR B 115 -15.44 -13.12 12.00
C THR B 115 -15.33 -11.61 12.14
N PRO B 116 -15.25 -10.91 11.01
CA PRO B 116 -14.97 -9.46 11.02
C PRO B 116 -15.89 -8.64 11.87
N GLY B 117 -17.17 -8.95 11.88
CA GLY B 117 -18.13 -8.17 12.64
C GLY B 117 -18.32 -8.53 14.09
N THR B 118 -17.63 -9.55 14.59
CA THR B 118 -17.87 -10.00 15.97
C THR B 118 -16.64 -10.15 16.85
N ILE B 119 -15.54 -9.55 16.48
CA ILE B 119 -14.32 -9.61 17.30
C ILE B 119 -14.42 -8.65 18.45
N SER B 120 -13.72 -8.94 19.52
CA SER B 120 -13.73 -8.09 20.70
C SER B 120 -12.38 -7.91 21.33
N ASP B 121 -11.37 -8.66 20.87
CA ASP B 121 -10.03 -8.54 21.42
C ASP B 121 -9.38 -7.23 20.96
N GLU B 122 -8.74 -6.56 21.89
CA GLU B 122 -8.02 -5.31 21.65
C GLU B 122 -7.00 -5.41 20.48
N ALA B 123 -6.26 -6.51 20.42
CA ALA B 123 -5.26 -6.70 19.36
C ALA B 123 -5.90 -6.70 17.98
N LEU B 124 -7.15 -7.13 17.87
CA LEU B 124 -7.85 -7.20 16.59
C LEU B 124 -8.67 -5.96 16.21
N LEU B 125 -8.89 -5.05 17.14
CA LEU B 125 -9.68 -3.85 16.83
C LEU B 125 -8.78 -2.64 16.68
N GLN B 126 -9.34 -1.61 16.04
CA GLN B 126 -8.72 -0.31 15.92
C GLN B 126 -9.34 0.58 16.97
N GLU B 127 -8.49 1.18 17.79
CA GLU B 127 -8.95 2.01 18.91
C GLU B 127 -10.08 3.01 18.61
N ARG B 128 -9.96 3.72 17.48
CA ARG B 128 -10.82 4.86 17.21
C ARG B 128 -11.78 4.66 16.06
N GLN B 129 -12.04 3.41 15.69
CA GLN B 129 -12.99 3.13 14.63
C GLN B 129 -14.00 2.14 15.12
N ASP B 130 -15.24 2.37 14.76
CA ASP B 130 -16.29 1.45 15.07
C ASP B 130 -16.15 0.25 14.17
N ASN B 131 -16.54 -0.90 14.68
CA ASN B 131 -16.49 -2.14 13.94
C ASN B 131 -17.86 -2.77 14.10
N LEU B 132 -18.67 -2.73 13.04
CA LEU B 132 -20.06 -3.14 13.13
C LEU B 132 -20.40 -4.42 12.40
N LEU B 133 -21.33 -5.19 12.97
CA LEU B 133 -21.95 -6.30 12.29
C LEU B 133 -23.29 -5.77 11.82
N ALA B 134 -23.69 -6.12 10.60
CA ALA B 134 -25.01 -5.73 10.13
C ALA B 134 -25.71 -6.84 9.37
N ALA B 135 -27.00 -6.64 9.21
CA ALA B 135 -27.84 -7.54 8.46
C ALA B 135 -28.78 -6.70 7.61
N ILE B 136 -28.98 -7.10 6.37
CA ILE B 136 -29.89 -6.40 5.47
C ILE B 136 -30.83 -7.40 4.79
N TRP B 137 -32.06 -6.99 4.52
CA TRP B 137 -32.95 -7.82 3.74
C TRP B 137 -34.09 -7.00 3.13
N GLN B 138 -34.70 -7.57 2.10
CA GLN B 138 -35.73 -6.87 1.35
C GLN B 138 -37.06 -7.60 1.39
N ASP B 139 -38.11 -6.84 1.61
CA ASP B 139 -39.47 -7.31 1.66
C ASP B 139 -40.10 -6.84 0.38
N SER B 140 -41.43 -6.82 0.33
CA SER B 140 -42.16 -6.29 -0.81
C SER B 140 -42.51 -4.82 -0.53
N LYS B 141 -42.59 -4.50 0.75
CA LYS B 141 -42.90 -3.15 1.18
C LYS B 141 -41.62 -2.30 1.25
N GLY B 142 -40.48 -2.94 1.49
CA GLY B 142 -39.24 -2.19 1.57
C GLY B 142 -38.08 -2.93 2.21
N PHE B 143 -37.09 -2.17 2.67
CA PHE B 143 -35.86 -2.72 3.23
C PHE B 143 -35.93 -2.87 4.75
N GLY B 144 -35.17 -3.86 5.26
CA GLY B 144 -35.00 -4.05 6.69
C GLY B 144 -33.51 -4.01 6.96
N TYR B 145 -33.09 -3.27 7.98
CA TYR B 145 -31.67 -3.12 8.26
C TYR B 145 -31.40 -3.01 9.72
N ALA B 146 -30.29 -3.60 10.14
CA ALA B 146 -29.87 -3.55 11.53
C ALA B 146 -28.37 -3.63 11.63
N THR B 147 -27.82 -3.04 12.68
CA THR B 147 -26.40 -3.08 12.94
C THR B 147 -26.13 -3.37 14.42
N LEU B 148 -24.97 -3.94 14.70
CA LEU B 148 -24.58 -4.19 16.07
C LEU B 148 -23.10 -3.95 16.28
N ASP B 149 -22.78 -3.26 17.37
CA ASP B 149 -21.41 -3.07 17.81
C ASP B 149 -21.27 -4.11 18.90
N ILE B 150 -20.54 -5.20 18.62
CA ILE B 150 -20.51 -6.29 19.57
C ILE B 150 -19.83 -5.95 20.88
N SER B 151 -18.99 -4.91 20.90
CA SER B 151 -18.34 -4.51 22.16
C SER B 151 -19.28 -3.70 23.05
N SER B 152 -19.79 -2.58 22.55
CA SER B 152 -20.64 -1.74 23.35
C SER B 152 -22.04 -2.32 23.57
N GLY B 153 -22.48 -3.17 22.65
CA GLY B 153 -23.83 -3.70 22.69
C GLY B 153 -24.85 -2.75 22.04
N ARG B 154 -24.36 -1.68 21.42
CA ARG B 154 -25.23 -0.73 20.75
C ARG B 154 -25.88 -1.44 19.59
N PHE B 155 -27.21 -1.50 19.62
CA PHE B 155 -27.99 -2.31 18.67
C PHE B 155 -29.03 -1.43 18.03
N ARG B 156 -28.97 -1.24 16.71
CA ARG B 156 -29.87 -0.33 16.03
C ARG B 156 -30.58 -1.04 14.88
N LEU B 157 -31.84 -0.67 14.64
CA LEU B 157 -32.61 -1.19 13.52
C LEU B 157 -33.30 -0.04 12.80
N SER B 158 -33.55 -0.23 11.51
CA SER B 158 -34.21 0.79 10.71
C SER B 158 -34.92 0.10 9.55
N GLU B 159 -35.73 0.87 8.83
CA GLU B 159 -36.48 0.36 7.68
C GLU B 159 -36.42 1.42 6.60
N PRO B 160 -35.28 1.48 5.89
CA PRO B 160 -35.07 2.49 4.85
C PRO B 160 -36.21 2.56 3.85
N ALA B 161 -36.65 3.77 3.52
CA ALA B 161 -37.80 3.98 2.64
C ALA B 161 -37.56 3.51 1.19
N ASP B 162 -36.33 3.56 0.71
CA ASP B 162 -36.02 3.19 -0.67
C ASP B 162 -34.53 2.87 -0.87
N ARG B 163 -34.18 2.46 -2.09
CA ARG B 163 -32.80 2.13 -2.45
C ARG B 163 -31.82 3.25 -2.13
N GLU B 164 -32.29 4.47 -2.10
CA GLU B 164 -31.44 5.62 -1.95
C GLU B 164 -31.07 5.84 -0.48
N THR B 165 -32.07 5.79 0.39
CA THR B 165 -31.82 5.89 1.82
C THR B 165 -30.97 4.71 2.25
N MET B 166 -31.26 3.55 1.67
CA MET B 166 -30.54 2.34 2.05
C MET B 166 -29.07 2.49 1.74
N ALA B 167 -28.76 2.95 0.54
CA ALA B 167 -27.37 3.18 0.12
C ALA B 167 -26.65 4.15 1.06
N ALA B 168 -27.33 5.22 1.42
CA ALA B 168 -26.79 6.19 2.36
C ALA B 168 -26.52 5.57 3.75
N GLU B 169 -27.38 4.64 4.19
CA GLU B 169 -27.20 4.02 5.48
C GLU B 169 -26.03 3.03 5.46
N LEU B 170 -25.97 2.24 4.40
CA LEU B 170 -24.88 1.32 4.17
C LEU B 170 -23.54 2.04 4.18
N GLN B 171 -23.48 3.19 3.54
CA GLN B 171 -22.25 3.96 3.48
C GLN B 171 -21.95 4.60 4.83
N ARG B 172 -22.99 5.05 5.52
CA ARG B 172 -22.83 5.70 6.80
C ARG B 172 -22.40 4.74 7.90
N THR B 173 -23.02 3.56 7.96
CA THR B 173 -22.68 2.58 8.97
C THR B 173 -21.43 1.76 8.62
N ASN B 174 -21.14 1.62 7.33
CA ASN B 174 -19.93 0.93 6.87
C ASN B 174 -19.61 -0.35 7.62
N PRO B 175 -20.52 -1.32 7.58
CA PRO B 175 -20.35 -2.55 8.35
C PRO B 175 -19.17 -3.40 7.93
N ALA B 176 -18.49 -3.96 8.91
CA ALA B 176 -17.34 -4.81 8.64
C ALA B 176 -17.81 -6.17 8.12
N GLU B 177 -19.04 -6.53 8.46
CA GLU B 177 -19.58 -7.83 8.06
C GLU B 177 -21.06 -7.64 7.83
N LEU B 178 -21.54 -8.12 6.69
CA LEU B 178 -22.93 -7.92 6.28
C LEU B 178 -23.71 -9.21 6.01
N LEU B 179 -24.70 -9.49 6.84
CA LEU B 179 -25.57 -10.62 6.61
C LEU B 179 -26.68 -10.21 5.62
N TYR B 180 -26.87 -10.99 4.56
CA TYR B 180 -27.95 -10.73 3.62
C TYR B 180 -28.72 -11.98 3.26
N ALA B 181 -29.98 -11.77 2.91
CA ALA B 181 -30.86 -12.85 2.52
C ALA B 181 -30.53 -13.26 1.09
N GLU B 182 -30.59 -14.55 0.82
CA GLU B 182 -30.36 -15.04 -0.54
C GLU B 182 -31.15 -14.23 -1.55
N ASP B 183 -32.47 -14.28 -1.40
CA ASP B 183 -33.39 -13.62 -2.32
C ASP B 183 -33.21 -12.10 -2.40
N PHE B 184 -32.07 -11.57 -1.98
CA PHE B 184 -31.87 -10.15 -2.05
C PHE B 184 -31.90 -9.75 -3.51
N ALA B 185 -32.91 -8.97 -3.86
CA ALA B 185 -33.10 -8.55 -5.24
C ALA B 185 -32.05 -7.52 -5.63
N GLU B 186 -32.11 -6.35 -5.01
CA GLU B 186 -31.22 -5.24 -5.36
C GLU B 186 -29.79 -5.44 -4.84
N MET B 187 -29.10 -6.42 -5.44
CA MET B 187 -27.74 -6.76 -5.06
C MET B 187 -26.72 -5.68 -5.40
N SER B 188 -27.05 -4.78 -6.32
CA SER B 188 -26.15 -3.72 -6.70
C SER B 188 -25.71 -2.92 -5.46
N LEU B 189 -26.55 -2.91 -4.44
CA LEU B 189 -26.28 -2.18 -3.22
C LEU B 189 -25.12 -2.75 -2.41
N ILE B 190 -25.09 -4.07 -2.27
CA ILE B 190 -24.12 -4.72 -1.39
C ILE B 190 -22.97 -5.42 -2.11
N GLU B 191 -23.19 -5.86 -3.34
CA GLU B 191 -22.11 -6.47 -4.09
C GLU B 191 -20.95 -5.49 -4.15
N GLY B 192 -19.74 -5.97 -4.00
CA GLY B 192 -18.60 -5.08 -3.98
C GLY B 192 -18.11 -4.80 -2.57
N ARG B 193 -18.97 -4.97 -1.57
CA ARG B 193 -18.57 -4.77 -0.17
C ARG B 193 -17.85 -5.99 0.37
N ARG B 194 -17.05 -5.77 1.40
CA ARG B 194 -16.32 -6.83 2.04
C ARG B 194 -17.24 -7.50 3.04
N GLY B 195 -16.81 -8.66 3.55
CA GLY B 195 -17.54 -9.38 4.58
C GLY B 195 -18.98 -9.76 4.27
N LEU B 196 -19.30 -10.03 3.01
CA LEU B 196 -20.67 -10.44 2.68
C LEU B 196 -20.93 -11.87 3.13
N ARG B 197 -22.09 -12.09 3.75
CA ARG B 197 -22.46 -13.42 4.25
C ARG B 197 -23.89 -13.77 3.86
N ARG B 198 -24.02 -14.69 2.91
CA ARG B 198 -25.32 -15.11 2.44
C ARG B 198 -25.96 -16.05 3.45
N ARG B 199 -27.20 -15.77 3.80
CA ARG B 199 -27.93 -16.56 4.80
C ARG B 199 -29.25 -17.05 4.27
N PRO B 200 -29.69 -18.20 4.75
CA PRO B 200 -30.96 -18.79 4.27
C PRO B 200 -32.16 -17.94 4.67
N LEU B 201 -33.19 -17.96 3.84
CA LEU B 201 -34.36 -17.11 4.06
C LEU B 201 -35.05 -17.36 5.43
N TRP B 202 -34.95 -18.58 5.94
CA TRP B 202 -35.62 -18.93 7.21
C TRP B 202 -35.00 -18.19 8.40
N GLU B 203 -33.81 -17.65 8.22
CA GLU B 203 -33.16 -16.87 9.28
C GLU B 203 -33.80 -15.49 9.43
N PHE B 204 -34.64 -15.08 8.48
CA PHE B 204 -35.31 -13.80 8.56
C PHE B 204 -36.81 -13.92 8.86
N GLU B 205 -37.23 -14.95 9.59
CA GLU B 205 -38.65 -15.08 9.96
C GLU B 205 -38.97 -14.24 11.19
N ILE B 206 -40.04 -13.47 11.12
CA ILE B 206 -40.40 -12.55 12.21
C ILE B 206 -40.83 -13.19 13.54
N ASP B 207 -41.68 -14.21 13.49
CA ASP B 207 -42.14 -14.88 14.72
C ASP B 207 -40.94 -15.35 15.53
N THR B 208 -39.97 -15.93 14.84
CA THR B 208 -38.76 -16.36 15.49
C THR B 208 -37.95 -15.16 16.00
N ALA B 209 -37.87 -14.11 15.20
CA ALA B 209 -37.13 -12.93 15.59
C ALA B 209 -37.66 -12.30 16.88
N ARG B 210 -38.95 -11.99 16.91
CA ARG B 210 -39.57 -11.39 18.10
C ARG B 210 -39.26 -12.20 19.34
N GLN B 211 -39.40 -13.51 19.21
CA GLN B 211 -39.21 -14.41 20.31
C GLN B 211 -37.77 -14.34 20.81
N GLN B 212 -36.84 -14.52 19.89
CA GLN B 212 -35.43 -14.51 20.25
C GLN B 212 -35.04 -13.18 20.86
N LEU B 213 -35.54 -12.09 20.29
CA LEU B 213 -35.20 -10.74 20.75
C LEU B 213 -35.75 -10.48 22.14
N ASN B 214 -37.00 -10.88 22.36
CA ASN B 214 -37.66 -10.74 23.66
C ASN B 214 -36.96 -11.55 24.72
N LEU B 215 -36.44 -12.71 24.33
CA LEU B 215 -35.71 -13.55 25.25
C LEU B 215 -34.35 -12.90 25.61
N GLN B 216 -33.65 -12.38 24.60
CA GLN B 216 -32.38 -11.69 24.81
C GLN B 216 -32.53 -10.50 25.74
N PHE B 217 -33.61 -9.73 25.55
CA PHE B 217 -33.85 -8.53 26.38
C PHE B 217 -34.57 -8.84 27.68
N GLY B 218 -35.20 -10.00 27.75
CA GLY B 218 -35.93 -10.38 28.95
C GLY B 218 -37.25 -9.64 29.07
N THR B 219 -37.98 -9.55 27.97
CA THR B 219 -39.26 -8.82 27.92
C THR B 219 -40.29 -9.69 27.23
N ARG B 220 -41.56 -9.35 27.37
CA ARG B 220 -42.63 -10.08 26.69
C ARG B 220 -42.91 -9.49 25.31
N ASP B 221 -42.72 -8.17 25.20
CA ASP B 221 -42.93 -7.47 23.93
C ASP B 221 -41.87 -6.36 23.78
N LEU B 222 -41.81 -5.74 22.61
CA LEU B 222 -40.77 -4.77 22.32
C LEU B 222 -41.23 -3.31 22.42
N VAL B 223 -42.47 -3.12 22.88
CA VAL B 223 -43.07 -1.79 23.00
C VAL B 223 -42.13 -0.82 23.68
N GLY B 224 -41.50 -1.24 24.76
CA GLY B 224 -40.60 -0.38 25.52
C GLY B 224 -39.37 0.11 24.77
N PHE B 225 -39.02 -0.58 23.68
CA PHE B 225 -37.89 -0.17 22.85
C PHE B 225 -38.41 0.59 21.64
N GLY B 226 -39.73 0.66 21.51
CA GLY B 226 -40.36 1.43 20.44
C GLY B 226 -40.20 0.84 19.05
N VAL B 227 -40.06 -0.47 19.00
CA VAL B 227 -39.82 -1.18 17.74
C VAL B 227 -40.82 -2.30 17.52
N GLU B 228 -41.78 -2.45 18.44
CA GLU B 228 -42.77 -3.52 18.41
C GLU B 228 -43.50 -3.63 17.08
N ASN B 229 -43.70 -2.50 16.42
CA ASN B 229 -44.40 -2.45 15.14
C ASN B 229 -43.47 -2.17 13.95
N ALA B 230 -42.28 -2.75 13.97
CA ALA B 230 -41.30 -2.55 12.89
C ALA B 230 -40.76 -3.90 12.42
N PRO B 231 -41.62 -4.72 11.82
CA PRO B 231 -41.31 -6.11 11.43
C PRO B 231 -40.07 -6.29 10.55
N ARG B 232 -39.97 -5.53 9.47
CA ARG B 232 -38.82 -5.66 8.57
C ARG B 232 -37.52 -5.50 9.30
N GLY B 233 -37.43 -4.45 10.10
CA GLY B 233 -36.24 -4.20 10.88
C GLY B 233 -35.99 -5.34 11.83
N LEU B 234 -37.04 -5.79 12.50
CA LEU B 234 -36.95 -6.91 13.42
C LEU B 234 -36.43 -8.17 12.77
N CYS B 235 -36.86 -8.44 11.54
CA CYS B 235 -36.36 -9.61 10.82
C CYS B 235 -34.85 -9.50 10.63
N ALA B 236 -34.37 -8.30 10.36
CA ALA B 236 -32.95 -8.08 10.16
C ALA B 236 -32.21 -8.32 11.47
N ALA B 237 -32.72 -7.74 12.56
CA ALA B 237 -32.09 -7.86 13.86
C ALA B 237 -32.12 -9.29 14.42
N GLY B 238 -33.20 -10.00 14.14
CA GLY B 238 -33.31 -11.38 14.59
C GLY B 238 -32.21 -12.22 13.96
N CYS B 239 -32.07 -12.09 12.65
CA CYS B 239 -31.01 -12.82 11.93
C CYS B 239 -29.65 -12.45 12.53
N LEU B 240 -29.41 -11.15 12.74
CA LEU B 240 -28.12 -10.66 13.24
C LEU B 240 -27.76 -11.25 14.61
N LEU B 241 -28.68 -11.17 15.56
CA LEU B 241 -28.45 -11.65 16.91
C LEU B 241 -28.11 -13.14 16.91
N GLN B 242 -28.85 -13.93 16.14
CA GLN B 242 -28.55 -15.34 16.02
C GLN B 242 -27.13 -15.56 15.48
N TYR B 243 -26.74 -14.79 14.48
CA TYR B 243 -25.41 -14.96 13.93
C TYR B 243 -24.38 -14.65 15.01
N ALA B 244 -24.55 -13.52 15.67
CA ALA B 244 -23.64 -13.12 16.72
C ALA B 244 -23.51 -14.23 17.78
N LYS B 245 -24.65 -14.71 18.27
CA LYS B 245 -24.67 -15.76 19.29
C LYS B 245 -23.90 -17.00 18.83
N ASP B 246 -24.13 -17.42 17.58
CA ASP B 246 -23.49 -18.60 17.02
C ASP B 246 -21.98 -18.45 16.91
N THR B 247 -21.57 -17.23 16.64
CA THR B 247 -20.19 -16.90 16.47
C THR B 247 -19.45 -16.90 17.80
N GLN B 248 -20.16 -16.55 18.88
CA GLN B 248 -19.56 -16.46 20.20
C GLN B 248 -19.75 -17.72 21.05
N ARG B 249 -20.86 -18.44 20.84
CA ARG B 249 -21.21 -19.60 21.67
C ARG B 249 -21.20 -19.19 23.13
N THR B 250 -21.68 -17.99 23.40
CA THR B 250 -21.69 -17.44 24.74
C THR B 250 -22.94 -16.59 24.89
N THR B 251 -23.30 -16.26 26.12
CA THR B 251 -24.39 -15.33 26.32
C THR B 251 -23.81 -13.97 26.02
N LEU B 252 -24.68 -13.04 25.66
CA LEU B 252 -24.27 -11.68 25.38
C LEU B 252 -25.11 -10.76 26.25
N PRO B 253 -24.83 -10.76 27.56
CA PRO B 253 -25.65 -10.02 28.52
C PRO B 253 -25.50 -8.51 28.40
N HIS B 254 -24.52 -8.05 27.65
CA HIS B 254 -24.35 -6.63 27.45
C HIS B 254 -25.23 -6.09 26.31
N ILE B 255 -25.89 -6.99 25.59
CA ILE B 255 -26.84 -6.56 24.56
C ILE B 255 -28.26 -6.60 25.20
N ARG B 256 -28.68 -5.47 25.77
CA ARG B 256 -29.91 -5.43 26.54
C ARG B 256 -30.98 -4.50 25.99
N SER B 257 -30.76 -3.99 24.78
CA SER B 257 -31.63 -2.97 24.25
C SER B 257 -31.44 -2.84 22.77
N ILE B 258 -32.42 -2.22 22.13
CA ILE B 258 -32.36 -1.95 20.71
C ILE B 258 -33.12 -0.65 20.47
N THR B 259 -32.73 0.09 19.44
CA THR B 259 -33.36 1.39 19.14
C THR B 259 -33.63 1.50 17.67
N MET B 260 -34.72 2.16 17.32
CA MET B 260 -35.09 2.37 15.92
C MET B 260 -34.74 3.78 15.44
N GLU B 261 -34.20 3.87 14.22
CA GLU B 261 -33.86 5.16 13.61
C GLU B 261 -34.91 5.52 12.58
N ARG B 262 -35.48 6.73 12.71
CA ARG B 262 -36.48 7.22 11.78
C ARG B 262 -35.87 8.28 10.87
N GLU B 263 -36.27 8.25 9.60
CA GLU B 263 -35.78 9.17 8.58
C GLU B 263 -35.77 10.62 9.07
N GLN B 264 -36.89 11.03 9.64
CA GLN B 264 -37.08 12.41 10.10
C GLN B 264 -36.23 12.76 11.30
N ASP B 265 -35.62 11.78 11.94
CA ASP B 265 -34.78 12.07 13.07
C ASP B 265 -33.43 12.66 12.67
N SER B 266 -33.00 12.47 11.43
CA SER B 266 -31.65 12.91 11.09
C SER B 266 -31.49 13.54 9.73
N ILE B 267 -30.58 14.49 9.62
CA ILE B 267 -30.31 15.11 8.33
C ILE B 267 -29.74 14.01 7.46
N ILE B 268 -30.26 13.84 6.26
CA ILE B 268 -29.83 12.79 5.39
C ILE B 268 -28.75 13.27 4.43
N MET B 269 -27.72 12.44 4.26
CA MET B 269 -26.62 12.73 3.37
C MET B 269 -26.22 11.44 2.64
N ASP B 270 -26.23 11.49 1.31
CA ASP B 270 -25.84 10.34 0.48
C ASP B 270 -24.32 10.15 0.51
N ALA B 271 -23.85 9.06 -0.07
CA ALA B 271 -22.43 8.74 -0.08
C ALA B 271 -21.56 9.83 -0.68
N ALA B 272 -22.01 10.42 -1.79
CA ALA B 272 -21.23 11.44 -2.45
C ALA B 272 -21.06 12.67 -1.58
N THR B 273 -22.15 13.09 -0.96
CA THR B 273 -22.13 14.25 -0.09
C THR B 273 -21.21 13.98 1.06
N ARG B 274 -21.45 12.83 1.70
CA ARG B 274 -20.70 12.41 2.86
C ARG B 274 -19.23 12.41 2.50
N ARG B 275 -18.93 11.88 1.33
CA ARG B 275 -17.55 11.86 0.85
C ARG B 275 -17.00 13.27 0.57
N ASN B 276 -17.78 14.09 -0.16
CA ASN B 276 -17.34 15.42 -0.54
C ASN B 276 -17.17 16.43 0.61
N LEU B 277 -17.84 16.19 1.74
CA LEU B 277 -17.70 17.07 2.89
C LEU B 277 -16.51 16.65 3.77
N GLU B 278 -15.93 15.48 3.50
CA GLU B 278 -14.72 15.02 4.20
C GLU B 278 -14.88 15.04 5.72
N ILE B 279 -15.96 14.43 6.17
CA ILE B 279 -16.32 14.40 7.58
C ILE B 279 -15.28 13.67 8.43
N THR B 280 -15.09 12.37 8.18
CA THR B 280 -14.07 11.56 8.84
C THR B 280 -13.02 10.99 7.85
N GLN B 281 -13.20 11.19 6.56
CA GLN B 281 -12.27 10.65 5.57
C GLN B 281 -12.04 11.62 4.42
N ASN B 282 -10.78 11.95 4.12
CA ASN B 282 -10.49 12.84 2.99
C ASN B 282 -10.70 12.14 1.65
N LEU B 283 -10.73 12.91 0.57
CA LEU B 283 -10.99 12.38 -0.78
C LEU B 283 -9.91 11.41 -1.28
N ALA B 284 -8.83 11.30 -0.52
CA ALA B 284 -7.71 10.42 -0.84
C ALA B 284 -7.65 9.20 0.10
N GLY B 285 -8.75 8.89 0.79
CA GLY B 285 -8.81 7.74 1.68
C GLY B 285 -8.22 7.96 3.07
N GLY B 286 -7.41 9.01 3.23
CA GLY B 286 -6.78 9.32 4.50
C GLY B 286 -7.71 9.89 5.55
N ALA B 287 -7.13 10.30 6.66
CA ALA B 287 -7.87 10.84 7.79
C ALA B 287 -7.50 12.28 8.12
N GLU B 288 -6.45 12.79 7.48
CA GLU B 288 -6.02 14.14 7.73
C GLU B 288 -6.87 15.12 6.93
N ASN B 289 -6.90 16.35 7.41
CA ASN B 289 -7.62 17.43 6.76
C ASN B 289 -9.11 17.12 6.60
N THR B 290 -9.68 16.46 7.59
CA THR B 290 -11.10 16.21 7.63
C THR B 290 -11.71 17.07 8.72
N LEU B 291 -13.02 17.08 8.79
CA LEU B 291 -13.69 17.77 9.87
C LEU B 291 -13.30 17.18 11.21
N ALA B 292 -13.29 15.86 11.30
CA ALA B 292 -12.89 15.15 12.50
C ALA B 292 -11.50 15.51 12.98
N SER B 293 -10.56 15.72 12.05
CA SER B 293 -9.19 16.05 12.44
C SER B 293 -9.12 17.38 13.18
N VAL B 294 -10.07 18.29 12.94
CA VAL B 294 -10.08 19.56 13.66
C VAL B 294 -11.01 19.49 14.89
N LEU B 295 -12.14 18.81 14.77
CA LEU B 295 -13.08 18.75 15.88
C LEU B 295 -12.82 17.70 16.93
N ASP B 296 -12.12 16.63 16.55
CA ASP B 296 -11.96 15.49 17.45
C ASP B 296 -10.65 15.48 18.26
N CYS B 297 -10.66 16.22 19.36
CA CYS B 297 -9.57 16.22 20.31
C CYS B 297 -10.05 15.59 21.63
N THR B 298 -10.89 14.55 21.53
CA THR B 298 -11.35 13.82 22.71
C THR B 298 -10.17 13.08 23.37
N VAL B 299 -10.29 12.78 24.65
CA VAL B 299 -9.16 12.18 25.38
C VAL B 299 -9.27 10.66 25.55
N THR B 300 -10.39 10.12 25.11
CA THR B 300 -10.72 8.72 25.25
C THR B 300 -11.12 8.13 23.88
N PRO B 301 -10.75 6.91 23.62
CA PRO B 301 -11.13 6.25 22.37
C PRO B 301 -12.63 6.03 22.17
N MET B 302 -13.38 5.83 23.25
CA MET B 302 -14.81 5.66 23.15
C MET B 302 -15.46 7.00 22.85
N GLY B 303 -14.89 8.07 23.39
CA GLY B 303 -15.31 9.42 23.08
C GLY B 303 -15.14 9.75 21.63
N SER B 304 -13.99 9.35 21.08
CA SER B 304 -13.67 9.63 19.70
C SER B 304 -14.67 8.96 18.73
N ARG B 305 -14.94 7.67 18.99
CA ARG B 305 -15.85 6.92 18.18
C ARG B 305 -17.25 7.53 18.26
N MET B 306 -17.67 7.93 19.46
CA MET B 306 -19.00 8.51 19.65
C MET B 306 -19.09 9.83 18.90
N LEU B 307 -18.07 10.68 19.01
CA LEU B 307 -18.05 11.94 18.26
C LEU B 307 -18.19 11.72 16.74
N LYS B 308 -17.50 10.70 16.22
CA LYS B 308 -17.59 10.40 14.80
C LYS B 308 -18.99 9.97 14.43
N ARG B 309 -19.66 9.23 15.32
CA ARG B 309 -21.04 8.86 15.08
C ARG B 309 -21.93 10.09 15.00
N TRP B 310 -21.74 11.03 15.91
CA TRP B 310 -22.51 12.26 15.93
C TRP B 310 -22.31 13.06 14.62
N LEU B 311 -21.07 13.21 14.18
CA LEU B 311 -20.76 13.92 12.95
C LEU B 311 -21.46 13.33 11.73
N HIS B 312 -21.59 12.01 11.69
CA HIS B 312 -22.21 11.34 10.55
C HIS B 312 -23.74 11.22 10.65
N MET B 313 -24.30 11.61 11.79
CA MET B 313 -25.75 11.53 11.97
C MET B 313 -26.25 12.75 12.75
N PRO B 314 -26.28 13.90 12.10
CA PRO B 314 -26.77 15.10 12.76
C PRO B 314 -28.24 14.99 13.03
N VAL B 315 -28.67 15.42 14.22
CA VAL B 315 -30.08 15.23 14.60
C VAL B 315 -30.91 16.46 14.33
N ARG B 316 -32.19 16.26 14.11
CA ARG B 316 -33.11 17.33 13.73
C ARG B 316 -33.94 17.91 14.86
N ASP B 317 -33.97 17.21 15.99
CA ASP B 317 -34.72 17.63 17.16
C ASP B 317 -33.93 18.70 17.94
N THR B 318 -34.42 19.93 17.93
CA THR B 318 -33.69 21.02 18.57
C THR B 318 -33.63 20.91 20.10
N ARG B 319 -34.47 20.07 20.71
CA ARG B 319 -34.43 19.89 22.14
C ARG B 319 -33.13 19.23 22.53
N VAL B 320 -32.76 18.17 21.81
CA VAL B 320 -31.47 17.54 22.01
C VAL B 320 -30.35 18.55 21.78
N LEU B 321 -30.46 19.28 20.68
CA LEU B 321 -29.43 20.25 20.28
C LEU B 321 -29.26 21.38 21.30
N LEU B 322 -30.38 21.92 21.77
CA LEU B 322 -30.31 22.97 22.78
C LEU B 322 -29.64 22.45 24.04
N GLU B 323 -29.77 21.15 24.28
CA GLU B 323 -29.21 20.52 25.45
C GLU B 323 -27.72 20.35 25.32
N ARG B 324 -27.27 20.03 24.09
CA ARG B 324 -25.86 19.89 23.84
C ARG B 324 -25.17 21.25 23.91
N GLN B 325 -25.78 22.28 23.35
CA GLN B 325 -25.23 23.64 23.37
C GLN B 325 -25.06 24.13 24.80
N GLN B 326 -26.14 24.02 25.59
CA GLN B 326 -26.11 24.45 26.99
C GLN B 326 -24.93 23.83 27.72
N THR B 327 -24.75 22.55 27.50
CA THR B 327 -23.65 21.81 28.11
C THR B 327 -22.33 22.35 27.65
N ILE B 328 -22.17 22.50 26.33
CA ILE B 328 -20.93 23.06 25.77
C ILE B 328 -20.56 24.35 26.50
N GLY B 329 -21.53 25.26 26.64
CA GLY B 329 -21.33 26.53 27.31
C GLY B 329 -21.03 26.39 28.79
N ALA B 330 -21.76 25.51 29.49
CA ALA B 330 -21.57 25.35 30.93
C ALA B 330 -20.20 24.72 31.28
N LEU B 331 -19.68 23.90 30.37
CA LEU B 331 -18.44 23.19 30.60
C LEU B 331 -17.17 23.96 30.31
N GLN B 332 -17.31 25.05 29.58
CA GLN B 332 -16.18 25.90 29.17
C GLN B 332 -15.05 26.08 30.17
N ASP B 333 -15.36 26.57 31.36
CA ASP B 333 -14.33 26.87 32.38
C ASP B 333 -13.82 25.66 33.11
N PHE B 334 -14.37 24.49 32.79
CA PHE B 334 -14.00 23.28 33.50
C PHE B 334 -13.17 22.36 32.65
N THR B 335 -12.98 22.73 31.39
CA THR B 335 -12.25 21.93 30.43
C THR B 335 -10.85 21.53 30.86
N ALA B 336 -10.08 22.51 31.33
CA ALA B 336 -8.68 22.28 31.68
C ALA B 336 -8.52 21.24 32.78
N GLY B 337 -9.34 21.31 33.81
CA GLY B 337 -9.26 20.36 34.90
C GLY B 337 -9.85 18.99 34.61
N LEU B 338 -10.79 18.90 33.66
CA LEU B 338 -11.52 17.68 33.39
C LEU B 338 -10.82 16.69 32.45
N GLN B 339 -10.21 17.20 31.39
CA GLN B 339 -9.62 16.33 30.38
C GLN B 339 -8.49 15.35 30.84
N PRO B 340 -7.49 15.81 31.56
CA PRO B 340 -6.44 14.89 32.01
C PRO B 340 -6.99 13.78 32.91
N VAL B 341 -8.05 14.10 33.64
CA VAL B 341 -8.67 13.13 34.50
C VAL B 341 -9.51 12.18 33.66
N LEU B 342 -10.24 12.71 32.69
CA LEU B 342 -11.03 11.85 31.80
C LEU B 342 -10.12 10.95 30.99
N ARG B 343 -8.95 11.44 30.61
CA ARG B 343 -8.03 10.64 29.85
C ARG B 343 -7.68 9.33 30.54
N GLN B 344 -7.59 9.35 31.85
CA GLN B 344 -7.18 8.16 32.58
C GLN B 344 -8.27 7.09 32.61
N VAL B 345 -9.47 7.42 32.14
CA VAL B 345 -10.55 6.47 32.14
C VAL B 345 -10.37 5.45 31.04
N GLY B 346 -9.74 5.87 29.95
CA GLY B 346 -9.46 4.96 28.84
C GLY B 346 -10.74 4.50 28.16
N ASP B 347 -10.64 3.33 27.54
CA ASP B 347 -11.72 2.75 26.78
C ASP B 347 -12.47 1.76 27.62
N LEU B 348 -13.14 2.28 28.63
CA LEU B 348 -13.92 1.44 29.53
C LEU B 348 -14.98 0.63 28.76
N GLU B 349 -15.51 1.23 27.72
CA GLU B 349 -16.52 0.61 26.90
C GLU B 349 -16.08 -0.76 26.41
N ARG B 350 -14.92 -0.84 25.74
CA ARG B 350 -14.45 -2.11 25.19
C ARG B 350 -13.95 -3.07 26.25
N ILE B 351 -13.48 -2.56 27.36
CA ILE B 351 -13.06 -3.44 28.43
C ILE B 351 -14.31 -4.13 28.98
N LEU B 352 -15.36 -3.35 29.14
CA LEU B 352 -16.62 -3.88 29.69
C LEU B 352 -17.18 -5.03 28.86
N ALA B 353 -16.91 -5.00 27.57
CA ALA B 353 -17.32 -6.07 26.68
C ALA B 353 -16.56 -7.35 27.02
N ARG B 354 -15.28 -7.24 27.29
CA ARG B 354 -14.50 -8.43 27.61
C ARG B 354 -14.88 -8.94 28.98
N LEU B 355 -15.32 -8.04 29.85
CA LEU B 355 -15.87 -8.47 31.13
C LEU B 355 -17.13 -9.33 30.89
N ALA B 356 -18.06 -8.81 30.08
CA ALA B 356 -19.31 -9.54 29.79
C ALA B 356 -19.08 -10.89 29.13
N LEU B 357 -18.05 -10.99 28.31
CA LEU B 357 -17.75 -12.20 27.56
C LEU B 357 -16.86 -13.14 28.35
N ARG B 358 -16.38 -12.68 29.50
CA ARG B 358 -15.47 -13.44 30.35
C ARG B 358 -14.14 -13.69 29.68
N THR B 359 -13.62 -12.70 28.98
CA THR B 359 -12.31 -12.80 28.36
C THR B 359 -11.39 -11.67 28.80
N ALA B 360 -11.86 -10.82 29.72
CA ALA B 360 -11.05 -9.71 30.20
C ALA B 360 -9.75 -10.27 30.79
N ARG B 361 -8.66 -9.55 30.58
CA ARG B 361 -7.35 -9.98 31.00
C ARG B 361 -6.86 -9.08 32.15
N PRO B 362 -5.83 -9.49 32.89
CA PRO B 362 -5.40 -8.72 34.06
C PRO B 362 -5.27 -7.22 33.87
N ARG B 363 -4.69 -6.78 32.76
CA ARG B 363 -4.56 -5.34 32.56
C ARG B 363 -5.90 -4.69 32.20
N ASP B 364 -6.91 -5.49 31.81
CA ASP B 364 -8.26 -4.95 31.61
C ASP B 364 -8.85 -4.59 32.97
N LEU B 365 -8.66 -5.46 33.95
CA LEU B 365 -9.14 -5.18 35.29
C LEU B 365 -8.34 -4.05 35.91
N ALA B 366 -7.05 -4.01 35.61
CA ALA B 366 -6.21 -2.97 36.12
C ALA B 366 -6.67 -1.61 35.58
N ARG B 367 -7.01 -1.55 34.30
CA ARG B 367 -7.49 -0.28 33.71
C ARG B 367 -8.88 0.09 34.23
N MET B 368 -9.72 -0.91 34.49
CA MET B 368 -11.06 -0.64 35.02
C MET B 368 -10.90 -0.02 36.43
N ARG B 369 -9.97 -0.57 37.19
CA ARG B 369 -9.67 -0.06 38.52
C ARG B 369 -9.24 1.39 38.45
N HIS B 370 -8.25 1.64 37.60
CA HIS B 370 -7.73 2.97 37.38
C HIS B 370 -8.83 3.93 36.94
N ALA B 371 -9.75 3.44 36.13
CA ALA B 371 -10.89 4.27 35.72
C ALA B 371 -11.79 4.55 36.93
N PHE B 372 -12.10 3.52 37.73
CA PHE B 372 -12.87 3.74 38.96
C PHE B 372 -12.18 4.75 39.86
N GLN B 373 -10.85 4.77 39.87
CA GLN B 373 -10.12 5.69 40.73
C GLN B 373 -10.25 7.17 40.33
N GLN B 374 -10.85 7.46 39.16
CA GLN B 374 -11.00 8.84 38.70
C GLN B 374 -12.39 9.37 38.99
N LEU B 375 -13.31 8.48 39.27
CA LEU B 375 -14.71 8.88 39.46
C LEU B 375 -14.98 9.94 40.52
N PRO B 376 -14.45 9.79 41.74
CA PRO B 376 -14.62 10.85 42.74
C PRO B 376 -14.03 12.20 42.34
N GLU B 377 -12.90 12.23 41.65
CA GLU B 377 -12.36 13.50 41.21
C GLU B 377 -13.29 14.14 40.15
N LEU B 378 -13.83 13.32 39.25
CA LEU B 378 -14.75 13.78 38.20
C LEU B 378 -16.04 14.28 38.82
N ARG B 379 -16.57 13.54 39.80
CA ARG B 379 -17.74 13.96 40.54
C ARG B 379 -17.58 15.32 41.22
N ALA B 380 -16.44 15.52 41.85
CA ALA B 380 -16.22 16.77 42.58
C ALA B 380 -16.09 17.96 41.62
N GLN B 381 -15.40 17.77 40.49
CA GLN B 381 -15.27 18.84 39.50
C GLN B 381 -16.60 19.17 38.79
N LEU B 382 -17.48 18.19 38.64
CA LEU B 382 -18.72 18.41 37.91
C LEU B 382 -19.82 18.98 38.79
N GLU B 383 -19.63 18.85 40.09
CA GLU B 383 -20.59 19.30 41.10
C GLU B 383 -21.05 20.75 40.93
N THR B 384 -20.12 21.64 40.60
CA THR B 384 -20.40 23.07 40.49
C THR B 384 -21.06 23.52 39.17
N VAL B 385 -20.84 22.76 38.12
CA VAL B 385 -21.34 23.10 36.79
C VAL B 385 -22.86 23.29 36.81
N ASP B 386 -23.33 24.44 36.35
CA ASP B 386 -24.76 24.72 36.35
C ASP B 386 -25.38 24.26 35.05
N SER B 387 -25.77 23.00 35.03
CA SER B 387 -26.33 22.41 33.85
C SER B 387 -27.00 21.11 34.21
N ALA B 388 -28.32 21.06 34.03
CA ALA B 388 -29.05 19.84 34.33
C ALA B 388 -28.48 18.63 33.57
N PRO B 389 -28.20 18.77 32.29
CA PRO B 389 -27.60 17.66 31.53
C PRO B 389 -26.23 17.20 32.11
N VAL B 390 -25.40 18.13 32.54
CA VAL B 390 -24.12 17.74 33.13
C VAL B 390 -24.39 16.95 34.41
N GLN B 391 -25.24 17.48 35.30
CA GLN B 391 -25.59 16.77 36.53
C GLN B 391 -26.13 15.37 36.27
N ALA B 392 -26.90 15.19 35.20
CA ALA B 392 -27.41 13.86 34.90
C ALA B 392 -26.27 12.96 34.48
N LEU B 393 -25.35 13.46 33.65
CA LEU B 393 -24.20 12.65 33.27
C LEU B 393 -23.39 12.30 34.50
N ARG B 394 -23.29 13.25 35.43
CA ARG B 394 -22.55 13.06 36.67
C ARG B 394 -23.13 11.90 37.50
N GLU B 395 -24.44 11.81 37.58
CA GLU B 395 -25.09 10.72 38.29
C GLU B 395 -24.87 9.40 37.54
N LYS B 396 -25.17 9.41 36.24
CA LYS B 396 -25.03 8.24 35.39
C LYS B 396 -23.58 7.65 35.40
N MET B 397 -22.60 8.51 35.65
CA MET B 397 -21.20 8.14 35.72
C MET B 397 -20.93 7.14 36.87
N GLY B 398 -21.65 7.29 37.98
CA GLY B 398 -21.52 6.39 39.10
C GLY B 398 -20.26 6.61 39.90
N GLU B 399 -20.00 5.69 40.84
CA GLU B 399 -18.82 5.77 41.72
C GLU B 399 -18.15 4.39 41.86
N PHE B 400 -18.94 3.37 42.19
CA PHE B 400 -18.44 1.99 42.31
C PHE B 400 -17.31 1.87 43.32
N ALA B 401 -17.49 2.50 44.47
CA ALA B 401 -16.47 2.46 45.52
C ALA B 401 -16.12 1.02 45.98
N GLU B 402 -17.11 0.12 45.96
CA GLU B 402 -16.89 -1.26 46.38
C GLU B 402 -16.01 -1.99 45.39
N LEU B 403 -16.35 -1.88 44.10
CA LEU B 403 -15.58 -2.52 43.05
C LEU B 403 -14.19 -1.94 42.99
N ARG B 404 -14.08 -0.65 43.30
CA ARG B 404 -12.80 0.00 43.34
C ARG B 404 -11.93 -0.63 44.40
N ASP B 405 -12.48 -0.75 45.59
CA ASP B 405 -11.77 -1.30 46.72
C ASP B 405 -11.39 -2.74 46.48
N LEU B 406 -12.30 -3.48 45.85
CA LEU B 406 -12.06 -4.88 45.54
C LEU B 406 -10.83 -5.04 44.66
N LEU B 407 -10.79 -4.32 43.54
CA LEU B 407 -9.67 -4.45 42.60
C LEU B 407 -8.39 -3.90 43.19
N GLU B 408 -8.51 -2.97 44.13
CA GLU B 408 -7.34 -2.45 44.81
C GLU B 408 -6.72 -3.55 45.69
N ARG B 409 -7.55 -4.38 46.30
CA ARG B 409 -7.08 -5.41 47.20
C ARG B 409 -6.73 -6.70 46.48
N ALA B 410 -7.43 -7.00 45.39
CA ALA B 410 -7.25 -8.26 44.68
C ALA B 410 -6.04 -8.34 43.73
N ILE B 411 -5.83 -7.30 42.93
CA ILE B 411 -4.81 -7.30 41.89
C ILE B 411 -3.62 -6.44 42.32
N ILE B 412 -2.43 -6.81 41.87
CA ILE B 412 -1.25 -6.00 42.16
C ILE B 412 -1.28 -4.73 41.30
N ASP B 413 -0.36 -3.81 41.57
CA ASP B 413 -0.32 -2.52 40.85
C ASP B 413 -0.21 -2.64 39.33
N THR B 414 0.79 -3.38 38.84
CA THR B 414 1.00 -3.52 37.41
C THR B 414 1.11 -4.99 37.01
N PRO B 415 -0.04 -5.65 36.85
CA PRO B 415 -0.07 -7.07 36.54
C PRO B 415 0.40 -7.38 35.13
N PRO B 416 0.79 -8.62 34.87
CA PRO B 416 1.21 -9.05 33.55
C PRO B 416 0.05 -9.17 32.56
N VAL B 417 0.36 -9.47 31.30
CA VAL B 417 -0.62 -9.55 30.26
C VAL B 417 -1.63 -10.67 30.47
N LEU B 418 -1.12 -11.86 30.80
CA LEU B 418 -1.95 -13.04 30.99
C LEU B 418 -2.00 -13.45 32.45
N VAL B 419 -3.06 -14.16 32.82
CA VAL B 419 -3.19 -14.76 34.15
C VAL B 419 -2.46 -16.10 34.17
N ARG B 420 -2.28 -16.68 33.00
CA ARG B 420 -1.65 -18.01 32.83
C ARG B 420 -0.53 -18.31 33.79
N ASP B 421 0.44 -17.41 33.93
CA ASP B 421 1.57 -17.68 34.80
C ASP B 421 1.40 -17.13 36.21
N GLY B 422 0.23 -16.58 36.53
CA GLY B 422 0.03 -16.03 37.85
C GLY B 422 0.81 -14.75 38.07
N GLY B 423 0.94 -14.36 39.33
CA GLY B 423 1.56 -13.10 39.67
C GLY B 423 0.59 -11.94 39.46
N VAL B 424 -0.71 -12.20 39.56
CA VAL B 424 -1.70 -11.15 39.40
C VAL B 424 -2.38 -10.81 40.73
N ILE B 425 -2.67 -11.82 41.53
CA ILE B 425 -3.31 -11.59 42.81
C ILE B 425 -2.29 -11.04 43.77
N ALA B 426 -2.65 -9.94 44.42
CA ALA B 426 -1.76 -9.29 45.38
C ALA B 426 -1.74 -10.03 46.69
N SER B 427 -0.66 -9.85 47.45
CA SER B 427 -0.55 -10.45 48.74
C SER B 427 -1.50 -9.73 49.68
N GLY B 428 -2.05 -10.48 50.64
CA GLY B 428 -2.93 -9.92 51.66
C GLY B 428 -4.40 -10.05 51.31
N TYR B 429 -4.71 -10.49 50.10
CA TYR B 429 -6.08 -10.66 49.65
C TYR B 429 -6.65 -12.01 50.11
N ASN B 430 -5.82 -13.05 50.03
CA ASN B 430 -6.23 -14.39 50.43
C ASN B 430 -5.20 -15.05 51.33
N GLU B 431 -5.65 -15.68 52.40
CA GLU B 431 -4.76 -16.30 53.39
C GLU B 431 -4.01 -17.51 52.85
N GLU B 432 -4.74 -18.46 52.25
CA GLU B 432 -4.11 -19.62 51.67
C GLU B 432 -2.98 -19.22 50.74
N LEU B 433 -3.31 -18.40 49.75
CA LEU B 433 -2.35 -17.95 48.76
C LEU B 433 -1.14 -17.40 49.44
N ASP B 434 -1.34 -16.52 50.40
CA ASP B 434 -0.23 -15.94 51.14
C ASP B 434 0.67 -17.03 51.73
N GLU B 435 0.07 -18.14 52.16
CA GLU B 435 0.81 -19.24 52.76
C GLU B 435 1.61 -20.01 51.73
N TRP B 436 0.97 -20.47 50.66
CA TRP B 436 1.66 -21.24 49.63
C TRP B 436 2.88 -20.47 49.13
N ARG B 437 2.73 -19.17 48.97
CA ARG B 437 3.80 -18.32 48.52
C ARG B 437 4.93 -18.25 49.54
N ALA B 438 4.57 -18.34 50.82
CA ALA B 438 5.54 -18.28 51.90
C ALA B 438 6.37 -19.56 51.97
N LEU B 439 5.75 -20.68 51.58
CA LEU B 439 6.42 -21.96 51.55
C LEU B 439 7.39 -22.01 50.37
N ALA B 440 6.90 -21.62 49.21
CA ALA B 440 7.71 -21.60 48.02
C ALA B 440 8.93 -20.71 48.23
N ASP B 441 8.72 -19.53 48.81
CA ASP B 441 9.81 -18.60 49.09
C ASP B 441 10.77 -19.24 50.09
N GLY B 442 10.22 -19.97 51.05
CA GLY B 442 11.03 -20.65 52.05
C GLY B 442 11.89 -21.75 51.44
N ALA B 443 11.29 -22.55 50.56
CA ALA B 443 12.01 -23.62 49.90
C ALA B 443 13.03 -23.02 48.92
N THR B 444 12.68 -21.86 48.37
CA THR B 444 13.57 -21.16 47.46
C THR B 444 14.76 -20.56 48.20
N ASP B 445 14.51 -19.99 49.38
CA ASP B 445 15.58 -19.40 50.17
C ASP B 445 16.56 -20.46 50.66
N TYR B 446 16.04 -21.67 50.88
CA TYR B 446 16.87 -22.80 51.30
C TYR B 446 17.84 -23.17 50.18
N LEU B 447 17.31 -23.45 49.01
CA LEU B 447 18.13 -23.79 47.88
C LEU B 447 19.21 -22.74 47.61
N GLU B 448 18.93 -21.49 47.98
CA GLU B 448 19.93 -20.44 47.81
C GLU B 448 21.05 -20.59 48.81
N ARG B 449 20.69 -20.96 50.04
CA ARG B 449 21.68 -21.18 51.08
C ARG B 449 22.43 -22.50 50.82
N LEU B 450 21.72 -23.47 50.25
CA LEU B 450 22.33 -24.72 49.86
C LEU B 450 23.51 -24.44 48.93
N GLU B 451 23.35 -23.47 48.05
CA GLU B 451 24.38 -23.14 47.09
C GLU B 451 25.64 -22.61 47.76
N VAL B 452 25.50 -21.60 48.61
CA VAL B 452 26.66 -21.02 49.29
C VAL B 452 27.31 -22.05 50.21
N ARG B 453 26.49 -22.93 50.76
CA ARG B 453 26.98 -23.95 51.66
C ARG B 453 27.85 -24.96 50.90
N GLU B 454 27.33 -25.43 49.76
CA GLU B 454 28.06 -26.40 48.95
C GLU B 454 29.33 -25.80 48.33
N ARG B 455 29.41 -24.48 48.26
CA ARG B 455 30.57 -23.82 47.67
C ARG B 455 31.73 -23.81 48.63
N GLU B 456 31.52 -23.21 49.79
CA GLU B 456 32.58 -23.10 50.79
C GLU B 456 33.06 -24.49 51.17
N ARG B 457 32.14 -25.45 51.20
CA ARG B 457 32.47 -26.82 51.57
C ARG B 457 33.42 -27.43 50.55
N THR B 458 32.96 -27.57 49.31
CA THR B 458 33.78 -28.15 48.25
C THR B 458 34.90 -27.20 47.83
N GLY B 459 34.77 -25.92 48.17
CA GLY B 459 35.77 -24.92 47.82
C GLY B 459 35.86 -24.61 46.33
N LEU B 460 34.81 -24.97 45.58
CA LEU B 460 34.76 -24.72 44.14
C LEU B 460 33.93 -23.46 43.83
N ASP B 461 34.63 -22.36 43.52
CA ASP B 461 33.97 -21.07 43.29
C ASP B 461 33.01 -20.99 42.09
N THR B 462 33.14 -21.90 41.13
CA THR B 462 32.24 -21.90 39.98
C THR B 462 30.93 -22.59 40.30
N LEU B 463 30.84 -23.18 41.48
CA LEU B 463 29.65 -23.94 41.88
C LEU B 463 28.44 -23.04 42.09
N LYS B 464 27.32 -23.44 41.49
CA LYS B 464 26.05 -22.74 41.70
C LYS B 464 24.84 -23.65 41.38
N VAL B 465 23.68 -23.27 41.91
CA VAL B 465 22.43 -24.01 41.71
C VAL B 465 21.59 -23.33 40.65
N GLY B 466 21.07 -24.10 39.70
CA GLY B 466 20.23 -23.55 38.64
C GLY B 466 19.02 -24.43 38.45
N PHE B 467 18.01 -23.92 37.73
CA PHE B 467 16.78 -24.67 37.44
C PHE B 467 16.52 -24.81 35.95
N ASN B 468 15.92 -25.95 35.60
CA ASN B 468 15.61 -26.28 34.22
C ASN B 468 14.36 -27.17 34.20
N ALA B 469 13.70 -27.30 33.06
CA ALA B 469 12.53 -28.16 32.96
C ALA B 469 12.95 -29.64 32.94
N VAL B 470 13.77 -30.01 31.97
CA VAL B 470 14.21 -31.38 31.84
C VAL B 470 14.75 -31.97 33.15
N HIS B 471 15.74 -31.30 33.75
CA HIS B 471 16.38 -31.81 34.95
C HIS B 471 15.89 -31.18 36.24
N GLY B 472 14.94 -30.26 36.15
CA GLY B 472 14.48 -29.57 37.34
C GLY B 472 15.66 -28.81 37.93
N TYR B 473 15.76 -28.85 39.25
CA TYR B 473 16.89 -28.21 39.93
C TYR B 473 18.13 -29.07 39.76
N TYR B 474 19.30 -28.45 39.88
CA TYR B 474 20.56 -29.14 39.66
C TYR B 474 21.71 -28.31 40.17
N ILE B 475 22.87 -28.93 40.30
CA ILE B 475 24.09 -28.22 40.71
C ILE B 475 25.07 -28.20 39.57
N GLN B 476 25.66 -27.03 39.31
CA GLN B 476 26.57 -26.88 38.19
C GLN B 476 27.98 -26.53 38.66
N ILE B 477 28.97 -27.20 38.07
CA ILE B 477 30.36 -26.92 38.32
C ILE B 477 30.99 -26.78 36.94
N SER B 478 31.99 -25.92 36.83
CA SER B 478 32.69 -25.79 35.55
C SER B 478 33.45 -27.07 35.22
N ARG B 479 33.74 -27.26 33.94
CA ARG B 479 34.48 -28.42 33.48
C ARG B 479 35.79 -28.58 34.25
N GLY B 480 36.57 -27.51 34.33
CA GLY B 480 37.88 -27.53 34.93
C GLY B 480 37.89 -27.87 36.41
N GLN B 481 36.75 -27.72 37.08
CA GLN B 481 36.64 -28.04 38.49
C GLN B 481 35.77 -29.28 38.74
N SER B 482 35.10 -29.76 37.69
CA SER B 482 34.18 -30.88 37.79
C SER B 482 34.79 -32.15 38.38
N HIS B 483 36.07 -32.35 38.12
CA HIS B 483 36.78 -33.53 38.61
C HIS B 483 36.94 -33.52 40.13
N LEU B 484 36.61 -32.40 40.77
CA LEU B 484 36.71 -32.28 42.21
C LEU B 484 35.36 -32.40 42.89
N ALA B 485 34.30 -32.69 42.11
CA ALA B 485 32.97 -32.80 42.68
C ALA B 485 32.93 -33.91 43.73
N PRO B 486 32.17 -33.72 44.80
CA PRO B 486 32.04 -34.76 45.82
C PRO B 486 31.48 -36.04 45.21
N ILE B 487 31.86 -37.15 45.80
CA ILE B 487 31.50 -38.46 45.27
C ILE B 487 29.99 -38.70 45.31
N ASN B 488 29.29 -38.03 46.22
CA ASN B 488 27.84 -38.18 46.33
C ASN B 488 27.05 -37.45 45.23
N TYR B 489 27.70 -36.57 44.48
CA TYR B 489 27.03 -35.87 43.38
C TYR B 489 26.77 -36.85 42.24
N MET B 490 25.53 -36.89 41.74
CA MET B 490 25.19 -37.76 40.61
C MET B 490 25.15 -36.92 39.34
N ARG B 491 25.88 -37.36 38.33
CA ARG B 491 26.01 -36.65 37.06
C ARG B 491 24.78 -36.86 36.19
N ARG B 492 24.18 -35.74 35.74
CA ARG B 492 22.98 -35.79 34.89
C ARG B 492 23.12 -35.13 33.53
N GLN B 493 23.95 -34.10 33.41
CA GLN B 493 24.09 -33.41 32.13
C GLN B 493 25.45 -32.74 31.96
N THR B 494 26.15 -33.13 30.89
CA THR B 494 27.42 -32.53 30.50
C THR B 494 27.17 -31.45 29.49
N LEU B 495 27.79 -30.28 29.69
CA LEU B 495 27.73 -29.19 28.72
C LEU B 495 29.12 -29.05 28.15
N LYS B 496 29.31 -28.14 27.20
CA LYS B 496 30.63 -27.91 26.61
C LYS B 496 31.67 -27.61 27.69
N ASN B 497 31.28 -26.81 28.67
CA ASN B 497 32.23 -26.38 29.70
C ASN B 497 31.68 -26.47 31.13
N ALA B 498 30.87 -27.49 31.40
CA ALA B 498 30.30 -27.68 32.74
C ALA B 498 29.57 -29.02 32.89
N GLU B 499 29.47 -29.49 34.12
CA GLU B 499 28.73 -30.72 34.42
C GLU B 499 27.64 -30.35 35.39
N ARG B 500 26.47 -30.96 35.23
CA ARG B 500 25.38 -30.68 36.14
C ARG B 500 25.03 -31.94 36.92
N TYR B 501 24.85 -31.78 38.23
CA TYR B 501 24.59 -32.90 39.10
C TYR B 501 23.33 -32.72 39.93
N ILE B 502 22.89 -33.82 40.52
CA ILE B 502 21.77 -33.80 41.45
C ILE B 502 22.13 -34.55 42.74
N ILE B 503 21.39 -34.24 43.81
CA ILE B 503 21.52 -34.93 45.10
C ILE B 503 20.13 -34.91 45.72
N PRO B 504 19.87 -35.82 46.66
CA PRO B 504 18.54 -35.93 47.28
C PRO B 504 18.10 -34.66 48.00
N GLU B 505 19.02 -34.01 48.70
CA GLU B 505 18.73 -32.77 49.40
C GLU B 505 18.29 -31.69 48.41
N LEU B 506 18.41 -31.99 47.12
CA LEU B 506 18.07 -31.07 46.06
C LEU B 506 16.69 -31.37 45.54
N LYS B 507 16.44 -32.62 45.19
CA LYS B 507 15.14 -33.01 44.66
C LYS B 507 14.09 -32.93 45.74
N GLU B 508 14.53 -32.91 47.00
CA GLU B 508 13.60 -32.81 48.10
C GLU B 508 12.92 -31.44 48.09
N TYR B 509 13.73 -30.38 48.03
CA TYR B 509 13.22 -29.03 48.07
C TYR B 509 12.59 -28.62 46.74
N GLU B 510 13.01 -29.27 45.65
CA GLU B 510 12.43 -29.03 44.35
C GLU B 510 10.94 -29.31 44.43
N ASP B 511 10.58 -30.31 45.21
CA ASP B 511 9.20 -30.65 45.42
C ASP B 511 8.53 -29.55 46.25
N LYS B 512 9.21 -29.07 47.28
CA LYS B 512 8.66 -28.03 48.12
C LYS B 512 8.31 -26.80 47.27
N VAL B 513 9.21 -26.48 46.33
CA VAL B 513 9.00 -25.35 45.45
C VAL B 513 7.85 -25.62 44.46
N LEU B 514 8.00 -26.66 43.66
CA LEU B 514 7.05 -26.98 42.59
C LEU B 514 5.62 -27.23 43.03
N THR B 515 5.43 -28.00 44.10
CA THR B 515 4.08 -28.31 44.56
C THR B 515 3.41 -27.04 45.08
N SER B 516 4.18 -26.23 45.81
CA SER B 516 3.70 -24.94 46.33
C SER B 516 3.25 -24.03 45.18
N LYS B 517 4.18 -23.64 44.33
CA LYS B 517 3.86 -22.78 43.19
C LYS B 517 2.62 -23.25 42.46
N GLY B 518 2.55 -24.55 42.19
CA GLY B 518 1.43 -25.12 41.46
C GLY B 518 0.08 -24.84 42.10
N LYS B 519 0.06 -24.84 43.42
CA LYS B 519 -1.16 -24.60 44.17
C LYS B 519 -1.49 -23.14 44.19
N ALA B 520 -0.45 -22.32 44.37
CA ALA B 520 -0.59 -20.89 44.38
C ALA B 520 -1.20 -20.46 43.05
N LEU B 521 -0.69 -21.05 41.97
CA LEU B 521 -1.15 -20.74 40.62
C LEU B 521 -2.60 -21.11 40.42
N ALA B 522 -2.99 -22.30 40.89
CA ALA B 522 -4.37 -22.74 40.76
C ALA B 522 -5.28 -21.83 41.56
N LEU B 523 -4.78 -21.37 42.69
CA LEU B 523 -5.56 -20.52 43.57
C LEU B 523 -5.76 -19.15 42.90
N GLU B 524 -4.68 -18.56 42.41
CA GLU B 524 -4.77 -17.29 41.72
C GLU B 524 -5.85 -17.38 40.66
N LYS B 525 -5.82 -18.45 39.88
CA LYS B 525 -6.78 -18.62 38.79
C LYS B 525 -8.21 -18.64 39.31
N GLN B 526 -8.44 -19.31 40.43
CA GLN B 526 -9.81 -19.37 40.97
C GLN B 526 -10.24 -18.02 41.52
N LEU B 527 -9.33 -17.34 42.21
CA LEU B 527 -9.58 -16.02 42.72
C LEU B 527 -9.83 -15.01 41.60
N TYR B 528 -9.22 -15.23 40.46
CA TYR B 528 -9.39 -14.36 39.33
C TYR B 528 -10.77 -14.51 38.72
N GLU B 529 -11.22 -15.76 38.49
CA GLU B 529 -12.57 -16.02 37.96
C GLU B 529 -13.65 -15.55 38.94
N GLU B 530 -13.31 -15.50 40.23
CA GLU B 530 -14.24 -15.06 41.25
C GLU B 530 -14.47 -13.53 41.07
N LEU B 531 -13.42 -12.84 40.64
CA LEU B 531 -13.52 -11.41 40.40
C LEU B 531 -14.59 -11.12 39.37
N PHE B 532 -14.70 -11.98 38.38
CA PHE B 532 -15.73 -11.81 37.37
C PHE B 532 -17.09 -11.96 38.01
N ASP B 533 -17.27 -12.97 38.84
CA ASP B 533 -18.59 -13.20 39.46
C ASP B 533 -19.02 -12.02 40.35
N LEU B 534 -18.05 -11.33 40.95
CA LEU B 534 -18.33 -10.20 41.83
C LEU B 534 -18.57 -8.91 41.06
N LEU B 535 -17.95 -8.79 39.89
CA LEU B 535 -18.10 -7.61 39.01
C LEU B 535 -19.34 -7.66 38.10
N LEU B 536 -19.63 -8.82 37.53
CA LEU B 536 -20.74 -8.92 36.57
C LEU B 536 -22.15 -8.53 37.06
N PRO B 537 -22.46 -8.62 38.35
CA PRO B 537 -23.77 -8.17 38.81
C PRO B 537 -24.01 -6.69 38.52
N HIS B 538 -22.96 -5.89 38.44
CA HIS B 538 -23.09 -4.45 38.20
C HIS B 538 -22.90 -4.07 36.74
N LEU B 539 -22.93 -5.06 35.86
CA LEU B 539 -22.68 -4.83 34.44
C LEU B 539 -23.53 -3.72 33.85
N GLU B 540 -24.84 -3.77 34.09
CA GLU B 540 -25.71 -2.75 33.54
C GLU B 540 -25.29 -1.33 33.96
N ALA B 541 -25.04 -1.12 35.25
CA ALA B 541 -24.65 0.20 35.73
C ALA B 541 -23.24 0.57 35.24
N LEU B 542 -22.38 -0.41 35.05
CA LEU B 542 -21.06 -0.14 34.51
C LEU B 542 -21.18 0.33 33.06
N GLN B 543 -22.05 -0.30 32.28
CA GLN B 543 -22.24 0.11 30.88
C GLN B 543 -22.78 1.55 30.76
N GLN B 544 -23.68 1.93 31.69
CA GLN B 544 -24.22 3.28 31.71
C GLN B 544 -23.11 4.27 32.01
N SER B 545 -22.20 3.89 32.92
CA SER B 545 -21.10 4.73 33.33
C SER B 545 -20.17 5.00 32.15
N ALA B 546 -19.75 3.97 31.44
CA ALA B 546 -18.88 4.15 30.29
C ALA B 546 -19.60 5.00 29.24
N SER B 547 -20.89 4.75 29.08
CA SER B 547 -21.62 5.51 28.13
C SER B 547 -21.57 7.01 28.51
N ALA B 548 -21.84 7.30 29.77
CA ALA B 548 -21.80 8.67 30.25
C ALA B 548 -20.39 9.30 30.12
N LEU B 549 -19.36 8.52 30.43
CA LEU B 549 -18.00 9.06 30.37
C LEU B 549 -17.65 9.38 28.93
N ALA B 550 -18.07 8.51 28.02
CA ALA B 550 -17.89 8.75 26.60
C ALA B 550 -18.57 10.05 26.15
N GLU B 551 -19.81 10.25 26.54
CA GLU B 551 -20.53 11.48 26.21
C GLU B 551 -19.91 12.74 26.85
N LEU B 552 -19.38 12.62 28.05
CA LEU B 552 -18.73 13.75 28.71
C LEU B 552 -17.50 14.16 27.95
N ASP B 553 -16.76 13.14 27.51
CA ASP B 553 -15.56 13.35 26.76
C ASP B 553 -15.88 14.09 25.47
N VAL B 554 -16.96 13.68 24.79
CA VAL B 554 -17.39 14.34 23.56
C VAL B 554 -17.76 15.80 23.83
N LEU B 555 -18.58 16.02 24.84
CA LEU B 555 -19.06 17.35 25.16
C LEU B 555 -17.99 18.30 25.68
N VAL B 556 -17.10 17.78 26.52
CA VAL B 556 -16.04 18.56 27.09
C VAL B 556 -15.16 18.97 25.97
N ASN B 557 -14.90 18.04 25.06
CA ASN B 557 -14.09 18.32 23.87
C ASN B 557 -14.71 19.43 23.02
N LEU B 558 -15.99 19.33 22.70
CA LEU B 558 -16.63 20.36 21.88
C LEU B 558 -16.64 21.71 22.60
N ALA B 559 -16.68 21.68 23.92
CA ALA B 559 -16.60 22.90 24.72
C ALA B 559 -15.23 23.53 24.58
N GLU B 560 -14.19 22.71 24.54
CA GLU B 560 -12.83 23.20 24.39
C GLU B 560 -12.61 23.70 22.97
N ARG B 561 -13.11 22.98 21.97
CA ARG B 561 -12.97 23.43 20.59
C ARG B 561 -13.66 24.80 20.35
N ALA B 562 -14.87 24.97 20.86
CA ALA B 562 -15.55 26.24 20.67
C ALA B 562 -14.81 27.44 21.27
N TYR B 563 -14.28 27.27 22.48
CA TYR B 563 -13.62 28.33 23.20
C TYR B 563 -12.27 28.61 22.56
N THR B 564 -11.58 27.55 22.19
CA THR B 564 -10.26 27.64 21.59
C THR B 564 -10.31 28.18 20.18
N LEU B 565 -11.27 27.73 19.38
CA LEU B 565 -11.31 28.12 17.94
C LEU B 565 -12.23 29.29 17.62
N ASN B 566 -12.74 29.98 18.64
CA ASN B 566 -13.61 31.15 18.47
C ASN B 566 -14.92 30.83 17.72
N TYR B 567 -15.65 29.85 18.21
CA TYR B 567 -16.91 29.47 17.61
C TYR B 567 -18.01 30.19 18.35
N THR B 568 -19.23 30.11 17.83
CA THR B 568 -20.36 30.77 18.43
C THR B 568 -21.58 29.84 18.43
N CYS B 569 -22.52 30.07 19.34
CA CYS B 569 -23.71 29.22 19.46
C CYS B 569 -24.71 29.64 18.43
N PRO B 570 -25.09 28.77 17.51
CA PRO B 570 -26.09 29.15 16.50
C PRO B 570 -27.49 29.11 17.07
N THR B 571 -28.41 29.88 16.51
CA THR B 571 -29.81 29.82 16.96
C THR B 571 -30.68 29.19 15.91
N PHE B 572 -31.79 28.61 16.32
CA PHE B 572 -32.71 27.94 15.40
C PHE B 572 -33.95 28.77 15.14
N ILE B 573 -34.38 28.84 13.88
CA ILE B 573 -35.64 29.52 13.52
C ILE B 573 -36.65 28.50 12.99
N ASP B 574 -37.90 28.93 12.83
CA ASP B 574 -39.00 28.06 12.49
C ASP B 574 -38.98 27.62 11.05
N LYS B 575 -38.81 28.58 10.13
CA LYS B 575 -38.81 28.31 8.70
C LYS B 575 -37.40 28.17 8.12
N PRO B 576 -37.28 27.50 6.98
CA PRO B 576 -35.98 27.28 6.35
C PRO B 576 -35.23 28.58 6.14
N GLY B 577 -33.93 28.58 6.38
CA GLY B 577 -33.13 29.78 6.23
C GLY B 577 -31.76 29.62 6.84
N ILE B 578 -30.79 30.39 6.35
CA ILE B 578 -29.44 30.38 6.90
C ILE B 578 -28.90 31.77 6.87
N ARG B 579 -28.51 32.29 8.04
CA ARG B 579 -27.91 33.61 8.12
C ARG B 579 -26.60 33.50 8.83
N ILE B 580 -25.53 33.65 8.07
CA ILE B 580 -24.19 33.58 8.61
C ILE B 580 -23.55 34.94 8.52
N THR B 581 -22.96 35.37 9.62
CA THR B 581 -22.10 36.54 9.65
C THR B 581 -20.69 36.06 9.94
N GLU B 582 -19.77 36.39 9.05
CA GLU B 582 -18.36 36.06 9.18
C GLU B 582 -18.12 34.58 9.43
N GLY B 583 -18.63 33.75 8.54
CA GLY B 583 -18.46 32.32 8.67
C GLY B 583 -17.16 31.89 8.03
N ARG B 584 -16.64 30.75 8.46
CA ARG B 584 -15.43 30.25 7.89
C ARG B 584 -15.51 28.76 7.66
N HIS B 585 -14.64 28.24 6.80
CA HIS B 585 -14.51 26.80 6.63
C HIS B 585 -13.69 26.30 7.83
N PRO B 586 -14.28 25.45 8.67
CA PRO B 586 -13.64 25.02 9.92
C PRO B 586 -12.34 24.22 9.74
N VAL B 587 -12.15 23.60 8.58
CA VAL B 587 -10.93 22.84 8.30
C VAL B 587 -9.87 23.70 7.58
N VAL B 588 -10.27 24.37 6.49
CA VAL B 588 -9.39 25.17 5.71
C VAL B 588 -8.74 26.26 6.58
N GLU B 589 -9.50 26.86 7.50
CA GLU B 589 -8.97 27.90 8.37
C GLU B 589 -7.89 27.46 9.35
N GLN B 590 -7.80 26.16 9.62
CA GLN B 590 -6.81 25.67 10.57
C GLN B 590 -5.59 25.18 9.85
N VAL B 591 -5.74 24.88 8.56
CA VAL B 591 -4.66 24.31 7.74
C VAL B 591 -3.81 25.36 7.00
N LEU B 592 -4.44 26.37 6.42
CA LEU B 592 -3.68 27.31 5.63
C LEU B 592 -3.01 28.41 6.50
N ASN B 593 -1.73 28.67 6.23
CA ASN B 593 -0.99 29.70 6.97
C ASN B 593 -1.20 31.11 6.44
N GLU B 594 -2.27 31.29 5.70
CA GLU B 594 -2.66 32.55 5.11
C GLU B 594 -4.01 32.90 5.79
N PRO B 595 -4.30 34.18 5.97
CA PRO B 595 -5.54 34.59 6.62
C PRO B 595 -6.75 34.08 5.89
N PHE B 596 -7.69 33.49 6.63
CA PHE B 596 -8.91 33.04 6.05
C PHE B 596 -9.84 34.22 5.98
N ILE B 597 -10.47 34.43 4.84
CA ILE B 597 -11.39 35.52 4.67
C ILE B 597 -12.78 35.02 5.02
N ALA B 598 -13.36 35.57 6.06
CA ALA B 598 -14.67 35.19 6.49
C ALA B 598 -15.73 35.81 5.55
N ASN B 599 -16.89 35.16 5.41
CA ASN B 599 -17.91 35.61 4.45
C ASN B 599 -19.33 35.45 5.02
N PRO B 600 -20.22 36.37 4.67
CA PRO B 600 -21.62 36.25 5.08
C PRO B 600 -22.37 35.33 4.15
N LEU B 601 -23.60 34.98 4.56
CA LEU B 601 -24.57 34.28 3.74
C LEU B 601 -25.94 34.66 4.24
N ASN B 602 -26.86 34.95 3.33
CA ASN B 602 -28.21 35.28 3.66
C ASN B 602 -29.14 34.54 2.72
N LEU B 603 -29.70 33.44 3.19
CA LEU B 603 -30.67 32.67 2.43
C LEU B 603 -31.95 32.63 3.21
N SER B 604 -33.09 32.80 2.53
CA SER B 604 -34.43 32.74 3.13
C SER B 604 -35.43 32.32 2.06
N PRO B 605 -36.68 32.06 2.42
CA PRO B 605 -37.69 31.71 1.42
C PRO B 605 -37.83 32.77 0.35
N GLN B 606 -37.40 34.00 0.65
CA GLN B 606 -37.46 35.10 -0.33
C GLN B 606 -36.13 35.22 -1.13
N ARG B 607 -35.07 34.62 -0.63
CA ARG B 607 -33.77 34.72 -1.24
C ARG B 607 -33.23 33.31 -1.14
N ARG B 608 -33.77 32.45 -2.00
CA ARG B 608 -33.56 31.03 -1.92
C ARG B 608 -32.38 30.49 -2.70
N MET B 609 -32.03 31.11 -3.81
CA MET B 609 -30.93 30.64 -4.64
C MET B 609 -29.96 31.76 -4.93
N LEU B 610 -28.68 31.46 -4.81
CA LEU B 610 -27.64 32.37 -5.20
C LEU B 610 -26.87 31.81 -6.40
N ILE B 611 -26.79 32.59 -7.46
CA ILE B 611 -25.95 32.24 -8.61
C ILE B 611 -24.59 32.80 -8.26
N ILE B 612 -23.59 31.92 -8.11
CA ILE B 612 -22.25 32.33 -7.71
C ILE B 612 -21.31 32.28 -8.89
N THR B 613 -20.77 33.41 -9.21
CA THR B 613 -19.99 33.48 -10.39
C THR B 613 -18.62 34.04 -10.06
N GLY B 614 -17.69 33.88 -10.97
CA GLY B 614 -16.33 34.29 -10.76
C GLY B 614 -15.34 33.16 -10.91
N PRO B 615 -14.06 33.49 -10.67
CA PRO B 615 -12.93 32.60 -10.78
C PRO B 615 -12.94 31.20 -10.25
N ASN B 616 -11.94 30.50 -10.81
CA ASN B 616 -11.57 29.14 -10.46
C ASN B 616 -10.22 29.29 -9.79
N MET B 617 -10.29 29.21 -8.46
CA MET B 617 -9.24 29.55 -7.52
C MET B 617 -9.79 30.67 -6.59
N GLY B 618 -10.90 31.30 -6.98
CA GLY B 618 -11.50 32.41 -6.25
C GLY B 618 -12.15 32.12 -4.89
N GLY B 619 -12.60 30.90 -4.67
CA GLY B 619 -13.19 30.54 -3.39
C GLY B 619 -14.63 30.07 -3.41
N LYS B 620 -15.16 29.76 -4.57
CA LYS B 620 -16.55 29.33 -4.69
C LYS B 620 -16.84 28.04 -3.94
N SER B 621 -16.09 27.00 -4.28
CA SER B 621 -16.25 25.70 -3.67
C SER B 621 -16.12 25.71 -2.16
N THR B 622 -15.10 26.38 -1.66
CA THR B 622 -14.87 26.50 -0.23
C THR B 622 -16.08 27.15 0.41
N TYR B 623 -16.54 28.22 -0.20
CA TYR B 623 -17.66 28.96 0.30
C TYR B 623 -18.94 28.09 0.36
N MET B 624 -19.11 27.21 -0.61
CA MET B 624 -20.23 26.32 -0.62
C MET B 624 -20.06 25.21 0.43
N ARG B 625 -18.86 24.67 0.54
CA ARG B 625 -18.66 23.60 1.49
C ARG B 625 -18.71 24.10 2.92
N GLN B 626 -18.34 25.34 3.17
CA GLN B 626 -18.38 25.82 4.56
C GLN B 626 -19.81 26.04 4.99
N THR B 627 -20.69 26.24 4.04
CA THR B 627 -22.10 26.42 4.36
C THR B 627 -22.65 25.09 4.87
N ALA B 628 -22.31 24.03 4.16
CA ALA B 628 -22.76 22.71 4.52
C ALA B 628 -22.17 22.29 5.84
N LEU B 629 -20.89 22.61 6.04
CA LEU B 629 -20.23 22.20 7.28
C LEU B 629 -20.77 22.93 8.47
N ILE B 630 -21.14 24.19 8.29
CA ILE B 630 -21.74 24.97 9.36
C ILE B 630 -23.15 24.44 9.70
N ALA B 631 -23.94 24.17 8.69
CA ALA B 631 -25.23 23.54 8.89
C ALA B 631 -25.07 22.21 9.66
N LEU B 632 -24.13 21.40 9.22
CA LEU B 632 -23.85 20.13 9.85
C LEU B 632 -23.51 20.29 11.30
N MET B 633 -22.55 21.17 11.59
CA MET B 633 -22.09 21.33 12.95
C MET B 633 -23.24 21.84 13.86
N ALA B 634 -24.06 22.75 13.36
CA ALA B 634 -25.18 23.25 14.12
C ALA B 634 -26.13 22.12 14.51
N TYR B 635 -26.28 21.14 13.62
CA TYR B 635 -27.18 20.03 13.85
C TYR B 635 -26.53 18.79 14.50
N ILE B 636 -25.43 19.03 15.18
CA ILE B 636 -24.71 18.05 15.98
C ILE B 636 -24.78 18.56 17.40
N GLY B 637 -25.15 19.84 17.56
CA GLY B 637 -25.23 20.47 18.84
C GLY B 637 -24.00 21.29 19.18
N SER B 638 -23.04 21.37 18.26
CA SER B 638 -21.77 22.06 18.47
C SER B 638 -21.84 23.54 18.14
N TYR B 639 -20.95 24.32 18.71
CA TYR B 639 -20.85 25.71 18.32
C TYR B 639 -20.23 25.71 16.90
N VAL B 640 -20.33 26.85 16.20
CA VAL B 640 -19.92 26.93 14.79
C VAL B 640 -18.97 28.12 14.50
N PRO B 641 -18.15 27.98 13.46
CA PRO B 641 -17.18 29.02 13.07
C PRO B 641 -17.79 30.25 12.37
N ALA B 642 -18.34 31.15 13.16
CA ALA B 642 -18.94 32.34 12.63
C ALA B 642 -19.11 33.32 13.75
N GLN B 643 -19.46 34.55 13.44
CA GLN B 643 -19.79 35.53 14.49
C GLN B 643 -21.23 35.33 14.90
N LYS B 644 -22.05 34.83 13.98
CA LYS B 644 -23.46 34.63 14.22
C LYS B 644 -24.06 33.70 13.20
N VAL B 645 -24.91 32.79 13.65
CA VAL B 645 -25.60 31.89 12.75
C VAL B 645 -27.05 31.70 13.21
N GLU B 646 -28.00 31.97 12.32
CA GLU B 646 -29.41 31.64 12.51
C GLU B 646 -29.76 30.64 11.43
N ILE B 647 -30.32 29.48 11.81
CA ILE B 647 -30.60 28.45 10.83
C ILE B 647 -31.91 27.72 11.08
N GLY B 648 -32.69 27.50 10.00
CA GLY B 648 -33.94 26.78 10.04
C GLY B 648 -33.80 25.28 9.93
N PRO B 649 -34.90 24.56 9.89
CA PRO B 649 -34.82 23.10 9.77
C PRO B 649 -34.26 22.67 8.43
N ILE B 650 -33.54 21.58 8.44
CA ILE B 650 -32.90 21.07 7.25
C ILE B 650 -33.13 19.59 7.26
N ASP B 651 -33.71 19.04 6.17
CA ASP B 651 -33.99 17.61 6.12
C ASP B 651 -32.82 16.85 5.47
N ARG B 652 -32.12 17.51 4.56
CA ARG B 652 -30.96 16.89 3.92
C ARG B 652 -30.04 17.86 3.25
N ILE B 653 -28.82 17.42 3.06
CA ILE B 653 -27.79 18.25 2.48
C ILE B 653 -27.31 17.55 1.24
N PHE B 654 -27.32 18.24 0.11
CA PHE B 654 -26.81 17.70 -1.14
C PHE B 654 -25.62 18.57 -1.55
N THR B 655 -24.47 17.95 -1.82
CA THR B 655 -23.33 18.72 -2.28
C THR B 655 -22.76 18.07 -3.50
N ARG B 656 -23.08 18.65 -4.65
CA ARG B 656 -22.58 18.21 -5.95
C ARG B 656 -21.43 19.13 -6.22
N VAL B 657 -20.45 19.06 -5.34
CA VAL B 657 -19.33 19.94 -5.38
C VAL B 657 -18.12 19.11 -5.58
N GLY B 658 -17.22 19.60 -6.40
CA GLY B 658 -16.00 18.91 -6.62
C GLY B 658 -16.02 18.21 -7.94
N ALA B 659 -15.65 16.93 -7.93
CA ALA B 659 -15.27 16.29 -9.17
C ALA B 659 -15.92 14.98 -9.49
N ALA B 660 -15.87 14.68 -10.78
CA ALA B 660 -16.32 13.40 -11.29
C ALA B 660 -15.17 12.41 -11.13
N ASP B 661 -14.94 11.58 -12.15
CA ASP B 661 -13.87 10.59 -12.14
C ASP B 661 -14.34 9.31 -11.45
N ASP B 662 -15.01 8.49 -12.28
CA ASP B 662 -15.57 7.18 -11.91
C ASP B 662 -15.98 7.00 -10.44
N SER B 665 -14.80 0.72 -15.51
CA SER B 665 -15.14 0.92 -14.11
C SER B 665 -15.79 2.28 -13.80
N GLY B 666 -15.76 3.22 -14.75
CA GLY B 666 -16.27 4.55 -14.46
C GLY B 666 -16.98 5.36 -15.51
N ARG B 667 -18.30 5.18 -15.56
CA ARG B 667 -19.19 5.87 -16.51
C ARG B 667 -18.56 6.95 -17.40
N SER B 668 -18.08 8.03 -16.76
CA SER B 668 -17.52 9.25 -17.39
C SER B 668 -17.86 10.43 -16.49
N THR B 669 -16.95 11.40 -16.44
CA THR B 669 -17.14 12.56 -15.60
C THR B 669 -18.50 13.25 -15.73
N PHE B 670 -18.84 13.62 -16.97
CA PHE B 670 -20.11 14.27 -17.23
C PHE B 670 -21.28 13.37 -16.83
N MET B 671 -21.16 12.08 -17.09
CA MET B 671 -22.23 11.13 -16.72
C MET B 671 -22.50 11.12 -15.24
N VAL B 672 -21.44 11.00 -14.46
CA VAL B 672 -21.50 10.99 -12.99
C VAL B 672 -22.07 12.29 -12.47
N GLU B 673 -21.54 13.39 -12.99
CA GLU B 673 -22.00 14.71 -12.61
C GLU B 673 -23.52 14.85 -12.87
N MET B 674 -24.01 14.27 -13.96
CA MET B 674 -25.43 14.38 -14.26
C MET B 674 -26.26 13.44 -13.38
N THR B 675 -25.70 12.26 -13.07
CA THR B 675 -26.36 11.29 -12.21
C THR B 675 -26.58 11.87 -10.81
N GLU B 676 -25.56 12.51 -10.26
CA GLU B 676 -25.69 13.13 -8.94
C GLU B 676 -26.69 14.30 -8.98
N THR B 677 -26.77 14.99 -10.11
CA THR B 677 -27.70 16.10 -10.27
C THR B 677 -29.13 15.55 -10.27
N ALA B 678 -29.31 14.42 -10.96
CA ALA B 678 -30.61 13.78 -11.03
C ALA B 678 -31.11 13.38 -9.65
N ASN B 679 -30.17 12.91 -8.82
CA ASN B 679 -30.47 12.52 -7.46
C ASN B 679 -30.99 13.72 -6.67
N ILE B 680 -30.36 14.88 -6.84
CA ILE B 680 -30.80 16.10 -6.18
C ILE B 680 -32.18 16.53 -6.66
N LEU B 681 -32.38 16.58 -7.97
CA LEU B 681 -33.69 17.02 -8.52
C LEU B 681 -34.83 16.09 -8.19
N HIS B 682 -34.57 14.78 -8.11
CA HIS B 682 -35.63 13.84 -7.70
C HIS B 682 -35.94 13.87 -6.18
N ASN B 683 -34.96 14.20 -5.35
CA ASN B 683 -35.12 14.06 -3.90
C ASN B 683 -35.17 15.32 -3.03
N ALA B 684 -34.60 16.43 -3.48
CA ALA B 684 -34.60 17.63 -2.64
C ALA B 684 -35.98 18.18 -2.41
N THR B 685 -36.16 18.85 -1.28
CA THR B 685 -37.42 19.50 -0.94
C THR B 685 -37.09 20.90 -0.52
N GLU B 686 -38.13 21.61 -0.06
CA GLU B 686 -37.99 23.00 0.40
C GLU B 686 -37.22 23.12 1.69
N TYR B 687 -36.94 22.00 2.32
CA TYR B 687 -36.18 22.01 3.56
C TYR B 687 -34.75 21.51 3.29
N SER B 688 -34.36 21.39 2.02
CA SER B 688 -33.02 20.87 1.67
C SER B 688 -32.00 21.98 1.39
N LEU B 689 -30.75 21.70 1.71
CA LEU B 689 -29.64 22.55 1.35
C LEU B 689 -28.94 21.91 0.15
N VAL B 690 -28.84 22.64 -0.95
CA VAL B 690 -28.28 22.14 -2.21
C VAL B 690 -27.10 22.99 -2.66
N LEU B 691 -25.96 22.34 -2.92
CA LEU B 691 -24.76 23.02 -3.37
C LEU B 691 -24.35 22.44 -4.71
N MET B 692 -24.38 23.26 -5.76
CA MET B 692 -24.06 22.81 -7.12
C MET B 692 -22.87 23.56 -7.62
N ASP B 693 -21.94 22.82 -8.21
CA ASP B 693 -20.65 23.35 -8.65
C ASP B 693 -20.45 23.26 -10.15
N GLU B 694 -20.79 24.32 -10.87
CA GLU B 694 -20.57 24.43 -12.32
C GLU B 694 -21.03 23.22 -13.14
N ILE B 695 -22.31 22.95 -13.07
CA ILE B 695 -22.97 21.95 -13.88
C ILE B 695 -22.98 22.44 -15.32
N GLY B 696 -22.59 21.56 -16.23
CA GLY B 696 -22.61 21.91 -17.63
C GLY B 696 -21.30 21.67 -18.29
N ARG B 697 -20.19 21.81 -17.56
CA ARG B 697 -18.87 21.56 -18.10
C ARG B 697 -18.81 20.13 -18.58
N GLY B 698 -18.10 19.89 -19.66
CA GLY B 698 -17.94 18.55 -20.16
C GLY B 698 -18.89 18.20 -21.30
N THR B 699 -19.73 19.14 -21.75
CA THR B 699 -20.56 18.92 -22.92
C THR B 699 -20.56 20.21 -23.71
N SER B 700 -21.31 20.25 -24.80
CA SER B 700 -21.40 21.43 -25.64
C SER B 700 -21.85 22.67 -24.87
N THR B 701 -21.51 23.85 -25.37
CA THR B 701 -21.88 25.09 -24.70
C THR B 701 -23.39 25.20 -24.55
N TYR B 702 -24.10 25.10 -25.66
CA TYR B 702 -25.57 25.22 -25.61
C TYR B 702 -26.24 24.11 -24.80
N ASP B 703 -25.81 22.86 -24.95
CA ASP B 703 -26.35 21.79 -24.11
C ASP B 703 -26.12 22.07 -22.64
N GLY B 704 -24.87 22.40 -22.29
CA GLY B 704 -24.50 22.64 -20.92
C GLY B 704 -25.23 23.82 -20.34
N LEU B 705 -25.29 24.92 -21.07
CA LEU B 705 -26.05 26.08 -20.62
C LEU B 705 -27.56 25.79 -20.45
N SER B 706 -28.14 25.03 -21.38
CA SER B 706 -29.56 24.68 -21.31
C SER B 706 -29.88 23.86 -20.09
N LEU B 707 -29.01 22.89 -19.81
CA LEU B 707 -29.16 22.08 -18.63
C LEU B 707 -29.03 22.85 -17.34
N ALA B 708 -28.06 23.75 -17.27
CA ALA B 708 -27.82 24.48 -16.04
C ALA B 708 -28.98 25.43 -15.82
N TRP B 709 -29.39 26.14 -16.87
CA TRP B 709 -30.53 27.03 -16.76
C TRP B 709 -31.75 26.27 -16.22
N ALA B 710 -31.98 25.08 -16.77
CA ALA B 710 -33.17 24.30 -16.42
C ALA B 710 -33.09 23.75 -15.02
N CYS B 711 -31.89 23.29 -14.61
CA CYS B 711 -31.73 22.81 -13.27
C CYS B 711 -31.96 23.94 -12.30
N ALA B 712 -31.32 25.09 -12.54
CA ALA B 712 -31.46 26.23 -11.62
C ALA B 712 -32.92 26.69 -11.50
N GLU B 713 -33.61 26.80 -12.62
CA GLU B 713 -35.04 27.17 -12.64
C GLU B 713 -35.92 26.15 -11.85
N ASN B 714 -35.69 24.85 -12.03
CA ASN B 714 -36.42 23.83 -11.29
C ASN B 714 -36.12 23.91 -9.77
N LEU B 715 -34.86 24.14 -9.40
CA LEU B 715 -34.52 24.26 -7.99
C LEU B 715 -35.16 25.48 -7.36
N ALA B 716 -35.22 26.59 -8.10
CA ALA B 716 -35.75 27.84 -7.60
C ALA B 716 -37.29 27.95 -7.55
N ASN B 717 -37.97 27.50 -8.63
CA ASN B 717 -39.42 27.65 -8.78
C ASN B 717 -40.25 26.43 -8.42
N LYS B 718 -39.66 25.24 -8.45
CA LYS B 718 -40.42 24.04 -8.14
C LYS B 718 -40.01 23.41 -6.82
N ILE B 719 -38.74 23.08 -6.69
CA ILE B 719 -38.25 22.47 -5.47
C ILE B 719 -38.22 23.48 -4.32
N LYS B 720 -37.74 24.69 -4.64
CA LYS B 720 -37.64 25.79 -3.69
C LYS B 720 -36.65 25.54 -2.52
N ALA B 721 -35.65 24.72 -2.77
CA ALA B 721 -34.62 24.43 -1.79
C ALA B 721 -33.69 25.59 -1.68
N LEU B 722 -33.02 25.72 -0.55
CA LEU B 722 -32.00 26.73 -0.36
C LEU B 722 -30.79 26.28 -1.16
N THR B 723 -30.36 27.09 -2.12
CA THR B 723 -29.39 26.63 -3.09
C THR B 723 -28.22 27.60 -3.32
N LEU B 724 -27.03 27.03 -3.38
CA LEU B 724 -25.87 27.76 -3.86
C LEU B 724 -25.53 27.12 -5.18
N PHE B 725 -25.62 27.90 -6.24
CA PHE B 725 -25.46 27.44 -7.59
C PHE B 725 -24.28 28.13 -8.23
N ALA B 726 -23.13 27.46 -8.20
CA ALA B 726 -21.91 27.99 -8.79
C ALA B 726 -21.90 27.69 -10.29
N THR B 727 -21.47 28.66 -11.08
CA THR B 727 -21.49 28.48 -12.49
C THR B 727 -20.45 29.33 -13.19
N HIS B 728 -20.01 28.87 -14.34
CA HIS B 728 -19.13 29.65 -15.19
C HIS B 728 -19.91 30.44 -16.26
N TYR B 729 -21.21 30.12 -16.44
CA TYR B 729 -21.99 30.73 -17.49
C TYR B 729 -22.42 32.11 -17.09
N PHE B 730 -21.94 33.14 -17.80
CA PHE B 730 -22.36 34.48 -17.50
C PHE B 730 -23.85 34.65 -17.85
N GLU B 731 -24.32 33.85 -18.80
CA GLU B 731 -25.70 33.90 -19.23
C GLU B 731 -26.65 33.62 -18.07
N LEU B 732 -26.27 32.76 -17.12
CA LEU B 732 -27.12 32.49 -15.96
C LEU B 732 -27.27 33.69 -15.01
N THR B 733 -26.44 34.72 -15.13
CA THR B 733 -26.60 35.87 -14.25
C THR B 733 -27.84 36.72 -14.60
N GLN B 734 -28.54 36.36 -15.65
CA GLN B 734 -29.81 37.01 -16.01
C GLN B 734 -31.00 36.36 -15.29
N LEU B 735 -30.80 35.22 -14.65
CA LEU B 735 -31.87 34.57 -13.89
C LEU B 735 -32.61 35.43 -12.85
N PRO B 736 -31.90 36.21 -12.02
CA PRO B 736 -32.55 37.09 -11.05
C PRO B 736 -33.55 38.12 -11.66
N GLU B 737 -33.43 38.38 -12.96
CA GLU B 737 -34.35 39.28 -13.64
C GLU B 737 -35.51 38.52 -14.27
N LYS B 738 -35.55 37.21 -14.07
CA LYS B 738 -36.64 36.38 -14.61
C LYS B 738 -37.42 35.65 -13.52
N MET B 739 -36.89 35.55 -12.31
CA MET B 739 -37.61 34.88 -11.25
C MET B 739 -37.25 35.40 -9.88
N GLU B 740 -38.26 35.38 -9.00
CA GLU B 740 -38.12 35.85 -7.64
C GLU B 740 -37.35 34.79 -6.82
N GLY B 741 -36.62 35.22 -5.81
CA GLY B 741 -35.93 34.30 -4.93
C GLY B 741 -34.54 33.91 -5.40
N VAL B 742 -34.04 34.58 -6.44
CA VAL B 742 -32.73 34.30 -7.02
C VAL B 742 -31.89 35.58 -7.10
N ALA B 743 -30.65 35.54 -6.66
CA ALA B 743 -29.77 36.69 -6.74
C ALA B 743 -28.35 36.29 -7.13
N ASN B 744 -27.59 37.27 -7.62
CA ASN B 744 -26.24 37.10 -8.05
C ASN B 744 -25.27 37.51 -6.95
N VAL B 745 -24.26 36.67 -6.68
CA VAL B 745 -23.10 37.04 -5.86
C VAL B 745 -21.83 36.55 -6.60
N HIS B 746 -20.67 37.05 -6.24
CA HIS B 746 -19.45 36.65 -6.92
C HIS B 746 -18.19 36.88 -6.14
N LEU B 747 -17.12 36.29 -6.65
CA LEU B 747 -15.81 36.46 -6.14
C LEU B 747 -15.00 37.15 -7.25
N ASP B 748 -13.99 37.92 -6.86
CA ASP B 748 -13.16 38.63 -7.82
C ASP B 748 -11.66 38.40 -7.55
N ALA B 749 -10.82 38.82 -8.48
CA ALA B 749 -9.40 38.63 -8.37
C ALA B 749 -8.73 39.93 -8.54
N LEU B 750 -7.43 39.95 -8.25
CA LEU B 750 -6.64 41.14 -8.39
C LEU B 750 -5.31 40.84 -9.05
N GLU B 751 -5.07 41.51 -10.17
CA GLU B 751 -3.82 41.38 -10.92
C GLU B 751 -2.84 42.39 -10.36
N HIS B 752 -1.66 41.93 -9.93
CA HIS B 752 -0.57 42.81 -9.44
C HIS B 752 0.81 42.17 -9.67
N GLY B 753 1.86 42.98 -9.63
CA GLY B 753 3.22 42.51 -9.89
C GLY B 753 3.30 41.62 -11.12
N ASP B 754 3.77 40.39 -10.95
CA ASP B 754 3.84 39.42 -12.02
C ASP B 754 2.96 38.18 -11.73
N THR B 755 1.87 38.37 -11.00
CA THR B 755 1.01 37.23 -10.65
C THR B 755 -0.46 37.64 -10.48
N ILE B 756 -1.28 36.74 -9.96
CA ILE B 756 -2.69 37.03 -9.78
C ILE B 756 -3.13 36.63 -8.37
N ALA B 757 -3.81 37.55 -7.69
CA ALA B 757 -4.30 37.32 -6.32
C ALA B 757 -5.80 37.07 -6.29
N PHE B 758 -6.20 35.81 -6.23
CA PHE B 758 -7.61 35.50 -6.18
C PHE B 758 -8.17 35.89 -4.83
N MET B 759 -8.96 36.96 -4.83
CA MET B 759 -9.61 37.49 -3.64
C MET B 759 -10.70 36.48 -3.22
N HIS B 760 -10.98 36.38 -1.93
CA HIS B 760 -11.93 35.40 -1.45
C HIS B 760 -13.15 35.97 -0.75
N SER B 761 -13.54 37.17 -1.13
CA SER B 761 -14.65 37.87 -0.51
C SER B 761 -15.90 37.80 -1.41
N VAL B 762 -17.00 37.29 -0.86
CA VAL B 762 -18.23 37.17 -1.63
C VAL B 762 -18.96 38.50 -1.65
N GLN B 763 -19.22 39.03 -2.83
CA GLN B 763 -19.90 40.31 -2.97
C GLN B 763 -21.12 40.16 -3.86
N ASP B 764 -22.07 41.07 -3.68
CA ASP B 764 -23.31 41.07 -4.44
C ASP B 764 -23.06 41.39 -5.90
N GLY B 765 -23.96 40.92 -6.76
CA GLY B 765 -23.86 41.16 -8.18
C GLY B 765 -23.07 40.07 -8.90
N ALA B 766 -23.01 40.20 -10.22
CA ALA B 766 -22.35 39.25 -11.07
C ALA B 766 -20.89 39.63 -11.35
N ALA B 767 -20.07 38.64 -11.64
CA ALA B 767 -18.69 38.85 -12.03
C ALA B 767 -18.71 39.59 -13.36
N SER B 768 -17.76 40.47 -13.56
CA SER B 768 -17.68 41.25 -14.78
C SER B 768 -16.37 40.97 -15.55
N LYS B 769 -15.54 40.08 -15.02
CA LYS B 769 -14.29 39.72 -15.62
C LYS B 769 -14.13 38.20 -15.64
N SER B 770 -13.37 37.70 -16.61
CA SER B 770 -12.93 36.32 -16.65
C SER B 770 -11.36 36.40 -16.57
N TYR B 771 -10.70 35.34 -16.14
CA TYR B 771 -9.25 35.39 -15.91
C TYR B 771 -8.49 34.22 -16.59
N GLY B 772 -9.20 33.44 -17.41
CA GLY B 772 -8.60 32.33 -18.11
C GLY B 772 -7.44 32.74 -19.01
N LEU B 773 -7.56 33.87 -19.69
CA LEU B 773 -6.49 34.30 -20.57
C LEU B 773 -5.35 34.83 -19.76
N ALA B 774 -5.63 35.48 -18.66
CA ALA B 774 -4.56 35.99 -17.80
C ALA B 774 -3.69 34.85 -17.26
N VAL B 775 -4.35 33.76 -16.86
CA VAL B 775 -3.64 32.59 -16.36
C VAL B 775 -2.82 31.95 -17.45
N ALA B 776 -3.41 31.80 -18.64
CA ALA B 776 -2.68 31.23 -19.76
C ALA B 776 -1.40 32.05 -20.05
N ALA B 777 -1.50 33.37 -19.96
CA ALA B 777 -0.34 34.22 -20.15
C ALA B 777 0.72 33.91 -19.09
N LEU B 778 0.31 33.83 -17.83
CA LEU B 778 1.26 33.51 -16.77
C LEU B 778 1.90 32.14 -16.96
N ALA B 779 1.14 31.20 -17.51
CA ALA B 779 1.62 29.84 -17.71
C ALA B 779 2.62 29.74 -18.86
N GLY B 780 2.73 30.80 -19.66
CA GLY B 780 3.68 30.83 -20.76
C GLY B 780 3.11 30.59 -22.14
N VAL B 781 1.77 30.59 -22.28
CA VAL B 781 1.18 30.39 -23.58
C VAL B 781 1.69 31.53 -24.46
N PRO B 782 2.28 31.22 -25.61
CA PRO B 782 2.80 32.25 -26.49
C PRO B 782 1.84 33.42 -26.67
N LYS B 783 2.45 34.60 -26.63
CA LYS B 783 1.74 35.87 -26.74
C LYS B 783 0.78 35.99 -27.94
N GLU B 784 1.17 35.40 -29.06
CA GLU B 784 0.38 35.45 -30.28
C GLU B 784 -0.94 34.72 -30.12
N VAL B 785 -0.89 33.55 -29.51
CA VAL B 785 -2.08 32.73 -29.22
C VAL B 785 -3.02 33.46 -28.29
N ILE B 786 -2.49 34.07 -27.25
CA ILE B 786 -3.31 34.82 -26.31
C ILE B 786 -4.06 35.97 -27.03
N LYS B 787 -3.38 36.64 -27.94
CA LYS B 787 -3.93 37.76 -28.66
C LYS B 787 -5.04 37.28 -29.58
N ARG B 788 -4.83 36.14 -30.22
CA ARG B 788 -5.87 35.59 -31.07
C ARG B 788 -7.07 35.11 -30.20
N ALA B 789 -6.78 34.56 -29.04
CA ALA B 789 -7.86 34.09 -28.17
C ALA B 789 -8.68 35.27 -27.66
N ARG B 790 -8.01 36.40 -27.47
CA ARG B 790 -8.66 37.62 -26.99
C ARG B 790 -9.65 38.15 -28.02
N GLN B 791 -9.25 38.07 -29.28
CA GLN B 791 -10.08 38.52 -30.37
C GLN B 791 -11.29 37.58 -30.50
N LYS B 792 -11.06 36.27 -30.45
CA LYS B 792 -12.12 35.31 -30.48
C LYS B 792 -13.12 35.44 -29.29
N LEU B 793 -12.59 35.75 -28.12
CA LEU B 793 -13.43 35.86 -26.93
C LEU B 793 -14.47 36.97 -27.11
N ARG B 794 -14.00 38.16 -27.50
CA ARG B 794 -14.87 39.30 -27.69
C ARG B 794 -15.92 38.96 -28.75
N GLU B 795 -15.48 38.38 -29.85
CA GLU B 795 -16.40 37.95 -30.90
C GLU B 795 -17.51 37.02 -30.35
N LEU B 796 -17.12 36.04 -29.55
CA LEU B 796 -18.10 35.11 -28.98
C LEU B 796 -19.05 35.78 -27.98
N GLU B 797 -18.49 36.59 -27.08
CA GLU B 797 -19.27 37.24 -26.03
C GLU B 797 -20.21 38.35 -26.51
N SER B 798 -19.95 38.90 -27.69
CA SER B 798 -20.73 40.03 -28.24
C SER B 798 -22.05 39.62 -28.87
N ILE B 799 -22.05 38.50 -29.58
CA ILE B 799 -23.28 38.01 -30.21
C ILE B 799 -24.25 37.64 -29.10
N SER B 800 -23.71 37.42 -27.91
CA SER B 800 -24.48 37.04 -26.76
C SER B 800 -25.25 38.23 -26.21
#